data_6A3I
#
_entry.id   6A3I
#
_cell.length_a   76.725
_cell.length_b   92.354
_cell.length_c   100.563
_cell.angle_alpha   90.00
_cell.angle_beta   104.48
_cell.angle_gamma   90.00
#
_symmetry.space_group_name_H-M   'P 1 21 1'
#
loop_
_entity.id
_entity.type
_entity.pdbx_description
1 polymer 'Putative dehydrogenase'
2 non-polymer Levoglucosan
3 non-polymer '1,4-DIHYDRONICOTINAMIDE ADENINE DINUCLEOTIDE'
4 water water
#
_entity_poly.entity_id   1
_entity_poly.type   'polypeptide(L)'
_entity_poly.pdbx_seq_one_letter_code
;MGSSHHHHHHSSGLVPRGSHMQNLNVGLIGGGFMGKAHSLAYAAMPMFFWPAPALPVRKVIAEANPELAAEAARRFGFEN
STSDWRSIIDDPDIHVVDIATPNHLHAEIAIAAAEAGKHIICEKPLARTGEESKAMYDAVKDKNIVHMVAFNYRRTPAVA
LAKKYIEEGAIGRILSFRGTYLQDWSADPNSPLSWRFQKSIAGSGALGDIATHVIDMARYLVGEFSAVNAVLSTWIPERP
LQSGGADALGTVRGGEGPKGPVDVDDEVMTMIRFANGAVGSVEATRNAHGRNNYITFEIHGTEGSIVFNYERRDELQVAF
ASDQADRRGFRTVYTGPAHPYGEGLWPIPALGIGYGETKIIEAHDFFKAIAEGGSVSPSFADGYQVALIDDAIVESAAKE
SWVDVPQISA
;
_entity_poly.pdbx_strand_id   A,B,C,D
#
# COMPACT_ATOMS: atom_id res chain seq x y z
N GLN A 22 17.48 7.03 -41.12
CA GLN A 22 17.89 5.56 -41.31
C GLN A 22 16.67 4.68 -40.99
N ASN A 23 16.04 4.16 -42.04
CA ASN A 23 14.94 3.22 -41.97
C ASN A 23 15.48 1.79 -41.96
N LEU A 24 15.12 0.98 -40.95
CA LEU A 24 15.50 -0.41 -40.89
C LEU A 24 14.26 -1.29 -41.04
N ASN A 25 14.33 -2.20 -42.01
CA ASN A 25 13.33 -3.22 -42.24
C ASN A 25 13.50 -4.33 -41.21
N VAL A 26 12.40 -4.63 -40.52
CA VAL A 26 12.32 -5.69 -39.52
C VAL A 26 11.58 -6.88 -40.12
N GLY A 27 12.12 -8.06 -39.89
CA GLY A 27 11.40 -9.30 -40.12
C GLY A 27 11.04 -9.95 -38.81
N LEU A 28 9.75 -9.89 -38.46
CA LEU A 28 9.22 -10.48 -37.21
C LEU A 28 8.84 -11.93 -37.46
N ILE A 29 9.49 -12.86 -36.72
CA ILE A 29 9.16 -14.30 -36.74
C ILE A 29 8.40 -14.64 -35.45
N GLY A 30 7.09 -14.92 -35.61
CA GLY A 30 6.14 -15.15 -34.51
C GLY A 30 5.22 -13.95 -34.28
N GLY A 31 3.91 -14.21 -34.26
CA GLY A 31 2.88 -13.18 -34.18
C GLY A 31 1.86 -13.44 -33.10
N GLY A 32 2.22 -14.26 -32.10
CA GLY A 32 1.44 -14.48 -30.85
C GLY A 32 1.60 -13.32 -29.88
N PHE A 33 1.47 -13.58 -28.58
CA PHE A 33 1.63 -12.55 -27.54
C PHE A 33 3.11 -12.24 -27.35
N MET A 34 3.58 -11.17 -27.99
CA MET A 34 5.00 -10.86 -28.15
C MET A 34 5.16 -10.29 -29.55
N GLY A 35 4.68 -11.06 -30.54
CA GLY A 35 4.39 -10.49 -31.83
C GLY A 35 3.71 -9.13 -31.69
N LYS A 36 2.67 -9.07 -30.86
CA LYS A 36 1.88 -7.84 -30.71
C LYS A 36 2.67 -6.80 -29.89
N ALA A 37 3.44 -7.26 -28.91
CA ALA A 37 4.26 -6.39 -28.05
C ALA A 37 5.43 -5.76 -28.83
N HIS A 38 6.09 -6.59 -29.64
CA HIS A 38 7.18 -6.15 -30.50
C HIS A 38 6.66 -5.17 -31.57
N SER A 39 5.59 -5.55 -32.31
CA SER A 39 4.96 -4.67 -33.34
C SER A 39 4.57 -3.31 -32.74
N LEU A 40 3.93 -3.36 -31.57
CA LEU A 40 3.58 -2.13 -30.87
C LEU A 40 4.80 -1.21 -30.78
N ALA A 41 5.95 -1.77 -30.35
CA ALA A 41 7.15 -0.99 -30.04
C ALA A 41 7.71 -0.40 -31.33
N TYR A 42 7.70 -1.21 -32.41
CA TYR A 42 8.21 -0.79 -33.71
C TYR A 42 7.33 0.35 -34.25
N ALA A 43 6.01 0.27 -34.00
CA ALA A 43 5.07 1.32 -34.40
C ALA A 43 5.37 2.60 -33.60
N ALA A 44 5.49 2.46 -32.28
CA ALA A 44 5.37 3.59 -31.40
C ALA A 44 6.73 4.26 -31.13
N MET A 45 7.84 3.54 -31.27
CA MET A 45 9.10 3.97 -30.63
C MET A 45 9.49 5.36 -31.11
N PRO A 46 9.44 5.71 -32.41
CA PRO A 46 9.78 7.07 -32.84
C PRO A 46 8.90 8.20 -32.29
N MET A 47 7.62 7.94 -32.06
CA MET A 47 6.73 8.92 -31.41
C MET A 47 7.27 9.29 -30.02
N PHE A 48 7.86 8.31 -29.33
CA PHE A 48 8.35 8.46 -27.95
C PHE A 48 9.74 9.10 -27.95
N PHE A 49 10.70 8.42 -28.57
CA PHE A 49 12.10 8.88 -28.62
C PHE A 49 12.36 9.60 -29.95
N TRP A 50 12.22 10.93 -29.93
CA TRP A 50 12.38 11.78 -31.10
C TRP A 50 13.38 12.89 -30.80
N PRO A 51 14.37 13.10 -31.67
CA PRO A 51 14.51 12.41 -32.95
C PRO A 51 15.05 10.99 -32.76
N ALA A 52 14.46 10.03 -33.48
CA ALA A 52 14.75 8.61 -33.31
C ALA A 52 16.09 8.25 -33.95
N PRO A 53 16.85 7.28 -33.39
CA PRO A 53 18.18 6.96 -33.93
C PRO A 53 18.01 6.30 -35.30
N ALA A 54 16.89 5.59 -35.50
CA ALA A 54 16.52 4.91 -36.74
C ALA A 54 15.00 4.65 -36.75
N LEU A 55 14.38 4.60 -37.94
CA LEU A 55 12.93 4.30 -38.06
C LEU A 55 12.75 2.80 -38.25
N PRO A 56 12.00 2.11 -37.39
CA PRO A 56 11.58 0.73 -37.67
C PRO A 56 10.63 0.67 -38.86
N VAL A 57 10.74 -0.38 -39.66
CA VAL A 57 9.79 -0.65 -40.72
C VAL A 57 9.34 -2.11 -40.56
N ARG A 58 8.04 -2.27 -40.30
CA ARG A 58 7.39 -3.55 -40.23
C ARG A 58 7.29 -4.10 -41.66
N LYS A 59 8.38 -4.72 -42.12
CA LYS A 59 8.56 -5.07 -43.54
C LYS A 59 7.91 -6.42 -43.86
N VAL A 60 8.20 -7.45 -43.05
CA VAL A 60 7.61 -8.76 -43.25
C VAL A 60 7.48 -9.47 -41.90
N ILE A 61 6.30 -10.07 -41.66
CA ILE A 61 6.07 -10.97 -40.52
C ILE A 61 5.93 -12.41 -41.05
N ALA A 62 6.50 -13.36 -40.29
CA ALA A 62 6.42 -14.79 -40.56
C ALA A 62 5.56 -15.46 -39.48
N GLU A 63 4.76 -16.46 -39.88
CA GLU A 63 3.96 -17.27 -38.93
C GLU A 63 3.92 -18.71 -39.44
N ALA A 64 3.31 -19.60 -38.63
CA ALA A 64 3.27 -21.07 -38.88
C ALA A 64 2.60 -21.43 -40.22
N ASN A 65 1.62 -20.65 -40.69
CA ASN A 65 0.93 -20.92 -41.97
C ASN A 65 0.47 -19.61 -42.62
N PRO A 66 0.30 -19.58 -43.97
CA PRO A 66 0.14 -18.31 -44.71
C PRO A 66 -1.09 -17.47 -44.35
N GLU A 67 -2.15 -18.12 -43.84
CA GLU A 67 -3.37 -17.41 -43.48
C GLU A 67 -3.09 -16.62 -42.19
N LEU A 68 -2.52 -17.30 -41.19
CA LEU A 68 -2.09 -16.66 -39.96
C LEU A 68 -1.11 -15.51 -40.28
N ALA A 69 -0.10 -15.79 -41.11
CA ALA A 69 0.92 -14.81 -41.46
C ALA A 69 0.28 -13.53 -42.02
N ALA A 70 -0.65 -13.71 -42.96
CA ALA A 70 -1.28 -12.59 -43.67
C ALA A 70 -2.20 -11.83 -42.73
N GLU A 71 -2.82 -12.58 -41.80
CA GLU A 71 -3.74 -12.03 -40.82
C GLU A 71 -2.96 -11.23 -39.77
N ALA A 72 -1.87 -11.83 -39.26
CA ALA A 72 -0.89 -11.16 -38.37
C ALA A 72 -0.38 -9.85 -38.99
N ALA A 73 -0.10 -9.87 -40.30
CA ALA A 73 0.42 -8.70 -41.01
C ALA A 73 -0.64 -7.58 -41.06
N ARG A 74 -1.92 -7.94 -41.25
CA ARG A 74 -3.00 -6.94 -41.30
C ARG A 74 -3.17 -6.32 -39.91
N ARG A 75 -3.10 -7.20 -38.91
CA ARG A 75 -3.26 -6.83 -37.51
C ARG A 75 -2.11 -5.93 -37.03
N PHE A 76 -0.86 -6.30 -37.38
CA PHE A 76 0.34 -5.63 -36.86
C PHE A 76 0.90 -4.61 -37.85
N GLY A 77 0.47 -4.66 -39.12
CA GLY A 77 0.82 -3.61 -40.10
C GLY A 77 2.20 -3.83 -40.69
N PHE A 78 2.48 -5.10 -41.01
CA PHE A 78 3.64 -5.46 -41.77
C PHE A 78 3.24 -5.39 -43.25
N GLU A 79 4.16 -4.99 -44.12
CA GLU A 79 3.85 -4.86 -45.54
C GLU A 79 3.59 -6.26 -46.12
N ASN A 80 4.52 -7.18 -45.88
CA ASN A 80 4.47 -8.53 -46.43
C ASN A 80 4.28 -9.56 -45.31
N SER A 81 4.05 -10.82 -45.72
CA SER A 81 3.86 -11.97 -44.82
C SER A 81 4.45 -13.23 -45.47
N THR A 82 4.78 -14.24 -44.66
CA THR A 82 5.39 -15.46 -45.16
C THR A 82 5.17 -16.61 -44.20
N SER A 83 5.05 -17.80 -44.80
CA SER A 83 4.87 -19.06 -44.11
C SER A 83 6.23 -19.66 -43.75
N ASP A 84 7.29 -19.14 -44.38
CA ASP A 84 8.68 -19.61 -44.11
C ASP A 84 9.53 -18.42 -43.63
N TRP A 85 10.05 -18.54 -42.40
CA TRP A 85 10.99 -17.55 -41.88
C TRP A 85 12.28 -17.53 -42.71
N ARG A 86 12.66 -18.69 -43.26
CA ARG A 86 13.88 -18.87 -44.07
C ARG A 86 13.86 -17.86 -45.23
N SER A 87 12.64 -17.53 -45.67
CA SER A 87 12.36 -16.46 -46.62
C SER A 87 12.92 -15.12 -46.13
N ILE A 88 12.86 -14.85 -44.83
CA ILE A 88 13.29 -13.55 -44.26
C ILE A 88 14.82 -13.53 -44.15
N ILE A 89 15.42 -14.62 -43.66
CA ILE A 89 16.88 -14.69 -43.49
C ILE A 89 17.55 -14.50 -44.86
N ASP A 90 16.95 -15.07 -45.90
CA ASP A 90 17.54 -15.15 -47.24
C ASP A 90 17.24 -13.87 -48.03
N ASP A 91 16.39 -12.99 -47.51
CA ASP A 91 16.06 -11.74 -48.17
C ASP A 91 17.06 -10.67 -47.77
N PRO A 92 17.94 -10.24 -48.70
CA PRO A 92 19.07 -9.38 -48.35
C PRO A 92 18.70 -7.98 -47.80
N ASP A 93 17.48 -7.51 -48.05
CA ASP A 93 17.05 -6.16 -47.65
C ASP A 93 16.37 -6.15 -46.26
N ILE A 94 16.50 -7.24 -45.50
CA ILE A 94 16.05 -7.29 -44.12
C ILE A 94 17.26 -7.01 -43.22
N HIS A 95 17.21 -5.92 -42.45
CA HIS A 95 18.31 -5.54 -41.56
C HIS A 95 18.17 -6.17 -40.18
N VAL A 96 16.94 -6.40 -39.72
CA VAL A 96 16.70 -6.88 -38.33
C VAL A 96 15.79 -8.11 -38.32
N VAL A 97 16.27 -9.20 -37.75
CA VAL A 97 15.44 -10.36 -37.45
C VAL A 97 15.04 -10.33 -35.97
N ASP A 98 13.75 -10.21 -35.70
CA ASP A 98 13.19 -10.33 -34.35
C ASP A 98 12.57 -11.72 -34.18
N ILE A 99 13.01 -12.48 -33.18
CA ILE A 99 12.59 -13.86 -32.95
C ILE A 99 11.58 -13.88 -31.79
N ALA A 100 10.28 -13.98 -32.12
CA ALA A 100 9.21 -14.11 -31.11
C ALA A 100 8.51 -15.49 -31.20
N THR A 101 9.29 -16.54 -31.48
CA THR A 101 8.80 -17.92 -31.57
C THR A 101 9.02 -18.63 -30.24
N PRO A 102 8.34 -19.77 -29.97
CA PRO A 102 8.65 -20.58 -28.78
C PRO A 102 10.13 -20.96 -28.79
N ASN A 103 10.63 -21.42 -27.63
CA ASN A 103 12.06 -21.49 -27.28
C ASN A 103 12.85 -22.51 -28.13
N HIS A 104 12.17 -23.28 -28.98
CA HIS A 104 12.81 -24.41 -29.67
C HIS A 104 13.40 -23.96 -31.01
N LEU A 105 13.00 -22.77 -31.47
CA LEU A 105 13.35 -22.23 -32.78
C LEU A 105 14.34 -21.04 -32.67
N HIS A 106 14.52 -20.49 -31.47
CA HIS A 106 15.43 -19.34 -31.22
C HIS A 106 16.79 -19.57 -31.88
N ALA A 107 17.43 -20.70 -31.58
CA ALA A 107 18.83 -21.01 -32.01
C ALA A 107 18.96 -21.13 -33.55
N GLU A 108 18.10 -21.95 -34.16
CA GLU A 108 18.24 -22.28 -35.57
C GLU A 108 18.14 -21.00 -36.40
N ILE A 109 17.12 -20.18 -36.07
CA ILE A 109 16.77 -18.93 -36.75
C ILE A 109 17.87 -17.87 -36.49
N ALA A 110 18.40 -17.84 -35.27
CA ALA A 110 19.37 -16.81 -34.85
C ALA A 110 20.73 -17.10 -35.49
N ILE A 111 21.05 -18.39 -35.63
CA ILE A 111 22.30 -18.81 -36.25
C ILE A 111 22.23 -18.54 -37.77
N ALA A 112 21.09 -18.82 -38.40
CA ALA A 112 20.90 -18.49 -39.85
C ALA A 112 20.99 -16.96 -40.07
N ALA A 113 20.35 -16.19 -39.18
CA ALA A 113 20.36 -14.73 -39.20
C ALA A 113 21.78 -14.19 -39.04
N ALA A 114 22.53 -14.72 -38.06
CA ALA A 114 23.89 -14.29 -37.86
C ALA A 114 24.70 -14.57 -39.13
N GLU A 115 24.65 -15.80 -39.62
CA GLU A 115 25.40 -16.21 -40.83
C GLU A 115 25.01 -15.29 -41.99
N ALA A 116 23.76 -14.83 -42.02
CA ALA A 116 23.32 -13.86 -43.05
C ALA A 116 23.67 -12.41 -42.66
N GLY A 117 24.40 -12.22 -41.56
CA GLY A 117 24.84 -10.89 -41.09
C GLY A 117 23.68 -9.93 -40.82
N LYS A 118 22.63 -10.42 -40.15
CA LYS A 118 21.51 -9.58 -39.77
C LYS A 118 21.62 -9.29 -38.27
N HIS A 119 21.17 -8.09 -37.90
CA HIS A 119 21.05 -7.70 -36.52
C HIS A 119 19.87 -8.49 -35.94
N ILE A 120 20.02 -8.93 -34.70
CA ILE A 120 19.09 -9.88 -34.13
C ILE A 120 18.67 -9.42 -32.75
N ILE A 121 17.34 -9.38 -32.53
CA ILE A 121 16.77 -9.47 -31.18
C ILE A 121 15.99 -10.79 -31.04
N CYS A 122 16.37 -11.58 -30.04
CA CYS A 122 15.76 -12.85 -29.71
C CYS A 122 15.06 -12.76 -28.34
N GLU A 123 13.84 -13.28 -28.25
CA GLU A 123 13.08 -13.36 -27.01
C GLU A 123 13.78 -14.34 -26.06
N LYS A 124 13.49 -14.19 -24.76
CA LYS A 124 14.04 -15.10 -23.74
C LYS A 124 13.16 -16.34 -23.62
N PRO A 125 13.66 -17.38 -22.96
CA PRO A 125 15.07 -17.58 -22.63
C PRO A 125 15.85 -17.71 -23.95
N LEU A 126 17.15 -17.40 -23.95
CA LEU A 126 17.90 -17.35 -25.22
C LEU A 126 17.63 -18.65 -25.98
N ALA A 127 17.84 -19.78 -25.31
CA ALA A 127 17.47 -21.10 -25.85
C ALA A 127 17.03 -22.04 -24.71
N ARG A 128 17.05 -23.36 -24.95
CA ARG A 128 16.45 -24.34 -24.05
C ARG A 128 17.46 -24.77 -22.99
N THR A 129 18.72 -24.86 -23.42
CA THR A 129 19.84 -25.26 -22.61
C THR A 129 20.97 -24.24 -22.77
N GLY A 130 22.02 -24.42 -21.96
CA GLY A 130 23.26 -23.71 -22.03
C GLY A 130 23.98 -24.00 -23.33
N GLU A 131 24.09 -25.30 -23.65
CA GLU A 131 24.84 -25.78 -24.85
C GLU A 131 24.24 -25.18 -26.14
N GLU A 132 22.92 -24.99 -26.17
CA GLU A 132 22.21 -24.50 -27.34
C GLU A 132 22.30 -22.96 -27.41
N SER A 133 22.31 -22.33 -26.23
CA SER A 133 22.54 -20.90 -26.09
C SER A 133 23.97 -20.56 -26.52
N LYS A 134 24.93 -21.45 -26.22
CA LYS A 134 26.39 -21.34 -26.56
C LYS A 134 26.61 -21.16 -28.08
N ALA A 135 26.06 -22.06 -28.90
CA ALA A 135 26.10 -21.98 -30.37
C ALA A 135 25.55 -20.64 -30.88
N MET A 136 24.44 -20.19 -30.29
CA MET A 136 23.84 -18.93 -30.70
C MET A 136 24.83 -17.78 -30.41
N TYR A 137 25.49 -17.86 -29.25
CA TYR A 137 26.52 -16.90 -28.89
C TYR A 137 27.72 -17.00 -29.86
N ASP A 138 28.16 -18.24 -30.13
CA ASP A 138 29.33 -18.50 -30.96
C ASP A 138 29.12 -17.89 -32.34
N ALA A 139 27.92 -18.10 -32.90
CA ALA A 139 27.60 -17.73 -34.26
C ALA A 139 27.57 -16.21 -34.43
N VAL A 140 27.49 -15.46 -33.33
CA VAL A 140 27.20 -14.03 -33.33
C VAL A 140 28.43 -13.21 -32.86
N LYS A 141 29.30 -13.79 -32.02
CA LYS A 141 30.18 -13.01 -31.12
C LYS A 141 31.35 -12.36 -31.88
N ASP A 142 31.67 -12.84 -33.09
CA ASP A 142 32.77 -12.29 -33.92
C ASP A 142 32.23 -11.59 -35.17
N LYS A 143 30.91 -11.66 -35.39
CA LYS A 143 30.26 -10.92 -36.47
C LYS A 143 30.22 -9.46 -36.06
N ASN A 144 29.83 -8.59 -37.00
CA ASN A 144 29.77 -7.15 -36.79
C ASN A 144 28.32 -6.70 -36.70
N ILE A 145 27.52 -7.42 -35.90
CA ILE A 145 26.08 -7.19 -35.78
C ILE A 145 25.73 -6.84 -34.33
N VAL A 146 24.54 -6.24 -34.15
CA VAL A 146 23.97 -5.98 -32.84
C VAL A 146 23.06 -7.18 -32.50
N HIS A 147 23.29 -7.80 -31.34
CA HIS A 147 22.48 -8.93 -30.92
C HIS A 147 21.92 -8.62 -29.54
N MET A 148 20.62 -8.90 -29.35
CA MET A 148 19.92 -8.62 -28.09
C MET A 148 18.98 -9.78 -27.68
N VAL A 149 18.86 -9.98 -26.36
CA VAL A 149 17.82 -10.86 -25.76
C VAL A 149 16.86 -10.00 -24.94
N ALA A 150 15.56 -10.28 -25.08
CA ALA A 150 14.50 -9.34 -24.67
C ALA A 150 14.07 -9.56 -23.21
N PHE A 151 15.00 -9.26 -22.29
CA PHE A 151 14.74 -9.10 -20.88
C PHE A 151 14.30 -7.65 -20.65
N ASN A 152 13.06 -7.37 -21.08
CA ASN A 152 12.51 -6.02 -21.23
C ASN A 152 12.26 -5.35 -19.87
N TYR A 153 12.04 -6.15 -18.82
CA TYR A 153 11.68 -5.64 -17.49
C TYR A 153 12.82 -4.81 -16.87
N ARG A 154 14.09 -5.10 -17.21
CA ARG A 154 15.19 -4.26 -16.67
C ARG A 154 15.06 -2.83 -17.22
N ARG A 155 14.29 -2.67 -18.30
CA ARG A 155 14.11 -1.36 -18.90
C ARG A 155 12.79 -0.74 -18.44
N THR A 156 12.11 -1.35 -17.47
CA THR A 156 11.14 -0.61 -16.68
C THR A 156 11.86 0.58 -16.06
N PRO A 157 11.36 1.82 -16.21
CA PRO A 157 12.08 3.02 -15.76
C PRO A 157 12.52 2.90 -14.30
N ALA A 158 11.62 2.40 -13.44
CA ALA A 158 11.87 2.22 -12.03
C ALA A 158 13.09 1.33 -11.78
N VAL A 159 13.34 0.35 -12.67
CA VAL A 159 14.49 -0.57 -12.55
C VAL A 159 15.77 0.15 -13.00
N ALA A 160 15.67 0.95 -14.06
CA ALA A 160 16.81 1.79 -14.46
C ALA A 160 17.16 2.78 -13.33
N LEU A 161 16.14 3.32 -12.67
CA LEU A 161 16.28 4.27 -11.59
C LEU A 161 17.00 3.65 -10.40
N ALA A 162 16.74 2.39 -10.14
CA ALA A 162 17.36 1.71 -9.03
C ALA A 162 18.83 1.48 -9.38
N LYS A 163 19.10 1.13 -10.65
CA LYS A 163 20.42 1.00 -11.20
C LYS A 163 21.21 2.30 -11.03
N LYS A 164 20.59 3.44 -11.37
CA LYS A 164 21.21 4.75 -11.22
C LYS A 164 21.60 4.98 -9.75
N TYR A 165 20.69 4.67 -8.83
CA TYR A 165 20.88 4.89 -7.40
C TYR A 165 22.09 4.05 -6.93
N ILE A 166 22.10 2.76 -7.28
CA ILE A 166 23.18 1.86 -6.92
C ILE A 166 24.53 2.39 -7.47
N GLU A 167 24.56 2.76 -8.75
CA GLU A 167 25.83 3.07 -9.44
C GLU A 167 26.42 4.39 -8.94
N GLU A 168 25.57 5.29 -8.43
CA GLU A 168 26.02 6.59 -7.97
C GLU A 168 26.37 6.48 -6.48
N GLY A 169 26.24 5.26 -5.92
CA GLY A 169 26.69 4.94 -4.54
C GLY A 169 25.67 5.31 -3.48
N ALA A 170 24.44 5.62 -3.89
CA ALA A 170 23.43 6.19 -3.00
C ALA A 170 22.91 5.15 -1.99
N ILE A 171 23.23 3.86 -2.17
CA ILE A 171 22.86 2.88 -1.13
C ILE A 171 24.08 2.09 -0.62
N GLY A 172 25.31 2.55 -0.92
CA GLY A 172 26.51 1.88 -0.40
C GLY A 172 26.76 0.56 -1.13
N ARG A 173 27.54 -0.34 -0.51
CA ARG A 173 27.83 -1.67 -1.07
C ARG A 173 26.56 -2.53 -0.89
N ILE A 174 26.23 -3.32 -1.90
CA ILE A 174 25.05 -4.19 -1.81
C ILE A 174 25.45 -5.40 -1.00
N LEU A 175 24.68 -5.64 0.07
CA LEU A 175 24.79 -6.83 0.95
C LEU A 175 23.99 -8.01 0.38
N SER A 176 22.73 -7.75 0.01
CA SER A 176 21.69 -8.76 -0.09
C SER A 176 20.71 -8.47 -1.23
N PHE A 177 20.23 -9.52 -1.88
CA PHE A 177 19.22 -9.38 -2.96
C PHE A 177 18.17 -10.48 -2.86
N ARG A 178 16.91 -10.07 -2.70
CA ARG A 178 15.75 -10.96 -2.79
C ARG A 178 14.98 -10.60 -4.05
N GLY A 179 14.71 -11.61 -4.91
CA GLY A 179 13.97 -11.43 -6.13
C GLY A 179 12.89 -12.47 -6.26
N THR A 180 11.77 -12.11 -6.88
CA THR A 180 10.65 -13.02 -7.11
C THR A 180 9.96 -12.71 -8.44
N TYR A 181 9.32 -13.75 -8.99
CA TYR A 181 8.39 -13.68 -10.10
C TYR A 181 7.30 -14.72 -9.83
N LEU A 182 6.16 -14.26 -9.28
CA LEU A 182 5.01 -15.06 -8.85
C LEU A 182 3.82 -14.74 -9.78
N GLN A 183 3.27 -15.80 -10.39
CA GLN A 183 2.08 -15.80 -11.23
C GLN A 183 1.12 -16.91 -10.74
N ASP A 184 -0.10 -16.90 -11.27
CA ASP A 184 -1.03 -17.94 -10.96
C ASP A 184 -1.86 -18.32 -12.20
N TRP A 185 -1.41 -17.98 -13.41
CA TRP A 185 -2.28 -18.12 -14.60
C TRP A 185 -2.61 -19.61 -14.86
N SER A 186 -1.78 -20.53 -14.34
CA SER A 186 -1.97 -22.00 -14.48
C SER A 186 -2.08 -22.72 -13.11
N ALA A 187 -2.42 -21.99 -12.04
CA ALA A 187 -2.64 -22.59 -10.68
C ALA A 187 -3.74 -23.67 -10.69
N ASP A 188 -4.72 -23.51 -11.57
CA ASP A 188 -5.79 -24.45 -11.79
C ASP A 188 -5.27 -25.59 -12.65
N PRO A 189 -5.24 -26.85 -12.15
CA PRO A 189 -4.75 -27.99 -12.92
C PRO A 189 -5.58 -28.47 -14.14
N ASN A 190 -6.67 -27.77 -14.48
CA ASN A 190 -7.43 -28.02 -15.72
C ASN A 190 -6.85 -27.18 -16.86
N SER A 191 -5.96 -26.24 -16.52
CA SER A 191 -5.15 -25.53 -17.51
C SER A 191 -4.39 -26.53 -18.37
N PRO A 192 -4.46 -26.39 -19.71
CA PRO A 192 -3.84 -27.37 -20.61
C PRO A 192 -2.30 -27.35 -20.72
N LEU A 193 -1.77 -28.37 -21.37
CA LEU A 193 -0.36 -28.65 -21.45
C LEU A 193 0.19 -27.98 -22.71
N SER A 194 0.08 -26.64 -22.77
CA SER A 194 0.74 -25.80 -23.82
C SER A 194 2.26 -26.00 -23.80
N TRP A 195 2.93 -25.39 -24.78
CA TRP A 195 4.37 -25.54 -25.00
C TRP A 195 5.18 -25.13 -23.74
N ARG A 196 4.70 -24.14 -22.99
CA ARG A 196 5.39 -23.69 -21.75
C ARG A 196 5.53 -24.84 -20.75
N PHE A 197 4.68 -25.86 -20.83
CA PHE A 197 4.79 -26.98 -19.91
C PHE A 197 5.60 -28.14 -20.49
N GLN A 198 6.04 -28.04 -21.75
CA GLN A 198 6.63 -29.15 -22.49
C GLN A 198 8.14 -28.93 -22.62
N LYS A 199 8.90 -29.70 -21.82
CA LYS A 199 10.34 -29.55 -21.64
C LYS A 199 11.08 -29.42 -22.98
N SER A 200 10.72 -30.27 -23.94
CA SER A 200 11.46 -30.39 -25.20
C SER A 200 11.33 -29.11 -26.05
N ILE A 201 10.25 -28.34 -25.87
CA ILE A 201 10.05 -27.04 -26.53
C ILE A 201 10.59 -25.87 -25.69
N ALA A 202 10.28 -25.86 -24.38
CA ALA A 202 10.51 -24.73 -23.45
C ALA A 202 11.90 -24.81 -22.82
N GLY A 203 12.35 -26.04 -22.50
CA GLY A 203 13.65 -26.26 -21.88
C GLY A 203 13.51 -26.40 -20.36
N SER A 204 12.69 -25.51 -19.79
CA SER A 204 12.30 -25.54 -18.37
C SER A 204 10.94 -24.84 -18.26
N GLY A 205 10.42 -24.67 -17.03
CA GLY A 205 9.08 -24.16 -16.75
C GLY A 205 9.15 -22.74 -16.18
N ALA A 206 8.93 -22.60 -14.87
CA ALA A 206 9.00 -21.30 -14.22
C ALA A 206 10.41 -20.72 -14.37
N LEU A 207 11.42 -21.58 -14.23
CA LEU A 207 12.84 -21.19 -14.30
C LEU A 207 13.16 -20.42 -15.59
N GLY A 208 12.96 -21.03 -16.77
CA GLY A 208 13.23 -20.36 -18.04
C GLY A 208 12.19 -19.29 -18.40
N ASP A 209 10.90 -19.58 -18.18
CA ASP A 209 9.87 -18.69 -18.63
C ASP A 209 9.93 -17.35 -17.86
N ILE A 210 10.08 -17.38 -16.53
CA ILE A 210 9.88 -16.14 -15.72
C ILE A 210 11.08 -15.84 -14.78
N ALA A 211 11.69 -16.86 -14.17
CA ALA A 211 12.84 -16.66 -13.28
C ALA A 211 14.02 -15.96 -14.01
N THR A 212 14.09 -16.11 -15.33
CA THR A 212 15.19 -15.63 -16.08
C THR A 212 15.17 -14.10 -16.10
N HIS A 213 13.98 -13.49 -16.10
CA HIS A 213 13.84 -12.04 -16.03
C HIS A 213 14.42 -11.52 -14.70
N VAL A 214 14.21 -12.27 -13.62
CA VAL A 214 14.70 -11.91 -12.27
C VAL A 214 16.23 -12.10 -12.18
N ILE A 215 16.71 -13.22 -12.69
CA ILE A 215 18.16 -13.49 -12.79
C ILE A 215 18.86 -12.37 -13.55
N ASP A 216 18.24 -11.89 -14.64
CA ASP A 216 18.84 -10.81 -15.39
C ASP A 216 18.91 -9.56 -14.51
N MET A 217 17.85 -9.27 -13.76
CA MET A 217 17.81 -8.11 -12.86
C MET A 217 18.89 -8.21 -11.77
N ALA A 218 19.07 -9.41 -11.21
CA ALA A 218 20.12 -9.66 -10.22
C ALA A 218 21.49 -9.31 -10.80
N ARG A 219 21.75 -9.75 -12.04
CA ARG A 219 23.02 -9.56 -12.76
C ARG A 219 23.27 -8.08 -13.07
N TYR A 220 22.25 -7.38 -13.55
CA TYR A 220 22.27 -5.96 -13.87
C TYR A 220 22.44 -5.11 -12.59
N LEU A 221 21.72 -5.45 -11.51
CA LEU A 221 21.64 -4.58 -10.33
C LEU A 221 22.73 -4.93 -9.30
N VAL A 222 23.06 -6.22 -9.16
CA VAL A 222 24.00 -6.68 -8.12
C VAL A 222 25.37 -7.03 -8.75
N GLY A 223 25.37 -7.96 -9.69
CA GLY A 223 26.59 -8.46 -10.38
C GLY A 223 26.51 -9.95 -10.68
N GLU A 224 27.64 -10.54 -11.05
CA GLU A 224 27.68 -11.91 -11.53
C GLU A 224 27.39 -12.88 -10.36
N PHE A 225 26.81 -14.02 -10.73
CA PHE A 225 26.58 -15.16 -9.86
C PHE A 225 27.86 -15.99 -9.76
N SER A 226 28.27 -16.33 -8.54
CA SER A 226 29.33 -17.34 -8.30
C SER A 226 28.75 -18.76 -8.28
N ALA A 227 27.69 -18.96 -7.48
CA ALA A 227 27.15 -20.28 -7.19
C ALA A 227 25.66 -20.19 -6.87
N VAL A 228 24.94 -21.30 -7.10
CA VAL A 228 23.55 -21.39 -6.80
C VAL A 228 23.29 -22.68 -6.02
N ASN A 229 22.23 -22.67 -5.22
CA ASN A 229 21.78 -23.80 -4.43
C ASN A 229 20.24 -23.70 -4.34
N ALA A 230 19.55 -24.71 -4.85
CA ALA A 230 18.20 -24.55 -5.38
C ALA A 230 17.33 -25.79 -5.18
N VAL A 231 16.04 -25.56 -5.39
CA VAL A 231 15.00 -26.55 -5.27
C VAL A 231 13.96 -26.26 -6.35
N LEU A 232 13.61 -27.28 -7.13
CA LEU A 232 12.59 -27.16 -8.13
C LEU A 232 11.43 -28.05 -7.70
N SER A 233 10.20 -27.55 -7.92
CA SER A 233 8.98 -28.22 -7.56
C SER A 233 8.01 -28.19 -8.75
N THR A 234 7.45 -29.36 -9.07
CA THR A 234 6.29 -29.48 -9.93
C THR A 234 5.10 -29.80 -9.01
N TRP A 235 4.04 -28.99 -9.10
CA TRP A 235 2.88 -29.14 -8.24
C TRP A 235 1.75 -29.83 -9.01
N ILE A 236 1.66 -29.57 -10.31
CA ILE A 236 0.64 -30.16 -11.21
C ILE A 236 1.37 -30.99 -12.27
N PRO A 237 1.59 -32.31 -12.03
CA PRO A 237 2.52 -33.10 -12.82
C PRO A 237 1.96 -33.60 -14.16
N GLU A 238 0.65 -33.44 -14.38
CA GLU A 238 0.02 -33.72 -15.67
C GLU A 238 -1.16 -32.77 -15.87
N ARG A 239 -1.45 -32.47 -17.14
CA ARG A 239 -2.51 -31.54 -17.53
C ARG A 239 -3.23 -32.10 -18.75
N PRO A 240 -4.47 -31.63 -19.04
CA PRO A 240 -5.17 -32.05 -20.26
C PRO A 240 -4.39 -31.63 -21.51
N LEU A 241 -4.56 -32.39 -22.62
CA LEU A 241 -3.82 -32.14 -23.88
C LEU A 241 -4.64 -31.29 -24.84
N GLN A 242 -5.42 -30.32 -24.33
CA GLN A 242 -6.30 -29.51 -25.18
C GLN A 242 -5.53 -29.12 -26.44
N SER A 243 -6.12 -29.43 -27.61
CA SER A 243 -5.61 -29.15 -28.95
C SER A 243 -4.27 -29.86 -29.16
N LYS A 259 -4.45 -36.28 -21.21
CA LYS A 259 -3.69 -36.06 -19.96
C LYS A 259 -2.18 -36.23 -20.21
N GLY A 260 -1.45 -35.12 -20.38
CA GLY A 260 -0.01 -35.16 -20.72
C GLY A 260 0.89 -34.80 -19.52
N PRO A 261 2.13 -35.32 -19.44
CA PRO A 261 2.99 -35.08 -18.29
C PRO A 261 3.69 -33.72 -18.36
N VAL A 262 3.60 -32.96 -17.26
CA VAL A 262 4.37 -31.75 -17.07
C VAL A 262 5.75 -32.17 -16.54
N ASP A 263 6.75 -32.11 -17.43
CA ASP A 263 8.13 -32.56 -17.18
C ASP A 263 9.05 -31.36 -16.90
N VAL A 264 8.45 -30.19 -16.62
CA VAL A 264 9.16 -28.97 -16.20
C VAL A 264 8.70 -28.57 -14.79
N ASP A 265 9.53 -27.71 -14.18
CA ASP A 265 9.30 -27.06 -12.90
C ASP A 265 8.10 -26.09 -13.01
N ASP A 266 7.26 -26.09 -11.95
CA ASP A 266 6.20 -25.10 -11.73
C ASP A 266 6.74 -23.94 -10.88
N GLU A 267 7.81 -24.24 -10.13
CA GLU A 267 8.31 -23.34 -9.11
C GLU A 267 9.78 -23.64 -8.89
N VAL A 268 10.54 -22.58 -8.60
CA VAL A 268 11.96 -22.63 -8.36
C VAL A 268 12.27 -21.66 -7.24
N MET A 269 13.12 -22.11 -6.32
CA MET A 269 13.70 -21.23 -5.38
C MET A 269 15.19 -21.55 -5.32
N THR A 270 16.02 -20.51 -5.19
CA THR A 270 17.44 -20.69 -5.16
C THR A 270 18.09 -19.55 -4.36
N MET A 271 19.04 -19.97 -3.51
CA MET A 271 20.03 -19.12 -2.91
C MET A 271 21.16 -18.94 -3.93
N ILE A 272 21.79 -17.76 -3.85
CA ILE A 272 22.78 -17.23 -4.76
C ILE A 272 23.93 -16.67 -3.92
N ARG A 273 25.19 -16.93 -4.34
CA ARG A 273 26.35 -16.16 -3.86
C ARG A 273 26.91 -15.36 -5.05
N PHE A 274 27.08 -14.04 -4.85
CA PHE A 274 27.50 -13.14 -5.93
C PHE A 274 29.02 -12.96 -5.91
N ALA A 275 29.62 -12.84 -7.09
CA ALA A 275 31.08 -12.65 -7.25
C ALA A 275 31.57 -11.56 -6.27
N ASN A 276 30.85 -10.43 -6.21
CA ASN A 276 31.25 -9.26 -5.40
C ASN A 276 30.93 -9.45 -3.90
N GLY A 277 30.59 -10.67 -3.48
CA GLY A 277 30.39 -10.97 -2.04
C GLY A 277 28.95 -10.85 -1.56
N ALA A 278 28.11 -10.09 -2.26
CA ALA A 278 26.68 -10.07 -1.93
C ALA A 278 26.14 -11.51 -1.88
N VAL A 279 25.06 -11.69 -1.11
CA VAL A 279 24.29 -12.92 -1.12
C VAL A 279 22.87 -12.59 -1.62
N GLY A 280 22.08 -13.63 -1.92
CA GLY A 280 20.74 -13.38 -2.41
C GLY A 280 19.93 -14.63 -2.58
N SER A 281 18.70 -14.46 -3.10
CA SER A 281 17.74 -15.56 -3.30
C SER A 281 16.70 -15.15 -4.35
N VAL A 282 16.32 -16.12 -5.21
CA VAL A 282 15.28 -15.95 -6.21
C VAL A 282 14.22 -17.05 -6.01
N GLU A 283 12.96 -16.67 -6.21
CA GLU A 283 11.81 -17.55 -6.13
C GLU A 283 10.89 -17.22 -7.31
N ALA A 284 10.44 -18.25 -8.03
CA ALA A 284 9.50 -18.04 -9.07
C ALA A 284 8.53 -19.21 -9.07
N THR A 285 7.24 -18.94 -9.31
CA THR A 285 6.23 -19.96 -9.29
C THR A 285 5.06 -19.59 -10.19
N ARG A 286 4.42 -20.62 -10.74
CA ARG A 286 3.18 -20.47 -11.53
C ARG A 286 1.94 -20.64 -10.65
N ASN A 287 2.16 -20.96 -9.36
CA ASN A 287 1.11 -21.46 -8.46
C ASN A 287 1.03 -20.62 -7.16
N ALA A 288 0.84 -19.31 -7.32
CA ALA A 288 0.69 -18.37 -6.20
C ALA A 288 -0.62 -17.58 -6.36
N HIS A 289 -1.72 -18.15 -5.88
CA HIS A 289 -3.03 -17.51 -6.01
C HIS A 289 -2.95 -16.06 -5.53
N GLY A 290 -3.47 -15.12 -6.34
CA GLY A 290 -3.49 -13.71 -5.96
C GLY A 290 -2.28 -12.95 -6.49
N ARG A 291 -1.37 -13.66 -7.17
CA ARG A 291 -0.21 -13.07 -7.81
C ARG A 291 -0.32 -13.25 -9.32
N ASN A 292 -0.21 -12.15 -10.08
CA ASN A 292 -0.46 -12.18 -11.52
C ASN A 292 0.84 -11.97 -12.30
N ASN A 293 1.60 -10.92 -11.96
CA ASN A 293 2.89 -10.64 -12.63
C ASN A 293 3.81 -9.93 -11.64
N TYR A 294 3.94 -10.59 -10.49
CA TYR A 294 4.55 -10.05 -9.31
C TYR A 294 6.06 -10.29 -9.41
N ILE A 295 6.69 -9.54 -10.33
CA ILE A 295 8.15 -9.38 -10.38
C ILE A 295 8.51 -8.37 -9.31
N THR A 296 9.29 -8.79 -8.33
CA THR A 296 9.75 -7.88 -7.32
C THR A 296 11.22 -8.13 -6.98
N PHE A 297 11.80 -7.13 -6.32
CA PHE A 297 13.04 -7.31 -5.66
C PHE A 297 13.17 -6.35 -4.46
N GLU A 298 14.10 -6.70 -3.56
CA GLU A 298 14.46 -5.95 -2.38
C GLU A 298 15.98 -6.04 -2.25
N ILE A 299 16.64 -4.90 -2.40
CA ILE A 299 18.06 -4.86 -2.27
C ILE A 299 18.38 -4.15 -0.96
N HIS A 300 19.20 -4.82 -0.13
CA HIS A 300 19.73 -4.26 1.10
C HIS A 300 21.19 -3.83 0.86
N GLY A 301 21.43 -2.51 0.98
CA GLY A 301 22.77 -1.90 0.92
C GLY A 301 23.19 -1.35 2.28
N THR A 302 24.50 -1.06 2.42
CA THR A 302 25.13 -0.56 3.65
C THR A 302 24.57 0.82 3.99
N GLU A 303 24.20 1.60 2.97
CA GLU A 303 23.64 2.95 3.19
C GLU A 303 22.17 3.07 2.74
N GLY A 304 21.55 1.99 2.26
CA GLY A 304 20.11 2.10 1.95
C GLY A 304 19.53 0.81 1.40
N SER A 305 18.23 0.88 1.06
CA SER A 305 17.48 -0.26 0.53
C SER A 305 16.67 0.15 -0.69
N ILE A 306 16.36 -0.83 -1.55
CA ILE A 306 15.53 -0.55 -2.71
C ILE A 306 14.54 -1.70 -2.88
N VAL A 307 13.27 -1.36 -3.13
CA VAL A 307 12.16 -2.32 -3.31
C VAL A 307 11.40 -1.97 -4.60
N PHE A 308 11.07 -2.99 -5.39
CA PHE A 308 10.38 -2.82 -6.67
C PHE A 308 9.27 -3.86 -6.78
N ASN A 309 8.08 -3.40 -7.23
CA ASN A 309 6.94 -4.27 -7.45
C ASN A 309 6.34 -3.94 -8.82
N TYR A 310 6.47 -4.86 -9.78
CA TYR A 310 6.11 -4.60 -11.18
C TYR A 310 4.58 -4.41 -11.31
N GLU A 311 3.77 -5.04 -10.44
CA GLU A 311 2.30 -4.89 -10.51
C GLU A 311 1.93 -3.40 -10.28
N ARG A 312 2.89 -2.67 -9.68
CA ARG A 312 2.86 -1.21 -9.50
C ARG A 312 4.14 -0.57 -10.03
N ARG A 313 4.43 -0.80 -11.31
CA ARG A 313 5.74 -0.58 -11.93
C ARG A 313 6.16 0.90 -11.94
N ASP A 314 5.17 1.83 -11.85
CA ASP A 314 5.41 3.27 -11.94
C ASP A 314 6.23 3.71 -10.72
N GLU A 315 6.29 2.86 -9.69
CA GLU A 315 6.86 3.13 -8.38
C GLU A 315 8.21 2.42 -8.16
N LEU A 316 9.17 3.16 -7.60
CA LEU A 316 10.31 2.59 -6.91
C LEU A 316 10.27 3.06 -5.45
N GLN A 317 10.52 2.14 -4.52
CA GLN A 317 10.66 2.46 -3.15
C GLN A 317 12.14 2.44 -2.76
N VAL A 318 12.60 3.51 -2.08
CA VAL A 318 14.03 3.67 -1.70
C VAL A 318 14.12 4.28 -0.29
N ALA A 319 15.02 3.72 0.50
CA ALA A 319 15.31 4.17 1.85
C ALA A 319 16.80 4.52 1.93
N PHE A 320 17.05 5.78 2.28
CA PHE A 320 18.36 6.34 2.49
C PHE A 320 18.63 6.38 4.00
N ALA A 321 19.74 5.76 4.39
CA ALA A 321 20.25 5.73 5.76
C ALA A 321 20.61 7.14 6.25
N SER A 322 20.89 8.05 5.29
CA SER A 322 21.33 9.42 5.55
C SER A 322 20.15 10.37 5.75
N ASP A 323 18.93 9.85 5.76
CA ASP A 323 17.77 10.65 6.11
C ASP A 323 17.92 11.06 7.58
N GLN A 324 17.28 12.18 7.95
CA GLN A 324 17.32 12.65 9.34
C GLN A 324 16.49 11.71 10.20
N ALA A 325 17.01 11.36 11.38
CA ALA A 325 16.51 10.26 12.25
C ALA A 325 14.98 10.25 12.40
N ASP A 326 14.34 11.42 12.30
CA ASP A 326 12.90 11.59 12.51
C ASP A 326 12.13 11.64 11.17
N ARG A 327 12.83 11.44 10.05
CA ARG A 327 12.21 11.39 8.73
C ARG A 327 12.96 10.35 7.88
N ARG A 328 13.09 9.16 8.45
CA ARG A 328 13.80 8.02 7.83
C ARG A 328 12.73 6.98 7.45
N GLY A 329 12.88 6.34 6.28
CA GLY A 329 11.83 5.49 5.70
C GLY A 329 11.96 5.38 4.19
N PHE A 330 11.32 4.34 3.64
CA PHE A 330 11.15 4.17 2.20
C PHE A 330 10.32 5.32 1.64
N ARG A 331 10.80 5.93 0.55
CA ARG A 331 9.99 6.86 -0.16
C ARG A 331 9.58 6.22 -1.49
N THR A 332 8.32 6.46 -1.87
CA THR A 332 7.75 5.94 -3.09
C THR A 332 7.98 6.95 -4.22
N VAL A 333 8.82 6.59 -5.19
CA VAL A 333 9.15 7.49 -6.26
C VAL A 333 8.48 6.99 -7.55
N TYR A 334 7.60 7.83 -8.08
CA TYR A 334 6.87 7.67 -9.32
C TYR A 334 7.73 8.20 -10.49
N THR A 335 7.93 7.35 -11.51
CA THR A 335 8.87 7.67 -12.59
C THR A 335 8.21 8.61 -13.60
N GLY A 336 9.05 9.46 -14.19
CA GLY A 336 8.62 10.45 -15.18
C GLY A 336 9.83 11.12 -15.84
N PRO A 337 9.67 12.37 -16.32
CA PRO A 337 10.76 13.11 -16.96
C PRO A 337 12.09 13.15 -16.20
N ALA A 338 12.06 13.04 -14.87
CA ALA A 338 13.25 13.27 -14.08
C ALA A 338 14.08 11.99 -13.98
N HIS A 339 13.55 10.85 -14.46
CA HIS A 339 14.15 9.55 -14.17
C HIS A 339 14.69 8.95 -15.47
N PRO A 340 15.54 7.91 -15.41
CA PRO A 340 16.10 7.31 -16.63
C PRO A 340 15.01 7.01 -17.66
N TYR A 341 15.32 7.28 -18.94
CA TYR A 341 14.40 7.17 -20.11
C TYR A 341 13.27 8.22 -20.05
N GLY A 342 13.23 9.08 -19.03
CA GLY A 342 12.14 10.07 -18.88
C GLY A 342 11.92 10.93 -20.12
N GLU A 343 13.03 11.29 -20.79
CA GLU A 343 13.03 12.22 -21.92
C GLU A 343 12.00 11.77 -22.96
N GLY A 344 11.85 10.45 -23.15
CA GLY A 344 11.07 9.89 -24.27
C GLY A 344 9.78 9.22 -23.82
N LEU A 345 9.42 9.36 -22.55
CA LEU A 345 8.20 8.72 -22.10
C LEU A 345 7.13 9.81 -21.89
N TRP A 346 6.40 9.78 -20.78
CA TRP A 346 5.21 10.60 -20.61
C TRP A 346 5.58 11.88 -19.89
N PRO A 347 4.80 12.99 -20.06
CA PRO A 347 5.20 14.29 -19.52
C PRO A 347 5.11 14.46 -17.99
N ILE A 348 4.31 13.64 -17.29
CA ILE A 348 4.29 13.66 -15.82
C ILE A 348 4.37 12.24 -15.26
N PRO A 349 5.00 12.06 -14.07
CA PRO A 349 4.97 10.79 -13.38
C PRO A 349 3.52 10.33 -13.18
N ALA A 350 3.31 9.02 -13.38
CA ALA A 350 2.09 8.34 -13.05
C ALA A 350 1.02 8.61 -14.10
N LEU A 351 1.44 9.04 -15.29
CA LEU A 351 0.51 9.08 -16.39
C LEU A 351 0.26 7.65 -16.84
N GLY A 352 1.27 6.79 -16.62
CA GLY A 352 1.10 5.36 -16.63
C GLY A 352 2.06 4.67 -17.56
N ILE A 353 3.03 3.98 -16.97
CA ILE A 353 3.87 3.04 -17.68
C ILE A 353 3.16 1.70 -17.75
N GLY A 354 3.08 1.10 -18.96
CA GLY A 354 2.54 -0.25 -19.17
C GLY A 354 3.59 -1.20 -19.70
N TYR A 355 3.19 -2.45 -19.96
CA TYR A 355 4.06 -3.44 -20.58
C TYR A 355 4.74 -2.84 -21.83
N GLY A 356 3.94 -2.18 -22.67
CA GLY A 356 4.37 -1.66 -23.97
C GLY A 356 5.54 -0.68 -23.88
N GLU A 357 5.60 0.13 -22.82
CA GLU A 357 6.69 1.12 -22.72
C GLU A 357 8.01 0.41 -22.45
N THR A 358 7.99 -0.73 -21.74
CA THR A 358 9.22 -1.53 -21.53
C THR A 358 9.80 -1.95 -22.89
N LYS A 359 8.92 -2.35 -23.83
CA LYS A 359 9.35 -2.82 -25.16
C LYS A 359 9.77 -1.66 -26.08
N ILE A 360 9.12 -0.49 -25.94
CA ILE A 360 9.50 0.73 -26.71
C ILE A 360 10.93 1.14 -26.33
N ILE A 361 11.23 1.13 -25.04
CA ILE A 361 12.57 1.48 -24.51
C ILE A 361 13.61 0.50 -25.08
N GLU A 362 13.28 -0.79 -25.04
CA GLU A 362 14.13 -1.89 -25.49
C GLU A 362 14.54 -1.67 -26.95
N ALA A 363 13.54 -1.42 -27.78
CA ALA A 363 13.65 -1.16 -29.17
C ALA A 363 14.50 0.10 -29.43
N HIS A 364 14.22 1.17 -28.68
CA HIS A 364 15.02 2.39 -28.74
C HIS A 364 16.51 2.04 -28.60
N ASP A 365 16.87 1.33 -27.53
CA ASP A 365 18.26 1.07 -27.18
C ASP A 365 18.88 0.19 -28.26
N PHE A 366 18.12 -0.80 -28.73
CA PHE A 366 18.52 -1.74 -29.80
C PHE A 366 18.84 -0.97 -31.08
N PHE A 367 17.90 -0.18 -31.58
CA PHE A 367 18.07 0.51 -32.84
C PHE A 367 19.13 1.61 -32.69
N LYS A 368 19.23 2.21 -31.51
CA LYS A 368 20.28 3.22 -31.26
C LYS A 368 21.65 2.56 -31.44
N ALA A 369 21.81 1.36 -30.87
CA ALA A 369 23.07 0.65 -30.96
C ALA A 369 23.41 0.34 -32.43
N ILE A 370 22.39 0.00 -33.22
CA ILE A 370 22.59 -0.35 -34.62
C ILE A 370 23.03 0.93 -35.36
N ALA A 371 22.32 2.04 -35.11
CA ALA A 371 22.52 3.31 -35.81
C ALA A 371 23.94 3.84 -35.61
N GLU A 372 24.47 3.61 -34.40
CA GLU A 372 25.74 4.17 -33.93
C GLU A 372 26.82 3.08 -33.93
N GLY A 373 26.54 1.97 -34.62
CA GLY A 373 27.43 0.80 -34.73
C GLY A 373 28.04 0.36 -33.40
N GLY A 374 27.27 0.49 -32.30
CA GLY A 374 27.67 -0.04 -31.01
C GLY A 374 26.90 -1.30 -30.64
N SER A 375 27.25 -1.86 -29.49
CA SER A 375 26.62 -3.00 -28.86
C SER A 375 25.57 -2.54 -27.83
N VAL A 376 24.66 -3.48 -27.49
CA VAL A 376 23.60 -3.28 -26.54
C VAL A 376 23.69 -4.36 -25.47
N SER A 377 23.07 -4.07 -24.34
CA SER A 377 22.97 -4.95 -23.20
C SER A 377 21.51 -5.00 -22.73
N PRO A 378 20.96 -6.20 -22.50
CA PRO A 378 21.68 -7.48 -22.50
C PRO A 378 21.75 -8.11 -23.89
N SER A 379 22.92 -8.72 -24.19
CA SER A 379 23.23 -9.33 -25.48
C SER A 379 22.98 -10.84 -25.41
N PHE A 380 23.37 -11.54 -26.47
CA PHE A 380 23.44 -12.99 -26.43
C PHE A 380 24.49 -13.44 -25.41
N ALA A 381 25.54 -12.63 -25.18
CA ALA A 381 26.47 -12.90 -24.11
C ALA A 381 25.71 -12.98 -22.78
N ASP A 382 24.86 -11.99 -22.52
CA ASP A 382 24.02 -11.99 -21.29
C ASP A 382 23.04 -13.16 -21.31
N GLY A 383 22.51 -13.48 -22.50
CA GLY A 383 21.56 -14.58 -22.67
C GLY A 383 22.20 -15.91 -22.34
N TYR A 384 23.41 -16.14 -22.87
CA TYR A 384 24.13 -17.41 -22.69
C TYR A 384 24.48 -17.59 -21.20
N GLN A 385 24.91 -16.50 -20.52
CA GLN A 385 25.22 -16.51 -19.08
C GLN A 385 24.00 -16.94 -18.25
N VAL A 386 22.82 -16.39 -18.58
CA VAL A 386 21.56 -16.73 -17.90
C VAL A 386 21.25 -18.23 -18.12
N ALA A 387 21.54 -18.76 -19.31
CA ALA A 387 21.24 -20.16 -19.64
C ALA A 387 22.15 -21.08 -18.84
N LEU A 388 23.41 -20.65 -18.64
CA LEU A 388 24.39 -21.37 -17.80
C LEU A 388 23.91 -21.39 -16.34
N ILE A 389 23.41 -20.24 -15.85
CA ILE A 389 22.89 -20.13 -14.47
C ILE A 389 21.75 -21.13 -14.31
N ASP A 390 20.75 -21.04 -15.21
CA ASP A 390 19.60 -21.95 -15.27
C ASP A 390 20.08 -23.39 -15.14
N ASP A 391 21.00 -23.82 -16.01
CA ASP A 391 21.56 -25.18 -15.97
C ASP A 391 22.20 -25.49 -14.61
N ALA A 392 22.85 -24.48 -14.02
CA ALA A 392 23.49 -24.67 -12.73
C ALA A 392 22.44 -24.82 -11.63
N ILE A 393 21.28 -24.18 -11.80
CA ILE A 393 20.14 -24.33 -10.87
C ILE A 393 19.57 -25.77 -10.98
N VAL A 394 19.35 -26.26 -12.20
CA VAL A 394 18.85 -27.61 -12.41
C VAL A 394 19.85 -28.61 -11.80
N GLU A 395 21.13 -28.44 -12.14
CA GLU A 395 22.20 -29.26 -11.59
C GLU A 395 22.06 -29.31 -10.07
N SER A 396 22.11 -28.13 -9.43
CA SER A 396 22.09 -27.95 -7.97
C SER A 396 20.92 -28.69 -7.32
N ALA A 397 19.77 -28.66 -7.98
CA ALA A 397 18.54 -29.24 -7.47
C ALA A 397 18.58 -30.79 -7.53
N ALA A 398 19.20 -31.33 -8.59
CA ALA A 398 19.38 -32.79 -8.72
C ALA A 398 20.34 -33.32 -7.64
N LYS A 399 21.48 -32.65 -7.48
CA LYS A 399 22.56 -33.03 -6.54
C LYS A 399 22.25 -32.56 -5.11
N GLU A 400 21.33 -31.59 -4.96
CA GLU A 400 20.99 -30.97 -3.68
C GLU A 400 22.24 -30.39 -3.02
N SER A 401 23.03 -29.65 -3.80
CA SER A 401 24.24 -29.03 -3.28
C SER A 401 24.53 -27.75 -4.06
N TRP A 402 25.28 -26.85 -3.41
CA TRP A 402 25.86 -25.72 -4.08
C TRP A 402 26.50 -26.20 -5.38
N VAL A 403 26.31 -25.42 -6.45
CA VAL A 403 26.94 -25.66 -7.73
C VAL A 403 27.51 -24.32 -8.21
N ASP A 404 28.80 -24.31 -8.57
CA ASP A 404 29.45 -23.09 -9.03
C ASP A 404 28.97 -22.79 -10.46
N VAL A 405 28.69 -21.51 -10.73
CA VAL A 405 28.21 -21.08 -12.06
C VAL A 405 29.42 -20.90 -12.99
N PRO A 406 29.46 -21.61 -14.14
CA PRO A 406 30.41 -21.27 -15.21
C PRO A 406 30.24 -19.83 -15.74
N GLN A 407 31.34 -19.08 -15.80
CA GLN A 407 31.34 -17.62 -16.12
C GLN A 407 31.81 -17.37 -17.55
N ILE A 408 31.35 -18.19 -18.52
CA ILE A 408 31.46 -17.89 -19.97
C ILE A 408 32.93 -17.79 -20.38
N GLN B 22 -9.03 -16.46 42.75
CA GLN B 22 -7.59 -16.87 42.69
C GLN B 22 -6.75 -15.65 42.31
N ASN B 23 -5.56 -15.56 42.89
CA ASN B 23 -4.63 -14.46 42.70
C ASN B 23 -3.20 -15.04 42.60
N LEU B 24 -2.76 -15.32 41.37
CA LEU B 24 -1.43 -15.87 41.09
C LEU B 24 -0.38 -14.73 41.16
N ASN B 25 0.68 -14.99 41.93
CA ASN B 25 1.78 -14.05 42.18
C ASN B 25 2.92 -14.34 41.20
N VAL B 26 3.46 -13.27 40.60
CA VAL B 26 4.46 -13.41 39.55
C VAL B 26 5.83 -12.97 40.04
N GLY B 27 6.83 -13.82 39.82
CA GLY B 27 8.24 -13.54 40.07
C GLY B 27 8.96 -13.28 38.75
N LEU B 28 9.04 -12.00 38.40
CA LEU B 28 9.66 -11.52 37.17
C LEU B 28 11.15 -11.34 37.43
N ILE B 29 11.96 -11.98 36.58
CA ILE B 29 13.40 -11.79 36.60
C ILE B 29 13.76 -10.95 35.38
N GLY B 30 14.19 -9.71 35.64
CA GLY B 30 14.66 -8.79 34.59
C GLY B 30 13.59 -7.79 34.24
N GLY B 31 13.97 -6.50 34.25
CA GLY B 31 13.07 -5.39 33.93
C GLY B 31 13.71 -4.45 32.92
N GLY B 32 14.07 -4.99 31.76
CA GLY B 32 14.72 -4.23 30.68
C GLY B 32 13.72 -3.83 29.59
N PHE B 33 14.16 -3.96 28.34
CA PHE B 33 13.33 -3.67 27.18
C PHE B 33 12.09 -4.58 27.23
N MET B 34 12.27 -5.83 27.69
CA MET B 34 11.14 -6.74 27.99
C MET B 34 10.74 -6.61 29.47
N GLY B 35 10.84 -5.40 30.01
CA GLY B 35 10.45 -5.11 31.36
C GLY B 35 9.02 -4.61 31.39
N LYS B 36 8.77 -3.55 30.64
CA LYS B 36 7.44 -2.93 30.58
C LYS B 36 6.49 -3.81 29.75
N ALA B 37 7.03 -4.65 28.86
CA ALA B 37 6.20 -5.50 27.98
C ALA B 37 5.40 -6.49 28.82
N HIS B 38 6.12 -7.23 29.66
CA HIS B 38 5.56 -8.25 30.55
C HIS B 38 4.62 -7.60 31.58
N SER B 39 5.11 -6.54 32.24
CA SER B 39 4.43 -5.91 33.34
C SER B 39 3.10 -5.31 32.88
N LEU B 40 3.06 -4.83 31.64
CA LEU B 40 1.82 -4.36 31.03
C LEU B 40 0.83 -5.52 30.92
N ALA B 41 1.34 -6.69 30.49
CA ALA B 41 0.51 -7.87 30.25
C ALA B 41 -0.19 -8.23 31.56
N TYR B 42 0.58 -8.32 32.63
CA TYR B 42 0.05 -8.65 33.96
C TYR B 42 -1.02 -7.62 34.35
N ALA B 43 -0.63 -6.34 34.35
CA ALA B 43 -1.46 -5.19 34.73
C ALA B 43 -2.78 -5.13 33.95
N ALA B 44 -2.79 -5.55 32.68
CA ALA B 44 -3.90 -5.23 31.77
C ALA B 44 -4.71 -6.45 31.34
N MET B 45 -4.15 -7.68 31.45
CA MET B 45 -4.80 -8.91 30.90
C MET B 45 -6.27 -9.03 31.28
N PRO B 46 -6.65 -8.99 32.58
CA PRO B 46 -8.05 -9.20 32.98
C PRO B 46 -9.02 -8.07 32.59
N MET B 47 -8.47 -6.87 32.34
CA MET B 47 -9.27 -5.78 31.83
C MET B 47 -9.89 -6.20 30.48
N PHE B 48 -9.11 -6.97 29.72
CA PHE B 48 -9.39 -7.29 28.32
C PHE B 48 -10.26 -8.54 28.21
N PHE B 49 -9.79 -9.62 28.83
CA PHE B 49 -10.47 -10.92 28.84
C PHE B 49 -11.16 -11.12 30.19
N TRP B 50 -12.48 -10.91 30.20
CA TRP B 50 -13.31 -10.97 31.40
C TRP B 50 -14.54 -11.84 31.14
N PRO B 51 -14.85 -12.75 32.06
CA PRO B 51 -14.19 -12.94 33.35
C PRO B 51 -12.80 -13.58 33.23
N ALA B 52 -11.88 -13.20 34.11
CA ALA B 52 -10.46 -13.59 33.99
C ALA B 52 -10.27 -15.01 34.50
N PRO B 53 -9.36 -15.82 33.89
CA PRO B 53 -9.06 -17.15 34.42
C PRO B 53 -8.40 -17.07 35.81
N ALA B 54 -7.58 -16.02 35.99
CA ALA B 54 -6.84 -15.75 37.20
C ALA B 54 -6.28 -14.33 37.12
N LEU B 55 -6.13 -13.69 38.29
CA LEU B 55 -5.63 -12.34 38.39
C LEU B 55 -4.12 -12.39 38.57
N PRO B 56 -3.31 -11.81 37.64
CA PRO B 56 -1.86 -11.76 37.84
C PRO B 56 -1.62 -10.70 38.91
N VAL B 57 -0.73 -11.01 39.86
CA VAL B 57 -0.30 -10.07 40.90
C VAL B 57 1.21 -9.88 40.72
N ARG B 58 1.61 -8.63 40.48
CA ARG B 58 3.03 -8.28 40.40
C ARG B 58 3.65 -8.32 41.80
N LYS B 59 4.11 -9.50 42.20
CA LYS B 59 4.57 -9.75 43.57
C LYS B 59 5.97 -9.19 43.76
N VAL B 60 6.93 -9.67 42.95
CA VAL B 60 8.33 -9.28 43.09
C VAL B 60 9.01 -9.34 41.73
N ILE B 61 10.03 -8.48 41.55
CA ILE B 61 10.85 -8.38 40.35
C ILE B 61 12.32 -8.41 40.79
N ALA B 62 13.14 -9.17 40.07
CA ALA B 62 14.58 -9.21 40.28
C ALA B 62 15.29 -8.42 39.17
N GLU B 63 16.34 -7.68 39.56
CA GLU B 63 17.31 -7.09 38.62
C GLU B 63 18.70 -7.46 39.15
N ALA B 64 19.77 -6.86 38.61
CA ALA B 64 21.16 -7.21 38.99
C ALA B 64 21.55 -6.56 40.34
N ASN B 65 21.24 -5.27 40.55
CA ASN B 65 21.61 -4.57 41.80
C ASN B 65 20.37 -3.99 42.49
N PRO B 66 20.40 -3.84 43.83
CA PRO B 66 19.18 -3.55 44.62
C PRO B 66 18.49 -2.23 44.24
N GLU B 67 19.31 -1.23 43.88
CA GLU B 67 18.83 0.09 43.55
C GLU B 67 18.11 -0.04 42.20
N LEU B 68 18.76 -0.73 41.26
CA LEU B 68 18.16 -1.01 39.94
C LEU B 68 16.78 -1.66 40.12
N ALA B 69 16.71 -2.69 40.99
CA ALA B 69 15.46 -3.46 41.24
C ALA B 69 14.38 -2.55 41.85
N ALA B 70 14.78 -1.69 42.81
CA ALA B 70 13.85 -0.73 43.42
C ALA B 70 13.28 0.19 42.34
N GLU B 71 14.19 0.74 41.52
CA GLU B 71 13.83 1.61 40.40
C GLU B 71 12.73 0.89 39.57
N ALA B 72 13.01 -0.38 39.26
CA ALA B 72 12.16 -1.21 38.39
C ALA B 72 10.77 -1.42 38.99
N ALA B 73 10.73 -1.92 40.24
CA ALA B 73 9.52 -2.22 40.98
C ALA B 73 8.61 -1.00 41.07
N ARG B 74 9.21 0.17 41.32
CA ARG B 74 8.46 1.43 41.42
C ARG B 74 7.77 1.71 40.07
N ARG B 75 8.53 1.51 38.99
CA ARG B 75 8.11 1.76 37.62
C ARG B 75 7.02 0.76 37.20
N PHE B 76 7.37 -0.52 37.29
CA PHE B 76 6.53 -1.59 36.76
C PHE B 76 5.51 -2.06 37.81
N GLY B 77 5.43 -1.36 38.95
CA GLY B 77 4.31 -1.44 39.87
C GLY B 77 4.18 -2.80 40.53
N PHE B 78 5.33 -3.40 40.86
CA PHE B 78 5.40 -4.58 41.70
C PHE B 78 5.20 -4.15 43.15
N GLU B 79 4.83 -5.12 44.00
CA GLU B 79 4.69 -4.90 45.44
C GLU B 79 6.08 -4.89 46.10
N ASN B 80 6.98 -5.76 45.61
CA ASN B 80 8.28 -6.03 46.23
C ASN B 80 9.37 -6.03 45.14
N SER B 81 10.63 -6.14 45.56
CA SER B 81 11.78 -6.25 44.66
C SER B 81 12.91 -7.07 45.32
N THR B 82 14.00 -7.29 44.57
CA THR B 82 15.18 -7.99 45.06
C THR B 82 16.29 -7.89 44.01
N SER B 83 17.53 -8.19 44.45
CA SER B 83 18.67 -8.25 43.57
C SER B 83 19.04 -9.72 43.30
N ASP B 84 18.65 -10.63 44.19
CA ASP B 84 18.95 -12.07 44.02
C ASP B 84 17.67 -12.79 43.57
N TRP B 85 17.74 -13.37 42.36
CA TRP B 85 16.60 -14.06 41.74
C TRP B 85 16.31 -15.38 42.47
N ARG B 86 17.32 -15.93 43.15
CA ARG B 86 17.16 -17.14 43.99
C ARG B 86 16.08 -16.90 45.05
N SER B 87 16.07 -15.68 45.63
CA SER B 87 15.02 -15.23 46.55
C SER B 87 13.64 -15.68 46.04
N ILE B 88 13.33 -15.27 44.81
CA ILE B 88 12.01 -15.49 44.20
C ILE B 88 11.69 -16.99 44.20
N ILE B 89 12.62 -17.81 43.71
CA ILE B 89 12.33 -19.24 43.50
C ILE B 89 12.17 -19.97 44.85
N ASP B 90 12.76 -19.42 45.92
CA ASP B 90 12.68 -20.01 47.28
C ASP B 90 11.41 -19.54 48.04
N ASP B 91 10.66 -18.60 47.45
CA ASP B 91 9.41 -18.13 48.06
C ASP B 91 8.27 -19.05 47.62
N PRO B 92 7.56 -19.70 48.58
CA PRO B 92 6.42 -20.56 48.24
C PRO B 92 5.12 -19.83 47.86
N ASP B 93 5.08 -18.51 48.03
CA ASP B 93 3.95 -17.66 47.60
C ASP B 93 3.96 -17.48 46.07
N ILE B 94 5.15 -17.60 45.47
CA ILE B 94 5.34 -17.38 44.03
C ILE B 94 4.73 -18.58 43.27
N HIS B 95 3.69 -18.25 42.48
CA HIS B 95 2.98 -19.22 41.65
C HIS B 95 3.56 -19.26 40.22
N VAL B 96 4.05 -18.10 39.74
CA VAL B 96 4.49 -17.90 38.35
C VAL B 96 5.87 -17.24 38.33
N VAL B 97 6.84 -17.87 37.65
CA VAL B 97 8.15 -17.27 37.31
C VAL B 97 8.12 -16.81 35.85
N ASP B 98 8.61 -15.58 35.59
CA ASP B 98 8.74 -15.00 34.25
C ASP B 98 10.19 -14.61 34.03
N ILE B 99 10.83 -15.23 33.01
CA ILE B 99 12.24 -15.03 32.73
C ILE B 99 12.36 -14.03 31.57
N ALA B 100 12.84 -12.81 31.86
CA ALA B 100 13.04 -11.75 30.85
C ALA B 100 14.51 -11.28 30.86
N THR B 101 15.42 -12.19 31.21
CA THR B 101 16.84 -11.93 31.25
C THR B 101 17.47 -12.14 29.88
N PRO B 102 18.74 -11.77 29.69
CA PRO B 102 19.52 -12.24 28.54
C PRO B 102 19.54 -13.78 28.47
N ASN B 103 20.05 -14.30 27.35
CA ASN B 103 19.89 -15.71 27.00
C ASN B 103 20.80 -16.59 27.86
N HIS B 104 21.83 -16.00 28.49
CA HIS B 104 22.81 -16.80 29.26
C HIS B 104 22.22 -17.33 30.58
N LEU B 105 21.13 -16.73 31.06
CA LEU B 105 20.57 -17.12 32.37
C LEU B 105 19.22 -17.86 32.24
N HIS B 106 18.72 -18.06 31.02
CA HIS B 106 17.42 -18.70 30.89
C HIS B 106 17.47 -20.05 31.61
N ALA B 107 18.42 -20.89 31.17
CA ALA B 107 18.51 -22.31 31.55
C ALA B 107 18.54 -22.49 33.07
N GLU B 108 19.53 -21.88 33.73
CA GLU B 108 19.83 -22.13 35.14
C GLU B 108 18.61 -21.74 35.99
N ILE B 109 17.92 -20.67 35.60
CA ILE B 109 16.78 -20.16 36.33
C ILE B 109 15.57 -21.09 36.17
N ALA B 110 15.36 -21.60 34.96
CA ALA B 110 14.14 -22.35 34.67
C ALA B 110 14.24 -23.75 35.26
N ILE B 111 15.48 -24.29 35.27
CA ILE B 111 15.80 -25.60 35.82
C ILE B 111 15.62 -25.54 37.34
N ALA B 112 16.04 -24.43 37.94
CA ALA B 112 15.82 -24.18 39.36
C ALA B 112 14.32 -24.01 39.60
N ALA B 113 13.71 -23.02 38.93
CA ALA B 113 12.27 -22.79 39.03
C ALA B 113 11.51 -24.12 38.85
N ALA B 114 11.96 -24.95 37.91
CA ALA B 114 11.36 -26.26 37.68
C ALA B 114 11.30 -27.06 38.99
N GLU B 115 12.46 -27.32 39.60
CA GLU B 115 12.56 -28.03 40.89
C GLU B 115 11.65 -27.39 41.94
N ALA B 116 11.52 -26.05 41.92
CA ALA B 116 10.72 -25.34 42.91
C ALA B 116 9.22 -25.47 42.60
N GLY B 117 8.87 -26.21 41.55
CA GLY B 117 7.49 -26.56 41.22
C GLY B 117 6.70 -25.38 40.68
N LYS B 118 7.40 -24.36 40.16
CA LYS B 118 6.81 -23.11 39.73
C LYS B 118 6.40 -23.22 38.24
N HIS B 119 5.29 -22.57 37.90
CA HIS B 119 4.94 -22.33 36.52
C HIS B 119 5.99 -21.39 35.91
N ILE B 120 6.37 -21.62 34.65
CA ILE B 120 7.41 -20.82 34.00
C ILE B 120 6.88 -20.26 32.67
N ILE B 121 7.16 -18.97 32.45
CA ILE B 121 7.17 -18.39 31.14
C ILE B 121 8.55 -17.78 30.95
N CYS B 122 9.21 -18.19 29.85
CA CYS B 122 10.53 -17.77 29.53
C CYS B 122 10.55 -17.08 28.17
N GLU B 123 11.30 -15.98 28.09
CA GLU B 123 11.61 -15.31 26.81
C GLU B 123 12.39 -16.25 25.89
N LYS B 124 12.34 -15.93 24.59
CA LYS B 124 13.11 -16.60 23.53
C LYS B 124 14.45 -15.88 23.35
N PRO B 125 15.40 -16.52 22.65
CA PRO B 125 15.41 -17.95 22.41
C PRO B 125 15.44 -18.69 23.77
N LEU B 126 14.91 -19.91 23.82
CA LEU B 126 14.83 -20.65 25.07
C LEU B 126 16.20 -20.66 25.76
N ALA B 127 17.25 -21.05 25.03
CA ALA B 127 18.60 -21.01 25.55
C ALA B 127 19.56 -20.66 24.40
N ARG B 128 20.86 -20.59 24.71
CA ARG B 128 21.86 -20.16 23.74
C ARG B 128 22.12 -21.25 22.69
N THR B 129 21.92 -22.52 23.09
CA THR B 129 22.08 -23.64 22.18
C THR B 129 20.98 -24.68 22.39
N GLY B 130 20.97 -25.67 21.50
CA GLY B 130 20.07 -26.82 21.58
C GLY B 130 20.45 -27.78 22.69
N GLU B 131 21.72 -27.78 23.11
CA GLU B 131 22.16 -28.62 24.24
C GLU B 131 21.62 -28.01 25.54
N GLU B 132 21.68 -26.69 25.63
CA GLU B 132 21.26 -25.97 26.82
C GLU B 132 19.74 -25.95 26.87
N SER B 133 19.10 -25.98 25.71
CA SER B 133 17.65 -25.94 25.62
C SER B 133 17.08 -27.29 26.08
N LYS B 134 17.75 -28.38 25.67
CA LYS B 134 17.40 -29.74 26.06
C LYS B 134 17.19 -29.81 27.57
N ALA B 135 18.20 -29.36 28.33
CA ALA B 135 18.18 -29.44 29.77
C ALA B 135 16.86 -28.89 30.30
N MET B 136 16.53 -27.67 29.86
CA MET B 136 15.38 -26.94 30.33
C MET B 136 14.13 -27.78 30.04
N TYR B 137 14.09 -28.35 28.83
CA TYR B 137 12.99 -29.18 28.42
C TYR B 137 12.88 -30.40 29.34
N ASP B 138 14.02 -31.07 29.58
CA ASP B 138 14.12 -32.24 30.43
C ASP B 138 13.62 -31.89 31.85
N ALA B 139 13.92 -30.67 32.30
CA ALA B 139 13.63 -30.18 33.67
C ALA B 139 12.16 -29.83 33.89
N VAL B 140 11.37 -29.70 32.81
CA VAL B 140 9.91 -29.46 32.92
C VAL B 140 9.11 -30.63 32.33
N LYS B 141 9.74 -31.43 31.47
CA LYS B 141 9.03 -32.52 30.81
C LYS B 141 7.97 -33.10 31.75
N ASP B 142 8.47 -33.80 32.78
CA ASP B 142 7.68 -34.74 33.52
C ASP B 142 7.15 -34.08 34.80
N LYS B 143 7.27 -32.75 34.92
CA LYS B 143 6.75 -32.03 36.09
C LYS B 143 5.39 -31.44 35.72
N ASN B 144 4.50 -31.31 36.73
CA ASN B 144 3.10 -30.98 36.47
C ASN B 144 2.92 -29.46 36.53
N ILE B 145 3.59 -28.74 35.63
CA ILE B 145 3.59 -27.27 35.63
C ILE B 145 3.48 -26.77 34.19
N VAL B 146 2.78 -25.66 34.03
CA VAL B 146 2.66 -24.96 32.76
C VAL B 146 4.00 -24.29 32.45
N HIS B 147 4.53 -24.58 31.25
CA HIS B 147 5.76 -24.03 30.75
C HIS B 147 5.49 -23.43 29.36
N MET B 148 5.88 -22.16 29.17
CA MET B 148 5.60 -21.38 27.95
C MET B 148 6.87 -20.66 27.52
N VAL B 149 7.11 -20.60 26.21
CA VAL B 149 8.16 -19.77 25.65
C VAL B 149 7.47 -18.66 24.89
N ALA B 150 8.07 -17.48 24.89
CA ALA B 150 7.38 -16.22 24.57
C ALA B 150 7.49 -15.87 23.08
N PHE B 151 6.97 -16.75 22.23
CA PHE B 151 6.79 -16.46 20.81
C PHE B 151 5.44 -15.77 20.65
N ASN B 152 5.38 -14.56 21.20
CA ASN B 152 4.16 -13.76 21.32
C ASN B 152 3.56 -13.37 19.96
N TYR B 153 4.38 -13.15 18.92
CA TYR B 153 3.92 -12.57 17.59
C TYR B 153 2.89 -13.52 16.94
N ARG B 154 3.01 -14.82 17.22
CA ARG B 154 2.06 -15.85 16.83
C ARG B 154 0.63 -15.45 17.24
N ARG B 155 0.51 -14.68 18.33
CA ARG B 155 -0.77 -14.36 18.93
C ARG B 155 -1.24 -12.97 18.49
N THR B 156 -0.59 -12.40 17.48
CA THR B 156 -1.24 -11.39 16.69
C THR B 156 -2.51 -12.00 16.10
N PRO B 157 -3.67 -11.33 16.26
CA PRO B 157 -4.96 -11.84 15.74
C PRO B 157 -4.92 -12.27 14.27
N ALA B 158 -4.31 -11.43 13.43
CA ALA B 158 -4.09 -11.71 12.02
C ALA B 158 -3.49 -13.10 11.80
N VAL B 159 -2.49 -13.46 12.62
CA VAL B 159 -1.79 -14.75 12.50
C VAL B 159 -2.68 -15.88 13.05
N ALA B 160 -3.41 -15.63 14.15
CA ALA B 160 -4.48 -16.55 14.56
C ALA B 160 -5.55 -16.67 13.47
N LEU B 161 -5.88 -15.56 12.80
CA LEU B 161 -6.89 -15.58 11.74
C LEU B 161 -6.37 -16.38 10.54
N ALA B 162 -5.06 -16.33 10.31
CA ALA B 162 -4.40 -17.12 9.26
C ALA B 162 -4.51 -18.62 9.60
N LYS B 163 -4.03 -18.99 10.79
CA LYS B 163 -4.24 -20.35 11.32
C LYS B 163 -5.70 -20.78 11.10
N LYS B 164 -6.65 -19.87 11.28
CA LYS B 164 -8.07 -20.22 11.16
C LYS B 164 -8.37 -20.66 9.73
N TYR B 165 -8.05 -19.80 8.76
CA TYR B 165 -8.32 -20.09 7.35
C TYR B 165 -7.63 -21.38 6.90
N ILE B 166 -6.38 -21.57 7.33
CA ILE B 166 -5.59 -22.72 6.93
C ILE B 166 -6.29 -24.00 7.38
N GLU B 167 -6.51 -24.15 8.70
CA GLU B 167 -6.95 -25.42 9.22
C GLU B 167 -8.42 -25.67 8.86
N GLU B 168 -9.16 -24.58 8.52
CA GLU B 168 -10.49 -24.63 7.88
C GLU B 168 -10.44 -25.28 6.49
N GLY B 169 -9.24 -25.29 5.88
CA GLY B 169 -9.03 -25.85 4.53
C GLY B 169 -9.34 -24.82 3.46
N ALA B 170 -9.49 -23.55 3.86
CA ALA B 170 -10.00 -22.51 2.97
C ALA B 170 -8.96 -22.11 1.90
N ILE B 171 -7.67 -22.41 2.12
CA ILE B 171 -6.65 -22.16 1.09
C ILE B 171 -6.08 -23.50 0.56
N GLY B 172 -6.63 -24.65 0.96
CA GLY B 172 -6.19 -25.97 0.47
C GLY B 172 -4.87 -26.42 1.11
N ARG B 173 -4.17 -27.34 0.46
CA ARG B 173 -2.87 -27.87 0.93
C ARG B 173 -1.80 -26.81 0.70
N ILE B 174 -0.94 -26.61 1.69
CA ILE B 174 0.11 -25.60 1.63
C ILE B 174 1.23 -26.12 0.75
N LEU B 175 1.55 -25.34 -0.29
CA LEU B 175 2.68 -25.59 -1.18
C LEU B 175 3.95 -24.98 -0.59
N SER B 176 3.90 -23.67 -0.31
CA SER B 176 5.08 -22.82 -0.14
C SER B 176 4.92 -21.93 1.10
N PHE B 177 6.06 -21.62 1.74
CA PHE B 177 6.11 -20.62 2.80
C PHE B 177 7.33 -19.72 2.60
N ARG B 178 7.09 -18.40 2.59
CA ARG B 178 8.15 -17.40 2.64
C ARG B 178 7.91 -16.61 3.92
N GLY B 179 8.92 -16.59 4.80
CA GLY B 179 8.88 -15.76 5.99
C GLY B 179 10.13 -14.92 6.11
N THR B 180 9.96 -13.71 6.66
CA THR B 180 11.04 -12.75 6.90
C THR B 180 10.90 -12.18 8.32
N TYR B 181 12.04 -11.86 8.93
CA TYR B 181 12.10 -10.84 10.01
C TYR B 181 13.26 -9.89 9.70
N LEU B 182 12.94 -8.71 9.16
CA LEU B 182 13.97 -7.76 8.73
C LEU B 182 13.92 -6.55 9.65
N GLN B 183 15.09 -6.22 10.21
CA GLN B 183 15.29 -5.06 11.09
C GLN B 183 16.50 -4.23 10.66
N ASP B 184 16.70 -3.07 11.30
CA ASP B 184 17.83 -2.17 10.97
C ASP B 184 18.35 -1.34 12.15
N TRP B 185 17.92 -1.65 13.38
CA TRP B 185 18.29 -0.87 14.57
C TRP B 185 19.81 -0.86 14.76
N SER B 186 20.51 -1.95 14.40
CA SER B 186 21.98 -2.04 14.46
C SER B 186 22.64 -1.87 13.09
N ALA B 187 21.94 -1.32 12.08
CA ALA B 187 22.53 -1.25 10.72
C ALA B 187 23.71 -0.26 10.72
N ASP B 188 23.67 0.71 11.63
CA ASP B 188 24.78 1.64 11.82
C ASP B 188 25.90 0.93 12.58
N PRO B 189 27.15 0.85 12.02
CA PRO B 189 28.26 0.23 12.74
C PRO B 189 28.72 0.90 14.04
N ASN B 190 28.39 2.17 14.28
CA ASN B 190 28.74 2.85 15.52
C ASN B 190 27.75 2.46 16.64
N SER B 191 26.72 1.66 16.30
CA SER B 191 25.83 1.13 17.32
C SER B 191 26.64 0.18 18.22
N PRO B 192 26.54 0.31 19.56
CA PRO B 192 27.53 -0.28 20.47
C PRO B 192 27.35 -1.80 20.64
N LEU B 193 28.36 -2.45 21.21
CA LEU B 193 28.39 -3.90 21.29
C LEU B 193 27.63 -4.37 22.54
N SER B 194 26.29 -4.43 22.43
CA SER B 194 25.44 -4.96 23.50
C SER B 194 25.62 -6.48 23.61
N TRP B 195 24.95 -7.06 24.62
CA TRP B 195 24.98 -8.51 24.84
C TRP B 195 24.51 -9.27 23.59
N ARG B 196 23.51 -8.74 22.88
CA ARG B 196 22.93 -9.40 21.68
C ARG B 196 23.99 -9.73 20.62
N PHE B 197 25.15 -9.04 20.66
CA PHE B 197 26.24 -9.23 19.68
C PHE B 197 27.35 -10.13 20.22
N GLN B 198 27.18 -10.60 21.46
CA GLN B 198 28.18 -11.43 22.13
C GLN B 198 27.68 -12.89 22.13
N LYS B 199 28.39 -13.75 21.39
CA LYS B 199 28.07 -15.17 21.19
C LYS B 199 27.90 -15.90 22.53
N SER B 200 28.81 -15.66 23.48
CA SER B 200 28.89 -16.48 24.70
C SER B 200 27.74 -16.15 25.65
N ILE B 201 27.06 -15.01 25.43
CA ILE B 201 25.93 -14.62 26.29
C ILE B 201 24.60 -14.56 25.49
N ALA B 202 24.65 -14.28 24.18
CA ALA B 202 23.45 -14.32 23.32
C ALA B 202 23.21 -15.75 22.81
N GLY B 203 24.28 -16.43 22.41
CA GLY B 203 24.20 -17.75 21.80
C GLY B 203 24.35 -17.64 20.29
N SER B 204 23.50 -16.80 19.69
CA SER B 204 23.56 -16.46 18.27
C SER B 204 22.97 -15.05 18.08
N GLY B 205 23.00 -14.55 16.85
CA GLY B 205 22.65 -13.17 16.55
C GLY B 205 21.21 -13.02 16.11
N ALA B 206 21.03 -12.70 14.83
CA ALA B 206 19.71 -12.62 14.20
C ALA B 206 18.97 -13.95 14.37
N LEU B 207 19.72 -15.05 14.25
CA LEU B 207 19.15 -16.38 14.20
C LEU B 207 18.30 -16.59 15.46
N GLY B 208 18.94 -16.40 16.62
CA GLY B 208 18.30 -16.54 17.93
C GLY B 208 17.29 -15.44 18.22
N ASP B 209 17.64 -14.20 17.92
CA ASP B 209 16.95 -13.07 18.49
C ASP B 209 15.68 -12.74 17.69
N ILE B 210 15.68 -13.03 16.38
CA ILE B 210 14.50 -12.71 15.55
C ILE B 210 14.11 -13.84 14.59
N ALA B 211 15.06 -14.66 14.12
CA ALA B 211 14.70 -15.71 13.19
C ALA B 211 13.72 -16.68 13.86
N THR B 212 13.92 -16.89 15.16
CA THR B 212 13.18 -17.81 15.98
C THR B 212 11.69 -17.47 16.00
N HIS B 213 11.36 -16.17 15.90
CA HIS B 213 9.94 -15.75 15.81
C HIS B 213 9.31 -16.33 14.52
N VAL B 214 10.05 -16.24 13.41
CA VAL B 214 9.62 -16.67 12.06
C VAL B 214 9.47 -18.21 12.02
N ILE B 215 10.52 -18.90 12.47
CA ILE B 215 10.55 -20.35 12.54
C ILE B 215 9.28 -20.85 13.21
N ASP B 216 8.93 -20.25 14.36
CA ASP B 216 7.77 -20.62 15.15
C ASP B 216 6.49 -20.41 14.34
N MET B 217 6.38 -19.31 13.59
CA MET B 217 5.19 -19.07 12.80
C MET B 217 5.09 -20.12 11.69
N ALA B 218 6.23 -20.53 11.15
CA ALA B 218 6.26 -21.58 10.15
C ALA B 218 5.73 -22.87 10.78
N ARG B 219 6.29 -23.25 11.94
CA ARG B 219 5.88 -24.46 12.70
C ARG B 219 4.38 -24.40 13.00
N TYR B 220 3.91 -23.19 13.29
CA TYR B 220 2.55 -22.92 13.73
C TYR B 220 1.58 -23.02 12.55
N LEU B 221 1.96 -22.51 11.37
CA LEU B 221 0.99 -22.35 10.24
C LEU B 221 1.15 -23.45 9.18
N VAL B 222 2.36 -24.01 9.06
CA VAL B 222 2.65 -24.99 8.02
C VAL B 222 2.89 -26.35 8.66
N GLY B 223 3.83 -26.42 9.61
CA GLY B 223 4.16 -27.65 10.33
C GLY B 223 5.66 -27.82 10.48
N GLU B 224 6.07 -29.01 10.89
CA GLU B 224 7.43 -29.28 11.35
C GLU B 224 8.43 -29.23 10.19
N PHE B 225 9.67 -28.89 10.54
CA PHE B 225 10.80 -28.82 9.62
C PHE B 225 11.41 -30.21 9.48
N SER B 226 11.56 -30.65 8.23
CA SER B 226 12.26 -31.88 7.93
C SER B 226 13.77 -31.59 7.82
N ALA B 227 14.13 -30.50 7.12
CA ALA B 227 15.52 -30.17 6.83
C ALA B 227 15.66 -28.71 6.36
N VAL B 228 16.91 -28.23 6.41
CA VAL B 228 17.31 -26.85 6.18
C VAL B 228 18.63 -26.82 5.39
N ASN B 229 18.83 -25.73 4.65
CA ASN B 229 20.05 -25.44 3.89
C ASN B 229 20.24 -23.91 3.87
N ALA B 230 21.25 -23.43 4.60
CA ALA B 230 21.24 -22.06 5.06
C ALA B 230 22.58 -21.37 4.81
N VAL B 231 22.54 -20.06 4.96
CA VAL B 231 23.70 -19.20 4.98
C VAL B 231 23.50 -18.21 6.12
N LEU B 232 24.54 -18.05 6.96
CA LEU B 232 24.65 -16.96 7.94
C LEU B 232 25.76 -16.01 7.49
N SER B 233 25.59 -14.75 7.88
CA SER B 233 26.35 -13.63 7.40
C SER B 233 26.57 -12.64 8.55
N THR B 234 27.79 -12.10 8.59
CA THR B 234 28.13 -11.04 9.51
C THR B 234 28.70 -9.90 8.67
N TRP B 235 28.03 -8.75 8.75
CA TRP B 235 28.32 -7.63 7.92
C TRP B 235 29.19 -6.62 8.66
N ILE B 236 28.88 -6.39 9.94
CA ILE B 236 29.62 -5.46 10.76
C ILE B 236 30.34 -6.25 11.82
N PRO B 237 31.61 -6.64 11.57
CA PRO B 237 32.33 -7.60 12.41
C PRO B 237 32.94 -7.06 13.72
N GLU B 238 32.79 -5.76 13.96
CA GLU B 238 33.22 -5.19 15.22
C GLU B 238 32.49 -3.88 15.46
N ARG B 239 32.20 -3.63 16.74
CA ARG B 239 31.40 -2.48 17.16
C ARG B 239 32.09 -1.86 18.37
N PRO B 240 31.88 -0.54 18.61
CA PRO B 240 32.44 0.12 19.79
C PRO B 240 31.90 -0.54 21.07
N LEU B 241 32.71 -0.56 22.13
CA LEU B 241 32.32 -1.10 23.45
C LEU B 241 31.56 -0.02 24.24
N GLN B 242 30.37 -0.38 24.75
CA GLN B 242 29.59 0.47 25.69
C GLN B 242 29.79 1.96 25.35
N LYS B 259 36.45 -0.51 20.86
CA LYS B 259 35.88 -1.42 19.86
C LYS B 259 36.20 -2.88 20.21
N GLY B 260 35.24 -3.77 19.90
CA GLY B 260 35.33 -5.20 20.22
C GLY B 260 34.71 -6.03 19.11
N PRO B 261 35.09 -7.32 18.98
CA PRO B 261 34.67 -8.13 17.82
C PRO B 261 33.20 -8.57 17.98
N VAL B 262 32.55 -8.89 16.84
CA VAL B 262 31.18 -9.38 16.80
C VAL B 262 31.24 -10.81 16.26
N ASP B 263 31.07 -11.80 17.14
CA ASP B 263 31.30 -13.20 16.76
C ASP B 263 29.95 -13.91 16.60
N VAL B 264 28.94 -13.16 16.12
CA VAL B 264 27.62 -13.69 15.88
C VAL B 264 27.07 -13.15 14.55
N ASP B 265 26.12 -13.95 14.07
CA ASP B 265 25.02 -13.73 13.13
C ASP B 265 24.47 -12.29 13.05
N ASP B 266 24.60 -11.64 11.89
CA ASP B 266 23.82 -10.43 11.60
C ASP B 266 22.63 -10.78 10.69
N GLU B 267 22.76 -11.86 9.92
CA GLU B 267 21.78 -12.18 8.87
C GLU B 267 21.74 -13.70 8.66
N VAL B 268 20.55 -14.20 8.38
CA VAL B 268 20.35 -15.64 8.17
C VAL B 268 19.38 -15.83 7.01
N MET B 269 19.82 -16.71 6.10
CA MET B 269 19.06 -17.15 4.95
C MET B 269 18.96 -18.68 4.98
N THR B 270 17.75 -19.25 4.95
CA THR B 270 17.62 -20.71 4.92
C THR B 270 16.43 -21.13 4.06
N MET B 271 16.67 -22.16 3.23
CA MET B 271 15.63 -22.91 2.54
C MET B 271 15.16 -24.00 3.50
N ILE B 272 13.95 -24.52 3.26
CA ILE B 272 13.33 -25.46 4.17
C ILE B 272 12.56 -26.51 3.35
N ARG B 273 12.71 -27.78 3.77
CA ARG B 273 11.75 -28.84 3.48
C ARG B 273 10.93 -29.09 4.76
N PHE B 274 9.62 -28.98 4.62
CA PHE B 274 8.66 -29.34 5.66
C PHE B 274 8.36 -30.84 5.59
N ALA B 275 8.13 -31.45 6.75
CA ALA B 275 7.76 -32.87 6.90
C ALA B 275 6.54 -33.25 6.05
N ASN B 276 5.75 -32.26 5.61
CA ASN B 276 4.48 -32.51 4.92
C ASN B 276 4.55 -32.21 3.41
N GLY B 277 5.76 -32.11 2.85
CA GLY B 277 5.93 -31.88 1.42
C GLY B 277 6.12 -30.41 1.06
N ALA B 278 5.45 -29.50 1.76
CA ALA B 278 5.58 -28.07 1.49
C ALA B 278 7.06 -27.68 1.49
N VAL B 279 7.42 -26.72 0.63
CA VAL B 279 8.76 -26.11 0.60
C VAL B 279 8.64 -24.71 1.20
N GLY B 280 9.78 -24.08 1.52
CA GLY B 280 9.82 -22.64 1.79
C GLY B 280 11.18 -22.13 2.23
N SER B 281 11.21 -20.94 2.83
CA SER B 281 12.44 -20.21 3.14
C SER B 281 12.17 -19.15 4.21
N VAL B 282 13.21 -18.84 4.97
CA VAL B 282 13.19 -17.88 6.05
C VAL B 282 14.42 -17.00 5.92
N GLU B 283 14.24 -15.70 6.15
CA GLU B 283 15.29 -14.70 5.98
C GLU B 283 15.14 -13.66 7.07
N ALA B 284 16.22 -13.44 7.83
CA ALA B 284 16.23 -12.44 8.90
C ALA B 284 17.53 -11.66 8.86
N THR B 285 17.45 -10.38 9.20
CA THR B 285 18.65 -9.55 9.25
C THR B 285 18.48 -8.41 10.26
N ARG B 286 19.62 -7.76 10.57
CA ARG B 286 19.67 -6.54 11.39
C ARG B 286 20.14 -5.34 10.55
N ASN B 287 20.41 -5.58 9.26
CA ASN B 287 21.12 -4.65 8.34
C ASN B 287 20.27 -4.44 7.08
N ALA B 288 18.99 -4.10 7.27
CA ALA B 288 18.07 -3.82 6.20
C ALA B 288 17.49 -2.43 6.39
N HIS B 289 18.17 -1.41 5.87
CA HIS B 289 17.72 -0.01 6.03
C HIS B 289 16.26 0.10 5.57
N GLY B 290 15.42 0.68 6.42
CA GLY B 290 14.02 0.95 6.13
C GLY B 290 13.09 -0.13 6.67
N ARG B 291 13.68 -1.20 7.20
CA ARG B 291 12.95 -2.29 7.85
C ARG B 291 13.17 -2.17 9.36
N ASN B 292 12.04 -2.01 10.06
CA ASN B 292 12.02 -1.70 11.48
C ASN B 292 11.68 -2.97 12.25
N ASN B 293 10.47 -3.51 12.02
CA ASN B 293 9.96 -4.73 12.66
C ASN B 293 9.15 -5.50 11.62
N TYR B 294 9.83 -5.81 10.51
CA TYR B 294 9.26 -6.35 9.28
C TYR B 294 9.16 -7.89 9.38
N ILE B 295 8.32 -8.36 10.29
CA ILE B 295 7.94 -9.78 10.36
C ILE B 295 6.84 -9.97 9.31
N THR B 296 7.15 -10.71 8.24
CA THR B 296 6.11 -11.05 7.23
C THR B 296 6.09 -12.54 6.90
N PHE B 297 4.99 -12.97 6.30
CA PHE B 297 4.95 -14.23 5.55
C PHE B 297 3.98 -14.14 4.38
N GLU B 298 4.27 -14.98 3.40
CA GLU B 298 3.46 -15.27 2.27
C GLU B 298 3.33 -16.80 2.22
N ILE B 299 2.09 -17.30 2.26
CA ILE B 299 1.83 -18.76 2.16
C ILE B 299 1.02 -19.02 0.89
N HIS B 300 1.45 -19.99 0.11
CA HIS B 300 0.75 -20.37 -1.12
C HIS B 300 0.10 -21.75 -0.93
N GLY B 301 -1.23 -21.76 -0.93
CA GLY B 301 -2.01 -22.99 -0.88
C GLY B 301 -2.53 -23.35 -2.27
N THR B 302 -3.13 -24.55 -2.40
CA THR B 302 -3.66 -25.00 -3.72
C THR B 302 -4.94 -24.23 -4.04
N GLU B 303 -5.64 -23.76 -3.00
CA GLU B 303 -6.92 -23.10 -3.17
C GLU B 303 -6.88 -21.61 -2.77
N GLY B 304 -5.73 -21.11 -2.28
CA GLY B 304 -5.61 -19.70 -1.95
C GLY B 304 -4.25 -19.35 -1.36
N SER B 305 -4.10 -18.07 -1.03
CA SER B 305 -2.81 -17.48 -0.54
C SER B 305 -3.07 -16.59 0.69
N ILE B 306 -2.08 -16.49 1.57
CA ILE B 306 -2.17 -15.63 2.73
C ILE B 306 -0.90 -14.79 2.85
N VAL B 307 -1.06 -13.48 3.08
CA VAL B 307 0.08 -12.53 3.26
C VAL B 307 -0.12 -11.74 4.56
N PHE B 308 0.95 -11.63 5.36
CA PHE B 308 0.93 -10.91 6.63
C PHE B 308 2.15 -10.01 6.74
N ASN B 309 1.94 -8.81 7.31
CA ASN B 309 3.02 -7.87 7.57
C ASN B 309 2.77 -7.24 8.94
N TYR B 310 3.70 -7.49 9.87
CA TYR B 310 3.58 -7.07 11.26
C TYR B 310 3.73 -5.55 11.39
N GLU B 311 4.45 -4.90 10.47
CA GLU B 311 4.52 -3.44 10.45
C GLU B 311 3.11 -2.86 10.21
N ARG B 312 2.19 -3.65 9.63
CA ARG B 312 0.74 -3.35 9.65
C ARG B 312 -0.03 -4.51 10.29
N ARG B 313 0.36 -4.89 11.52
CA ARG B 313 -0.24 -5.97 12.39
C ARG B 313 -1.73 -6.22 12.10
N ASP B 314 -2.51 -5.13 12.05
CA ASP B 314 -3.97 -5.17 12.11
C ASP B 314 -4.56 -5.91 10.89
N GLU B 315 -3.80 -5.97 9.79
CA GLU B 315 -4.25 -6.50 8.51
C GLU B 315 -3.77 -7.95 8.32
N LEU B 316 -4.58 -8.74 7.62
CA LEU B 316 -4.18 -9.96 6.96
C LEU B 316 -4.68 -9.92 5.52
N GLN B 317 -3.84 -10.33 4.57
CA GLN B 317 -4.22 -10.47 3.18
C GLN B 317 -4.53 -11.96 2.87
N VAL B 318 -5.72 -12.23 2.33
CA VAL B 318 -6.06 -13.59 1.87
C VAL B 318 -6.62 -13.51 0.45
N ALA B 319 -6.25 -14.45 -0.40
CA ALA B 319 -6.72 -14.50 -1.81
C ALA B 319 -7.30 -15.89 -2.09
N PHE B 320 -8.60 -15.91 -2.42
CA PHE B 320 -9.36 -17.16 -2.56
C PHE B 320 -9.53 -17.44 -4.06
N ALA B 321 -9.14 -18.65 -4.48
CA ALA B 321 -9.39 -19.18 -5.82
C ALA B 321 -10.89 -19.29 -6.14
N SER B 322 -11.73 -19.46 -5.12
CA SER B 322 -13.16 -19.64 -5.25
C SER B 322 -13.85 -18.31 -5.61
N ASP B 323 -13.09 -17.22 -5.66
CA ASP B 323 -13.66 -15.93 -6.03
C ASP B 323 -14.04 -15.95 -7.52
N GLN B 324 -15.08 -15.18 -7.87
CA GLN B 324 -15.51 -15.03 -9.24
C GLN B 324 -14.37 -14.41 -10.05
N ALA B 325 -14.06 -15.04 -11.19
CA ALA B 325 -12.94 -14.69 -12.06
C ALA B 325 -12.69 -13.17 -12.11
N ASP B 326 -13.78 -12.37 -12.09
CA ASP B 326 -13.73 -10.92 -12.33
C ASP B 326 -13.71 -10.11 -11.03
N ARG B 327 -13.56 -10.76 -9.89
CA ARG B 327 -13.46 -10.05 -8.61
C ARG B 327 -12.61 -10.91 -7.67
N ARG B 328 -11.54 -11.46 -8.25
CA ARG B 328 -10.57 -12.32 -7.60
C ARG B 328 -9.29 -11.52 -7.33
N GLY B 329 -8.82 -11.56 -6.07
CA GLY B 329 -7.53 -11.00 -5.65
C GLY B 329 -7.38 -11.07 -4.14
N PHE B 330 -6.33 -10.45 -3.59
CA PHE B 330 -6.05 -10.39 -2.15
C PHE B 330 -7.05 -9.44 -1.48
N ARG B 331 -7.78 -9.95 -0.49
CA ARG B 331 -8.66 -9.13 0.31
C ARG B 331 -7.95 -8.81 1.61
N THR B 332 -8.00 -7.52 1.96
CA THR B 332 -7.35 -7.00 3.13
C THR B 332 -8.35 -7.02 4.26
N VAL B 333 -8.18 -7.99 5.17
CA VAL B 333 -9.04 -8.14 6.35
C VAL B 333 -8.37 -7.44 7.54
N TYR B 334 -9.10 -6.47 8.08
CA TYR B 334 -8.83 -5.85 9.38
C TYR B 334 -9.48 -6.69 10.49
N THR B 335 -8.71 -6.93 11.57
CA THR B 335 -9.12 -7.82 12.68
C THR B 335 -9.81 -7.04 13.82
N GLY B 336 -10.78 -7.74 14.43
CA GLY B 336 -11.60 -7.24 15.54
C GLY B 336 -12.51 -8.35 16.10
N PRO B 337 -13.78 -8.04 16.45
CA PRO B 337 -14.66 -8.99 17.13
C PRO B 337 -14.95 -10.31 16.41
N ALA B 338 -14.97 -10.30 15.07
CA ALA B 338 -15.31 -11.53 14.32
C ALA B 338 -14.10 -12.47 14.19
N HIS B 339 -12.92 -12.10 14.72
CA HIS B 339 -11.66 -12.85 14.49
C HIS B 339 -11.15 -13.43 15.79
N PRO B 340 -10.22 -14.43 15.77
CA PRO B 340 -9.72 -15.06 16.99
C PRO B 340 -9.21 -14.04 18.02
N TYR B 341 -9.58 -14.25 19.30
CA TYR B 341 -9.25 -13.39 20.44
C TYR B 341 -10.01 -12.07 20.40
N GLY B 342 -10.90 -11.89 19.43
CA GLY B 342 -11.64 -10.67 19.24
C GLY B 342 -12.45 -10.28 20.47
N GLU B 343 -13.16 -11.27 21.05
CA GLU B 343 -14.09 -11.04 22.15
C GLU B 343 -13.46 -10.19 23.27
N GLY B 344 -12.14 -10.30 23.47
CA GLY B 344 -11.49 -9.60 24.58
C GLY B 344 -10.50 -8.54 24.14
N LEU B 345 -10.63 -8.07 22.89
CA LEU B 345 -9.89 -6.90 22.37
C LEU B 345 -10.91 -5.79 22.00
N TRP B 346 -10.65 -5.02 20.96
CA TRP B 346 -11.35 -3.75 20.74
C TRP B 346 -12.67 -3.97 20.02
N PRO B 347 -13.66 -3.09 20.27
CA PRO B 347 -15.01 -3.25 19.73
C PRO B 347 -15.21 -3.04 18.22
N ILE B 348 -14.23 -2.45 17.52
CA ILE B 348 -14.29 -2.46 16.03
C ILE B 348 -12.91 -2.76 15.44
N PRO B 349 -12.86 -3.39 14.26
CA PRO B 349 -11.59 -3.63 13.59
C PRO B 349 -10.88 -2.28 13.42
N ALA B 350 -9.55 -2.32 13.50
CA ALA B 350 -8.65 -1.23 13.20
C ALA B 350 -8.70 -0.13 14.27
N LEU B 351 -9.35 -0.38 15.41
CA LEU B 351 -9.20 0.55 16.52
C LEU B 351 -7.74 0.47 16.99
N GLY B 352 -7.10 -0.68 16.76
CA GLY B 352 -5.64 -0.77 16.62
C GLY B 352 -5.00 -1.74 17.59
N ILE B 353 -4.16 -2.65 17.05
CA ILE B 353 -3.42 -3.68 17.77
C ILE B 353 -1.95 -3.25 17.82
N GLY B 354 -1.37 -3.23 19.03
CA GLY B 354 0.02 -2.87 19.27
C GLY B 354 0.77 -4.01 19.96
N TYR B 355 2.06 -3.81 20.24
CA TYR B 355 2.91 -4.85 20.81
C TYR B 355 2.33 -5.42 22.11
N GLY B 356 1.80 -4.52 22.96
CA GLY B 356 1.19 -4.88 24.23
C GLY B 356 0.05 -5.89 24.11
N GLU B 357 -0.81 -5.77 23.09
CA GLU B 357 -1.93 -6.71 22.97
C GLU B 357 -1.41 -8.13 22.78
N THR B 358 -0.31 -8.31 22.04
CA THR B 358 0.21 -9.64 21.80
C THR B 358 0.51 -10.29 23.15
N LYS B 359 1.07 -9.49 24.06
CA LYS B 359 1.52 -9.96 25.38
C LYS B 359 0.31 -10.24 26.29
N ILE B 360 -0.73 -9.40 26.15
CA ILE B 360 -2.00 -9.55 26.88
C ILE B 360 -2.62 -10.91 26.53
N ILE B 361 -2.70 -11.22 25.23
CA ILE B 361 -3.37 -12.41 24.72
C ILE B 361 -2.59 -13.63 25.20
N GLU B 362 -1.26 -13.50 25.21
CA GLU B 362 -0.30 -14.53 25.61
C GLU B 362 -0.47 -14.85 27.09
N ALA B 363 -0.56 -13.80 27.92
CA ALA B 363 -0.76 -13.92 29.37
C ALA B 363 -2.08 -14.66 29.66
N HIS B 364 -3.17 -14.15 29.11
CA HIS B 364 -4.45 -14.80 29.16
C HIS B 364 -4.29 -16.31 28.95
N ASP B 365 -3.72 -16.72 27.82
CA ASP B 365 -3.66 -18.13 27.44
C ASP B 365 -2.80 -18.90 28.46
N PHE B 366 -1.78 -18.25 29.03
CA PHE B 366 -0.85 -18.88 29.95
C PHE B 366 -1.56 -19.19 31.28
N PHE B 367 -2.30 -18.18 31.77
CA PHE B 367 -3.03 -18.22 33.03
C PHE B 367 -4.30 -19.06 32.90
N LYS B 368 -4.92 -19.07 31.70
CA LYS B 368 -6.09 -19.93 31.47
C LYS B 368 -5.65 -21.40 31.55
N ALA B 369 -4.40 -21.67 31.16
CA ALA B 369 -3.84 -23.03 31.22
C ALA B 369 -3.59 -23.42 32.68
N ILE B 370 -2.98 -22.52 33.45
CA ILE B 370 -2.65 -22.75 34.85
C ILE B 370 -3.98 -22.96 35.61
N ALA B 371 -4.89 -22.00 35.46
CA ALA B 371 -6.23 -22.05 36.08
C ALA B 371 -6.93 -23.39 35.79
N GLU B 372 -6.74 -23.95 34.60
CA GLU B 372 -7.42 -25.20 34.15
C GLU B 372 -6.59 -26.44 34.46
N GLY B 373 -5.42 -26.27 35.10
CA GLY B 373 -4.40 -27.30 35.10
C GLY B 373 -4.28 -27.97 33.75
N GLY B 374 -4.39 -27.18 32.67
CA GLY B 374 -4.12 -27.59 31.29
C GLY B 374 -2.72 -27.19 30.88
N SER B 375 -2.49 -27.05 29.57
CA SER B 375 -1.18 -26.68 29.02
C SER B 375 -1.36 -25.64 27.90
N VAL B 376 -0.24 -25.15 27.37
CA VAL B 376 -0.24 -23.99 26.46
C VAL B 376 0.78 -24.22 25.33
N SER B 377 0.47 -23.68 24.14
CA SER B 377 1.39 -23.63 22.99
C SER B 377 1.69 -22.17 22.65
N PRO B 378 2.96 -21.83 22.42
CA PRO B 378 4.09 -22.75 22.39
C PRO B 378 4.72 -22.95 23.79
N SER B 379 5.12 -24.20 24.07
CA SER B 379 5.73 -24.60 25.35
C SER B 379 7.25 -24.69 25.16
N PHE B 380 7.95 -25.18 26.20
CA PHE B 380 9.36 -25.48 26.14
C PHE B 380 9.65 -26.59 25.14
N ALA B 381 8.68 -27.47 24.86
CA ALA B 381 8.85 -28.46 23.75
C ALA B 381 9.01 -27.76 22.40
N ASP B 382 8.24 -26.69 22.18
CA ASP B 382 8.30 -25.87 20.96
C ASP B 382 9.57 -25.01 20.93
N GLY B 383 9.96 -24.46 22.09
CA GLY B 383 11.19 -23.72 22.19
C GLY B 383 12.40 -24.59 21.92
N TYR B 384 12.40 -25.80 22.51
CA TYR B 384 13.49 -26.75 22.29
C TYR B 384 13.62 -27.04 20.80
N GLN B 385 12.48 -27.33 20.14
CA GLN B 385 12.44 -27.67 18.72
C GLN B 385 13.12 -26.55 17.91
N VAL B 386 12.75 -25.30 18.23
CA VAL B 386 13.31 -24.10 17.58
C VAL B 386 14.83 -24.08 17.75
N ALA B 387 15.31 -24.33 18.97
CA ALA B 387 16.76 -24.43 19.25
C ALA B 387 17.44 -25.52 18.40
N LEU B 388 16.70 -26.57 17.98
CA LEU B 388 17.27 -27.66 17.15
C LEU B 388 17.35 -27.20 15.70
N ILE B 389 16.33 -26.42 15.28
CA ILE B 389 16.28 -25.89 13.95
C ILE B 389 17.44 -24.92 13.80
N ASP B 390 17.68 -24.10 14.83
CA ASP B 390 18.78 -23.12 14.86
C ASP B 390 20.10 -23.86 14.74
N ASP B 391 20.30 -24.87 15.59
CA ASP B 391 21.53 -25.66 15.58
C ASP B 391 21.75 -26.25 14.18
N ALA B 392 20.68 -26.85 13.62
CA ALA B 392 20.72 -27.48 12.30
C ALA B 392 21.05 -26.45 11.21
N ILE B 393 20.56 -25.21 11.39
CA ILE B 393 20.79 -24.08 10.48
C ILE B 393 22.29 -23.73 10.46
N VAL B 394 22.87 -23.59 11.65
CA VAL B 394 24.29 -23.24 11.85
C VAL B 394 25.18 -24.36 11.28
N GLU B 395 24.81 -25.60 11.62
CA GLU B 395 25.44 -26.80 11.16
C GLU B 395 25.36 -26.86 9.63
N SER B 396 24.19 -26.52 9.08
CA SER B 396 23.98 -26.40 7.62
C SER B 396 24.91 -25.35 7.00
N ALA B 397 24.87 -24.12 7.53
CA ALA B 397 25.65 -23.02 6.99
C ALA B 397 27.14 -23.41 6.92
N ALA B 398 27.66 -24.00 8.00
CA ALA B 398 29.06 -24.51 8.13
C ALA B 398 29.40 -25.56 7.05
N LYS B 399 28.51 -26.54 6.89
CA LYS B 399 28.69 -27.67 5.96
C LYS B 399 28.27 -27.29 4.54
N GLU B 400 27.60 -26.14 4.39
CA GLU B 400 27.01 -25.72 3.11
C GLU B 400 26.25 -26.90 2.49
N SER B 401 25.41 -27.53 3.33
CA SER B 401 24.76 -28.78 3.03
C SER B 401 23.34 -28.77 3.61
N TRP B 402 22.44 -29.54 2.98
CA TRP B 402 21.19 -29.91 3.62
C TRP B 402 21.51 -30.70 4.90
N VAL B 403 20.87 -30.29 6.01
CA VAL B 403 20.91 -30.98 7.29
C VAL B 403 19.48 -31.34 7.68
N ASP B 404 19.29 -32.59 8.12
CA ASP B 404 18.00 -33.02 8.66
C ASP B 404 17.86 -32.43 10.07
N VAL B 405 16.66 -31.92 10.35
CA VAL B 405 16.39 -31.33 11.65
C VAL B 405 16.30 -32.46 12.67
N PRO B 406 17.20 -32.50 13.68
CA PRO B 406 17.06 -33.42 14.81
C PRO B 406 15.67 -33.37 15.46
N GLN B 407 14.66 -33.89 14.74
CA GLN B 407 13.26 -34.05 15.19
C GLN B 407 13.15 -33.84 16.71
N GLN C 22 -13.54 0.19 -44.30
CA GLN C 22 -12.54 -0.42 -43.39
C GLN C 22 -11.44 0.62 -43.07
N ASN C 23 -10.98 1.39 -44.07
CA ASN C 23 -9.88 2.36 -43.88
C ASN C 23 -10.42 3.79 -43.71
N LEU C 24 -10.58 4.21 -42.45
CA LEU C 24 -10.90 5.62 -42.13
C LEU C 24 -9.61 6.45 -42.12
N ASN C 25 -9.61 7.54 -42.88
CA ASN C 25 -8.52 8.53 -42.91
C ASN C 25 -8.69 9.51 -41.75
N VAL C 26 -7.61 9.75 -41.01
CA VAL C 26 -7.62 10.64 -39.85
C VAL C 26 -6.85 11.91 -40.20
N GLY C 27 -7.26 13.01 -39.56
CA GLY C 27 -6.67 14.31 -39.70
C GLY C 27 -6.49 14.95 -38.33
N LEU C 28 -5.43 14.52 -37.64
CA LEU C 28 -5.04 15.06 -36.34
C LEU C 28 -4.59 16.51 -36.55
N ILE C 29 -4.90 17.37 -35.56
CA ILE C 29 -4.50 18.76 -35.58
C ILE C 29 -3.99 19.16 -34.19
N GLY C 30 -2.65 19.25 -34.09
CA GLY C 30 -1.92 19.48 -32.84
C GLY C 30 -0.46 19.03 -32.95
N MET C 34 1.25 16.71 -26.37
CA MET C 34 0.60 15.42 -26.11
C MET C 34 -0.27 15.02 -27.31
N GLY C 35 0.33 15.14 -28.51
CA GLY C 35 -0.25 14.66 -29.77
C GLY C 35 0.34 13.32 -30.14
N LYS C 36 1.31 12.86 -29.34
CA LYS C 36 1.87 11.53 -29.45
C LYS C 36 0.83 10.51 -28.95
N ALA C 37 0.17 10.84 -27.83
CA ALA C 37 -0.83 9.97 -27.19
C ALA C 37 -1.90 9.54 -28.21
N HIS C 38 -2.50 10.54 -28.88
CA HIS C 38 -3.48 10.28 -29.91
C HIS C 38 -2.86 9.45 -31.04
N SER C 39 -1.66 9.80 -31.50
CA SER C 39 -1.04 9.14 -32.67
C SER C 39 -0.77 7.66 -32.34
N LEU C 40 -0.37 7.40 -31.10
CA LEU C 40 -0.15 6.03 -30.60
C LEU C 40 -1.44 5.19 -30.72
N ALA C 41 -2.59 5.79 -30.37
CA ALA C 41 -3.86 5.07 -30.43
C ALA C 41 -4.09 4.58 -31.86
N TYR C 42 -3.98 5.49 -32.82
CA TYR C 42 -4.27 5.21 -34.22
C TYR C 42 -3.28 4.17 -34.77
N ALA C 43 -1.98 4.34 -34.47
CA ALA C 43 -0.99 3.32 -34.82
C ALA C 43 -1.41 1.95 -34.28
N ALA C 44 -1.80 1.91 -32.99
CA ALA C 44 -1.76 0.67 -32.19
C ALA C 44 -3.15 0.05 -31.99
N MET C 45 -4.23 0.78 -32.27
CA MET C 45 -5.60 0.31 -31.94
C MET C 45 -5.90 -1.06 -32.56
N PRO C 46 -5.69 -1.29 -33.87
CA PRO C 46 -5.93 -2.60 -34.48
C PRO C 46 -5.06 -3.79 -34.04
N MET C 47 -3.88 -3.52 -33.44
CA MET C 47 -3.04 -4.59 -32.90
C MET C 47 -3.69 -5.22 -31.66
N PHE C 48 -4.39 -4.40 -30.88
CA PHE C 48 -4.98 -4.80 -29.61
C PHE C 48 -6.35 -5.43 -29.86
N PHE C 49 -7.27 -4.63 -30.42
CA PHE C 49 -8.63 -5.03 -30.76
C PHE C 49 -8.70 -5.52 -32.21
N TRP C 50 -8.80 -6.84 -32.36
CA TRP C 50 -8.78 -7.51 -33.64
C TRP C 50 -9.78 -8.67 -33.65
N PRO C 51 -10.70 -8.68 -34.63
CA PRO C 51 -10.66 -7.80 -35.80
C PRO C 51 -10.96 -6.35 -35.44
N ALA C 52 -10.37 -5.42 -36.19
CA ALA C 52 -10.51 -3.99 -35.91
C ALA C 52 -11.83 -3.49 -36.48
N PRO C 53 -12.52 -2.55 -35.80
CA PRO C 53 -13.75 -1.98 -36.37
C PRO C 53 -13.40 -1.35 -37.72
N ALA C 54 -12.25 -0.66 -37.77
CA ALA C 54 -11.79 0.03 -38.96
C ALA C 54 -10.33 0.46 -38.80
N LEU C 55 -9.50 0.17 -39.81
CA LEU C 55 -8.05 0.50 -39.84
C LEU C 55 -7.86 2.02 -39.93
N PRO C 56 -7.33 2.67 -38.87
CA PRO C 56 -7.01 4.10 -38.93
C PRO C 56 -5.82 4.42 -39.84
N VAL C 57 -5.88 5.62 -40.44
CA VAL C 57 -4.87 6.14 -41.33
C VAL C 57 -4.47 7.52 -40.82
N ARG C 58 -3.22 7.63 -40.38
CA ARG C 58 -2.63 8.90 -40.03
C ARG C 58 -2.30 9.66 -41.33
N LYS C 59 -3.28 10.40 -41.86
CA LYS C 59 -3.18 10.96 -43.20
C LYS C 59 -2.55 12.35 -43.15
N VAL C 60 -3.08 13.24 -42.30
CA VAL C 60 -2.66 14.65 -42.28
C VAL C 60 -2.53 15.11 -40.82
N ILE C 61 -1.71 16.14 -40.60
CA ILE C 61 -1.59 16.78 -39.30
C ILE C 61 -1.25 18.25 -39.47
N ALA C 62 -1.86 19.10 -38.63
CA ALA C 62 -1.67 20.54 -38.66
C ALA C 62 -0.96 21.00 -37.38
N GLU C 63 -0.05 21.97 -37.53
CA GLU C 63 0.53 22.68 -36.39
C GLU C 63 0.58 24.16 -36.77
N ALA C 64 1.17 24.98 -35.89
CA ALA C 64 1.17 26.43 -35.98
C ALA C 64 2.09 26.96 -37.09
N ASN C 65 2.86 26.08 -37.74
CA ASN C 65 3.67 26.45 -38.91
C ASN C 65 4.05 25.18 -39.64
N PRO C 66 4.47 25.25 -40.94
CA PRO C 66 4.60 24.05 -41.77
C PRO C 66 5.84 23.18 -41.46
N GLU C 67 6.86 23.77 -40.82
CA GLU C 67 8.10 23.07 -40.49
C GLU C 67 7.85 22.16 -39.27
N LEU C 68 7.30 22.78 -38.22
CA LEU C 68 6.84 22.07 -37.03
C LEU C 68 5.85 20.98 -37.43
N ALA C 69 4.97 21.32 -38.38
CA ALA C 69 3.95 20.42 -38.86
C ALA C 69 4.58 19.27 -39.65
N ALA C 70 5.70 19.53 -40.32
CA ALA C 70 6.44 18.50 -41.06
C ALA C 70 7.28 17.67 -40.08
N GLU C 71 7.75 18.32 -39.01
CA GLU C 71 8.40 17.61 -37.91
C GLU C 71 7.41 16.61 -37.32
N ALA C 72 6.22 17.13 -36.94
CA ALA C 72 5.14 16.35 -36.32
C ALA C 72 4.83 15.12 -37.19
N ALA C 73 4.78 15.34 -38.50
CA ALA C 73 4.41 14.34 -39.46
C ALA C 73 5.46 13.21 -39.52
N ARG C 74 6.74 13.56 -39.45
CA ARG C 74 7.80 12.56 -39.48
C ARG C 74 7.77 11.77 -38.17
N ARG C 75 7.72 12.49 -37.03
CA ARG C 75 7.72 11.89 -35.69
C ARG C 75 6.55 10.93 -35.53
N PHE C 76 5.31 11.41 -35.79
CA PHE C 76 4.06 10.66 -35.46
C PHE C 76 3.57 9.86 -36.66
N GLY C 77 4.21 10.05 -37.82
CA GLY C 77 4.05 9.19 -38.97
C GLY C 77 2.73 9.43 -39.71
N PHE C 78 2.41 10.71 -39.93
CA PHE C 78 1.34 11.11 -40.83
C PHE C 78 1.90 11.22 -42.25
N GLU C 79 1.07 10.86 -43.24
CA GLU C 79 1.44 10.85 -44.65
C GLU C 79 1.76 12.27 -45.13
N ASN C 80 1.05 13.27 -44.61
CA ASN C 80 1.03 14.64 -45.19
C ASN C 80 0.91 15.65 -44.05
N SER C 81 1.31 16.91 -44.30
CA SER C 81 1.30 17.96 -43.26
C SER C 81 0.88 19.33 -43.81
N THR C 82 0.45 20.21 -42.90
CA THR C 82 -0.01 21.57 -43.20
C THR C 82 0.11 22.47 -41.97
N SER C 83 0.23 23.77 -42.22
CA SER C 83 0.18 24.78 -41.16
C SER C 83 -1.21 25.42 -41.07
N ASP C 84 -2.04 25.22 -42.11
CA ASP C 84 -3.39 25.78 -42.13
C ASP C 84 -4.36 24.62 -41.91
N TRP C 85 -5.02 24.63 -40.75
CA TRP C 85 -5.87 23.53 -40.29
C TRP C 85 -7.19 23.45 -41.08
N ARG C 86 -7.62 24.56 -41.67
CA ARG C 86 -8.84 24.60 -42.50
C ARG C 86 -8.72 23.60 -43.65
N SER C 87 -7.49 23.41 -44.14
CA SER C 87 -7.15 22.48 -45.22
C SER C 87 -7.80 21.10 -45.02
N ILE C 88 -7.74 20.58 -43.79
CA ILE C 88 -8.09 19.18 -43.51
C ILE C 88 -9.61 19.00 -43.60
N ILE C 89 -10.36 19.98 -43.11
CA ILE C 89 -11.82 20.02 -43.28
C ILE C 89 -12.14 20.07 -44.78
N ASP C 90 -11.47 21.00 -45.48
CA ASP C 90 -11.67 21.30 -46.89
C ASP C 90 -11.43 20.05 -47.75
N ASP C 91 -10.52 19.17 -47.30
CA ASP C 91 -10.30 17.88 -47.94
C ASP C 91 -11.55 17.03 -47.77
N PRO C 92 -12.14 16.47 -48.86
CA PRO C 92 -13.26 15.53 -48.74
C PRO C 92 -12.86 14.08 -48.42
N ASP C 93 -11.62 13.69 -48.75
CA ASP C 93 -11.18 12.30 -48.64
C ASP C 93 -10.86 11.95 -47.18
N ILE C 94 -10.74 12.96 -46.31
CA ILE C 94 -10.75 12.74 -44.86
C ILE C 94 -12.04 12.01 -44.46
N HIS C 95 -12.02 11.43 -43.26
CA HIS C 95 -13.21 10.93 -42.62
C HIS C 95 -13.29 11.43 -41.16
N VAL C 96 -12.17 11.36 -40.43
CA VAL C 96 -12.12 11.66 -38.99
C VAL C 96 -11.28 12.92 -38.72
N VAL C 97 -11.77 13.77 -37.82
CA VAL C 97 -11.04 14.94 -37.33
C VAL C 97 -10.77 14.79 -35.83
N ASP C 98 -9.51 15.05 -35.40
CA ASP C 98 -9.02 14.85 -34.03
C ASP C 98 -8.40 16.16 -33.54
N ILE C 99 -9.08 16.82 -32.60
CA ILE C 99 -8.77 18.18 -32.19
C ILE C 99 -7.94 18.11 -30.89
N ALA C 100 -6.62 18.30 -31.03
CA ALA C 100 -5.72 18.26 -29.91
C ALA C 100 -5.06 19.63 -29.75
N THR C 101 -5.83 20.68 -30.01
CA THR C 101 -5.37 22.05 -29.89
C THR C 101 -5.54 22.49 -28.44
N PRO C 102 -4.96 23.63 -28.02
CA PRO C 102 -5.34 24.25 -26.76
C PRO C 102 -6.85 24.63 -26.78
N ASN C 103 -7.31 25.22 -25.66
CA ASN C 103 -8.73 25.22 -25.34
C ASN C 103 -9.49 26.31 -26.11
N HIS C 104 -8.78 27.31 -26.62
CA HIS C 104 -9.39 28.44 -27.33
C HIS C 104 -9.94 28.04 -28.71
N LEU C 105 -9.52 26.89 -29.28
CA LEU C 105 -9.74 26.64 -30.72
C LEU C 105 -10.63 25.42 -30.97
N HIS C 106 -11.13 24.77 -29.92
CA HIS C 106 -11.91 23.53 -30.09
C HIS C 106 -13.15 23.79 -30.98
N ALA C 107 -13.94 24.80 -30.59
CA ALA C 107 -15.27 25.09 -31.18
C ALA C 107 -15.14 25.53 -32.65
N GLU C 108 -14.25 26.50 -32.91
CA GLU C 108 -13.97 26.95 -34.27
C GLU C 108 -13.76 25.73 -35.17
N ILE C 109 -12.87 24.82 -34.74
CA ILE C 109 -12.51 23.63 -35.53
C ILE C 109 -13.65 22.60 -35.49
N ALA C 110 -14.36 22.51 -34.36
CA ALA C 110 -15.45 21.56 -34.19
C ALA C 110 -16.64 21.92 -35.08
N ILE C 111 -17.10 23.18 -34.99
CA ILE C 111 -18.22 23.71 -35.77
C ILE C 111 -17.92 23.52 -37.27
N ALA C 112 -16.77 24.04 -37.70
CA ALA C 112 -16.32 23.99 -39.10
C ALA C 112 -16.30 22.53 -39.59
N ALA C 113 -15.77 21.62 -38.76
CA ALA C 113 -15.68 20.20 -39.10
C ALA C 113 -17.07 19.55 -39.16
N ALA C 114 -18.00 20.05 -38.33
CA ALA C 114 -19.36 19.52 -38.28
C ALA C 114 -20.06 19.77 -39.62
N GLU C 115 -20.07 21.04 -40.05
CA GLU C 115 -20.69 21.47 -41.31
C GLU C 115 -20.19 20.63 -42.50
N ALA C 116 -18.97 20.08 -42.39
CA ALA C 116 -18.37 19.30 -43.48
C ALA C 116 -18.76 17.81 -43.36
N GLY C 117 -19.58 17.46 -42.37
CA GLY C 117 -20.02 16.07 -42.16
C GLY C 117 -18.89 15.16 -41.72
N LYS C 118 -17.98 15.73 -40.90
CA LYS C 118 -16.77 15.07 -40.41
C LYS C 118 -17.04 14.36 -39.08
N HIS C 119 -16.69 13.08 -38.99
CA HIS C 119 -16.61 12.37 -37.70
C HIS C 119 -15.54 13.06 -36.84
N ILE C 120 -15.85 13.30 -35.55
CA ILE C 120 -15.02 14.18 -34.69
C ILE C 120 -14.76 13.53 -33.31
N ILE C 121 -13.52 13.71 -32.86
CA ILE C 121 -13.12 13.62 -31.47
C ILE C 121 -12.41 14.92 -31.12
N CYS C 122 -12.70 15.48 -29.94
CA CYS C 122 -12.08 16.71 -29.49
C CYS C 122 -11.65 16.53 -28.03
N GLU C 123 -10.54 17.16 -27.64
CA GLU C 123 -9.96 17.05 -26.29
C GLU C 123 -10.85 17.76 -25.26
N LYS C 124 -10.56 17.54 -23.98
CA LYS C 124 -11.22 18.29 -22.89
C LYS C 124 -10.41 19.55 -22.57
N PRO C 125 -11.04 20.50 -21.87
CA PRO C 125 -12.49 20.61 -21.76
C PRO C 125 -13.03 20.96 -23.16
N LEU C 126 -14.34 20.77 -23.37
CA LEU C 126 -14.89 20.96 -24.71
C LEU C 126 -14.50 22.33 -25.24
N ALA C 127 -14.64 23.36 -24.41
CA ALA C 127 -14.24 24.70 -24.79
C ALA C 127 -13.93 25.50 -23.52
N ARG C 128 -13.73 26.82 -23.68
CA ARG C 128 -13.44 27.68 -22.55
C ARG C 128 -14.67 27.80 -21.63
N THR C 129 -15.87 27.82 -22.20
CA THR C 129 -17.13 28.03 -21.42
C THR C 129 -18.24 27.13 -21.95
N GLY C 130 -19.34 27.09 -21.18
CA GLY C 130 -20.57 26.41 -21.55
C GLY C 130 -21.14 26.95 -22.85
N GLU C 131 -21.20 28.27 -22.99
CA GLU C 131 -21.75 28.88 -24.21
C GLU C 131 -20.91 28.43 -25.41
N GLU C 132 -19.59 28.64 -25.32
CA GLU C 132 -18.67 28.21 -26.37
C GLU C 132 -18.99 26.75 -26.73
N SER C 133 -19.24 25.94 -25.70
CA SER C 133 -19.50 24.51 -25.82
C SER C 133 -20.88 24.26 -26.44
N LYS C 134 -21.85 25.13 -26.14
CA LYS C 134 -23.23 25.04 -26.67
C LYS C 134 -23.21 24.99 -28.20
N ALA C 135 -22.43 25.89 -28.80
CA ALA C 135 -22.29 25.93 -30.25
C ALA C 135 -22.00 24.51 -30.75
N MET C 136 -20.90 23.95 -30.25
CA MET C 136 -20.34 22.66 -30.68
C MET C 136 -21.42 21.58 -30.63
N TYR C 137 -22.21 21.60 -29.54
CA TYR C 137 -23.29 20.64 -29.35
C TYR C 137 -24.30 20.74 -30.51
N ASP C 138 -24.77 21.96 -30.80
CA ASP C 138 -25.82 22.18 -31.81
C ASP C 138 -25.29 21.85 -33.22
N ALA C 139 -24.06 22.32 -33.50
CA ALA C 139 -23.39 22.05 -34.77
C ALA C 139 -23.49 20.57 -35.15
N VAL C 140 -23.41 19.68 -34.14
CA VAL C 140 -23.29 18.23 -34.38
C VAL C 140 -24.61 17.48 -34.08
N LYS C 141 -25.38 17.95 -33.09
CA LYS C 141 -26.57 17.22 -32.58
C LYS C 141 -27.51 16.85 -33.73
N ASP C 142 -27.56 17.68 -34.79
CA ASP C 142 -28.45 17.46 -35.90
C ASP C 142 -27.84 16.46 -36.89
N LYS C 143 -26.50 16.45 -37.02
CA LYS C 143 -25.80 15.85 -38.20
C LYS C 143 -25.71 14.32 -38.10
N ASN C 144 -25.07 13.68 -39.09
CA ASN C 144 -25.07 12.22 -39.28
C ASN C 144 -23.72 11.62 -38.85
N ILE C 145 -23.17 12.14 -37.75
CA ILE C 145 -21.76 11.99 -37.41
C ILE C 145 -21.59 11.47 -35.98
N VAL C 146 -20.55 10.64 -35.77
CA VAL C 146 -20.07 10.24 -34.46
C VAL C 146 -19.27 11.42 -33.87
N HIS C 147 -19.66 11.87 -32.67
CA HIS C 147 -19.00 12.98 -31.96
C HIS C 147 -18.66 12.53 -30.53
N MET C 148 -17.48 12.96 -30.08
CA MET C 148 -16.86 12.48 -28.85
C MET C 148 -15.97 13.57 -28.26
N VAL C 149 -15.95 13.65 -26.92
CA VAL C 149 -14.97 14.43 -26.17
C VAL C 149 -14.00 13.43 -25.52
N ALA C 150 -12.79 13.86 -25.16
CA ALA C 150 -11.65 12.95 -24.84
C ALA C 150 -11.53 12.68 -23.33
N PHE C 151 -12.58 12.09 -22.76
CA PHE C 151 -12.57 11.53 -21.40
C PHE C 151 -12.15 10.06 -21.53
N ASN C 152 -10.82 9.91 -21.51
CA ASN C 152 -10.10 8.68 -21.81
C ASN C 152 -9.94 7.85 -20.54
N TYR C 153 -9.76 8.55 -19.43
CA TYR C 153 -9.52 7.97 -18.14
C TYR C 153 -10.69 7.08 -17.71
N ARG C 154 -11.89 7.34 -18.22
CA ARG C 154 -13.06 6.53 -17.85
C ARG C 154 -12.99 5.16 -18.54
N ARG C 155 -12.13 5.07 -19.57
CA ARG C 155 -11.88 3.83 -20.28
C ARG C 155 -10.67 3.08 -19.70
N THR C 156 -10.08 3.55 -18.58
CA THR C 156 -9.18 2.72 -17.79
C THR C 156 -9.94 1.45 -17.39
N PRO C 157 -9.45 0.23 -17.73
CA PRO C 157 -10.17 -1.01 -17.42
C PRO C 157 -10.73 -1.14 -16.00
N ALA C 158 -10.02 -0.58 -15.02
CA ALA C 158 -10.45 -0.62 -13.63
C ALA C 158 -11.73 0.19 -13.43
N VAL C 159 -11.83 1.34 -14.11
CA VAL C 159 -13.00 2.19 -13.96
C VAL C 159 -14.18 1.54 -14.66
N ALA C 160 -13.91 0.86 -15.78
CA ALA C 160 -14.92 0.12 -16.57
C ALA C 160 -15.41 -1.12 -15.79
N LEU C 161 -14.55 -1.67 -14.93
CA LEU C 161 -14.86 -2.81 -14.10
C LEU C 161 -15.78 -2.38 -12.96
N ALA C 162 -15.52 -1.16 -12.47
CA ALA C 162 -16.26 -0.59 -11.36
C ALA C 162 -17.70 -0.28 -11.80
N LYS C 163 -17.90 0.01 -13.10
CA LYS C 163 -19.23 0.11 -13.73
C LYS C 163 -19.90 -1.26 -13.72
N LYS C 164 -19.25 -2.26 -14.32
CA LYS C 164 -19.79 -3.61 -14.35
C LYS C 164 -20.33 -3.95 -12.95
N TYR C 165 -19.61 -3.52 -11.91
CA TYR C 165 -19.94 -3.86 -10.53
C TYR C 165 -21.21 -3.11 -10.11
N ILE C 166 -21.22 -1.80 -10.36
CA ILE C 166 -22.31 -0.93 -9.92
C ILE C 166 -23.61 -1.29 -10.68
N GLU C 167 -23.49 -1.69 -11.94
CA GLU C 167 -24.66 -1.82 -12.79
C GLU C 167 -25.35 -3.16 -12.54
N GLU C 168 -24.65 -4.13 -11.94
CA GLU C 168 -25.28 -5.43 -11.66
C GLU C 168 -25.77 -5.43 -10.20
N GLY C 169 -25.78 -4.25 -9.58
CA GLY C 169 -26.29 -4.06 -8.24
C GLY C 169 -25.35 -4.62 -7.18
N ALA C 170 -24.12 -4.94 -7.57
CA ALA C 170 -23.17 -5.70 -6.75
C ALA C 170 -22.69 -4.88 -5.55
N ILE C 171 -22.88 -3.55 -5.60
CA ILE C 171 -22.58 -2.64 -4.49
C ILE C 171 -23.86 -1.99 -3.95
N GLY C 172 -25.01 -2.44 -4.47
CA GLY C 172 -26.31 -1.86 -4.12
C GLY C 172 -26.50 -0.50 -4.78
N ARG C 173 -27.21 0.40 -4.09
CA ARG C 173 -27.50 1.73 -4.64
C ARG C 173 -26.55 2.73 -3.98
N ILE C 174 -26.07 3.68 -4.78
CA ILE C 174 -24.94 4.50 -4.43
C ILE C 174 -25.38 5.61 -3.49
N LEU C 175 -24.61 5.81 -2.41
CA LEU C 175 -24.89 6.82 -1.40
C LEU C 175 -24.00 8.04 -1.66
N SER C 176 -22.68 7.83 -1.52
CA SER C 176 -21.71 8.90 -1.47
C SER C 176 -20.70 8.77 -2.61
N PHE C 177 -19.78 9.75 -2.70
CA PHE C 177 -18.79 9.84 -3.79
C PHE C 177 -17.68 10.83 -3.39
N ARG C 178 -16.43 10.43 -3.63
CA ARG C 178 -15.28 11.30 -3.37
C ARG C 178 -14.25 11.11 -4.49
N GLY C 179 -14.40 11.88 -5.57
CA GLY C 179 -13.42 12.01 -6.64
C GLY C 179 -12.39 13.09 -6.32
N THR C 180 -11.13 12.86 -6.73
CA THR C 180 -10.07 13.87 -6.66
C THR C 180 -9.23 13.83 -7.94
N TYR C 181 -8.39 14.84 -8.09
CA TYR C 181 -7.34 14.86 -9.09
C TYR C 181 -6.25 15.81 -8.60
N LEU C 182 -5.23 15.27 -7.92
CA LEU C 182 -4.18 16.08 -7.29
C LEU C 182 -2.89 15.93 -8.09
N GLN C 183 -2.35 17.08 -8.54
CA GLN C 183 -1.12 17.15 -9.29
C GLN C 183 -0.19 18.11 -8.57
N ASP C 184 1.08 18.16 -9.01
CA ASP C 184 2.09 19.00 -8.37
C ASP C 184 3.08 19.60 -9.38
N TRP C 185 2.79 19.52 -10.69
CA TRP C 185 3.80 19.77 -11.72
C TRP C 185 4.15 21.27 -11.82
N SER C 186 3.25 22.15 -11.37
CA SER C 186 3.52 23.58 -11.32
C SER C 186 3.44 24.11 -9.88
N ALA C 187 3.83 23.29 -8.90
CA ALA C 187 3.79 23.70 -7.51
C ALA C 187 5.00 24.58 -7.17
N ASP C 188 6.01 24.58 -8.05
CA ASP C 188 7.07 25.58 -7.99
C ASP C 188 6.50 26.87 -8.59
N PRO C 189 6.56 28.04 -7.89
CA PRO C 189 6.19 29.32 -8.50
C PRO C 189 7.01 29.70 -9.76
N ASN C 190 8.14 29.01 -9.99
CA ASN C 190 9.05 29.29 -11.11
C ASN C 190 8.67 28.49 -12.36
N SER C 191 7.77 27.52 -12.24
CA SER C 191 7.26 26.85 -13.41
C SER C 191 6.57 27.91 -14.28
N PRO C 192 6.85 28.00 -15.60
CA PRO C 192 6.49 29.19 -16.37
C PRO C 192 4.97 29.28 -16.61
N LEU C 193 4.53 30.44 -17.10
CA LEU C 193 3.14 30.75 -17.32
C LEU C 193 2.76 30.27 -18.73
N SER C 194 2.49 28.96 -18.87
CA SER C 194 2.03 28.41 -20.14
C SER C 194 0.55 28.76 -20.36
N TRP C 195 -0.05 28.21 -21.41
CA TRP C 195 -1.38 28.61 -21.83
C TRP C 195 -2.44 28.09 -20.83
N ARG C 196 -2.11 27.01 -20.10
CA ARG C 196 -3.02 26.37 -19.15
C ARG C 196 -3.32 27.31 -17.96
N PHE C 197 -2.59 28.42 -17.89
CA PHE C 197 -2.65 29.39 -16.81
C PHE C 197 -3.22 30.75 -17.27
N GLN C 198 -3.91 30.78 -18.43
CA GLN C 198 -4.49 32.02 -19.00
C GLN C 198 -5.95 31.80 -19.37
N LYS C 199 -6.86 32.50 -18.66
CA LYS C 199 -8.33 32.37 -18.86
C LYS C 199 -8.66 32.66 -20.34
N SER C 200 -7.94 33.65 -20.89
CA SER C 200 -7.88 34.00 -22.30
C SER C 200 -7.96 32.76 -23.20
N ILE C 201 -7.18 31.72 -22.87
CA ILE C 201 -7.01 30.55 -23.75
C ILE C 201 -7.47 29.25 -23.06
N ALA C 202 -7.09 29.04 -21.80
CA ALA C 202 -7.44 27.80 -21.05
C ALA C 202 -8.93 27.76 -20.67
N GLY C 203 -9.55 28.93 -20.54
CA GLY C 203 -10.91 29.04 -20.02
C GLY C 203 -10.87 29.11 -18.51
N SER C 204 -10.64 27.96 -17.87
CA SER C 204 -10.37 27.86 -16.43
C SER C 204 -8.95 27.27 -16.23
N GLY C 205 -8.61 27.02 -14.97
CA GLY C 205 -7.37 26.35 -14.57
C GLY C 205 -7.58 24.88 -14.28
N ALA C 206 -7.40 24.48 -13.02
CA ALA C 206 -7.54 23.08 -12.60
C ALA C 206 -8.95 22.56 -12.93
N LEU C 207 -9.95 23.44 -12.85
CA LEU C 207 -11.34 23.06 -13.07
C LEU C 207 -11.51 22.42 -14.47
N GLY C 208 -11.16 23.17 -15.51
CA GLY C 208 -11.27 22.70 -16.89
C GLY C 208 -10.18 21.69 -17.25
N ASP C 209 -8.95 21.94 -16.79
CA ASP C 209 -7.81 21.08 -17.15
C ASP C 209 -8.06 19.64 -16.66
N ILE C 210 -8.26 19.46 -15.35
CA ILE C 210 -8.23 18.10 -14.78
C ILE C 210 -9.55 17.72 -14.09
N ALA C 211 -10.14 18.63 -13.29
CA ALA C 211 -11.42 18.37 -12.57
C ALA C 211 -12.49 17.87 -13.54
N THR C 212 -12.39 18.32 -14.79
CA THR C 212 -13.26 17.93 -15.84
C THR C 212 -13.28 16.40 -16.00
N HIS C 213 -12.15 15.71 -15.77
CA HIS C 213 -12.07 14.25 -15.99
C HIS C 213 -12.81 13.49 -14.87
N VAL C 214 -12.81 14.08 -13.68
CA VAL C 214 -13.44 13.48 -12.52
C VAL C 214 -14.96 13.65 -12.62
N ILE C 215 -15.39 14.83 -13.06
CA ILE C 215 -16.80 15.14 -13.21
C ILE C 215 -17.44 14.12 -14.17
N ASP C 216 -16.75 13.80 -15.25
CA ASP C 216 -17.21 12.79 -16.22
C ASP C 216 -17.29 11.40 -15.56
N MET C 217 -16.31 11.08 -14.71
CA MET C 217 -16.31 9.79 -13.97
C MET C 217 -17.56 9.73 -13.08
N ALA C 218 -17.79 10.77 -12.27
CA ALA C 218 -19.00 10.91 -11.44
C ALA C 218 -20.25 10.59 -12.27
N ARG C 219 -20.39 11.24 -13.42
CA ARG C 219 -21.57 11.11 -14.27
C ARG C 219 -21.75 9.66 -14.76
N TYR C 220 -20.64 8.98 -15.03
CA TYR C 220 -20.62 7.65 -15.66
C TYR C 220 -20.80 6.53 -14.61
N LEU C 221 -20.62 6.87 -13.33
CA LEU C 221 -20.55 5.88 -12.26
C LEU C 221 -21.75 6.04 -11.32
N VAL C 222 -22.00 7.26 -10.82
CA VAL C 222 -23.17 7.55 -9.95
C VAL C 222 -24.30 8.17 -10.80
N GLY C 223 -24.13 9.39 -11.33
CA GLY C 223 -25.10 9.92 -12.30
C GLY C 223 -24.98 11.42 -12.51
N GLU C 224 -26.04 12.01 -13.08
CA GLU C 224 -26.12 13.42 -13.40
C GLU C 224 -26.02 14.27 -12.13
N PHE C 225 -25.42 15.46 -12.26
CA PHE C 225 -25.37 16.42 -11.16
C PHE C 225 -26.70 17.18 -11.07
N SER C 226 -27.02 17.65 -9.86
CA SER C 226 -28.26 18.37 -9.54
C SER C 226 -27.94 19.79 -9.07
N ALA C 227 -26.96 19.91 -8.17
CA ALA C 227 -26.46 21.20 -7.70
C ALA C 227 -25.08 21.03 -7.04
N VAL C 228 -24.33 22.14 -7.00
CA VAL C 228 -22.93 22.15 -6.62
C VAL C 228 -22.68 23.39 -5.77
N ASN C 229 -21.64 23.36 -4.92
CA ASN C 229 -21.25 24.55 -4.12
C ASN C 229 -19.75 24.44 -3.77
N ALA C 230 -18.99 25.50 -4.13
CA ALA C 230 -17.56 25.37 -4.46
C ALA C 230 -16.70 26.53 -3.92
N VAL C 231 -15.44 26.22 -3.65
CA VAL C 231 -14.41 27.17 -3.28
C VAL C 231 -13.23 27.03 -4.26
N LEU C 232 -13.24 27.84 -5.32
CA LEU C 232 -12.08 27.95 -6.22
C LEU C 232 -10.96 28.68 -5.47
N SER C 233 -9.71 28.38 -5.84
CA SER C 233 -8.55 29.00 -5.22
C SER C 233 -7.45 29.19 -6.25
N THR C 234 -6.51 30.09 -5.91
CA THR C 234 -5.28 30.38 -6.65
C THR C 234 -4.17 30.64 -5.62
N TRP C 235 -3.12 29.80 -5.65
CA TRP C 235 -2.01 29.92 -4.71
C TRP C 235 -0.79 30.55 -5.41
N ILE C 236 -0.77 30.52 -6.74
CA ILE C 236 0.34 31.11 -7.53
C ILE C 236 -0.16 32.31 -8.34
N PRO C 237 0.13 33.56 -7.91
CA PRO C 237 -0.47 34.74 -8.53
C PRO C 237 0.20 35.13 -9.86
N GLU C 238 1.54 35.07 -9.86
CA GLU C 238 2.38 35.37 -11.02
C GLU C 238 3.39 34.24 -11.23
N ARG C 239 3.59 33.89 -12.52
CA ARG C 239 4.60 32.95 -12.99
C ARG C 239 5.41 33.59 -14.13
N PRO C 240 6.68 33.17 -14.36
CA PRO C 240 7.48 33.66 -15.49
C PRO C 240 6.96 33.40 -16.91
N LEU C 241 7.66 33.97 -17.90
CA LEU C 241 7.33 33.85 -19.31
C LEU C 241 8.53 33.25 -20.06
N LYS C 259 7.62 38.31 -16.03
CA LYS C 259 6.78 37.72 -14.98
C LYS C 259 5.37 38.31 -15.05
N GLY C 260 4.38 37.49 -15.45
CA GLY C 260 2.99 37.93 -15.66
C GLY C 260 2.02 37.35 -14.62
N PRO C 261 0.72 37.70 -14.66
CA PRO C 261 -0.29 37.15 -13.75
C PRO C 261 -1.02 35.87 -14.21
N VAL C 262 -1.27 34.95 -13.26
CA VAL C 262 -2.23 33.86 -13.43
C VAL C 262 -3.62 34.38 -13.03
N ASP C 263 -4.62 34.09 -13.88
CA ASP C 263 -5.96 34.62 -13.70
C ASP C 263 -6.97 33.46 -13.73
N VAL C 264 -6.56 32.31 -13.17
CA VAL C 264 -7.36 31.07 -13.16
C VAL C 264 -7.17 30.34 -11.82
N ASP C 265 -8.03 29.34 -11.61
CA ASP C 265 -8.03 28.46 -10.42
C ASP C 265 -6.85 27.48 -10.46
N ASP C 266 -6.09 27.43 -9.35
CA ASP C 266 -5.12 26.35 -9.08
C ASP C 266 -5.85 25.15 -8.47
N GLU C 267 -6.88 25.41 -7.66
CA GLU C 267 -7.56 24.36 -6.93
C GLU C 267 -9.06 24.65 -6.80
N VAL C 268 -9.85 23.59 -6.95
CA VAL C 268 -11.29 23.62 -6.85
C VAL C 268 -11.75 22.45 -5.97
N MET C 269 -12.60 22.74 -4.96
CA MET C 269 -13.46 21.74 -4.33
C MET C 269 -14.91 22.15 -4.55
N THR C 270 -15.74 21.21 -5.03
CA THR C 270 -17.17 21.38 -5.10
C THR C 270 -17.85 20.28 -4.28
N MET C 271 -19.00 20.62 -3.68
CA MET C 271 -19.91 19.64 -3.13
C MET C 271 -20.95 19.33 -4.19
N ILE C 272 -21.62 18.19 -4.07
CA ILE C 272 -22.48 17.73 -5.14
C ILE C 272 -23.70 17.01 -4.55
N ARG C 273 -24.86 17.29 -5.15
CA ARG C 273 -26.07 16.50 -5.01
C ARG C 273 -26.41 15.92 -6.39
N PHE C 274 -26.71 14.62 -6.45
CA PHE C 274 -26.90 13.92 -7.72
C PHE C 274 -28.40 13.77 -7.98
N ALA C 275 -28.74 13.63 -9.26
CA ALA C 275 -30.11 13.51 -9.71
C ALA C 275 -30.76 12.28 -9.05
N ASN C 276 -29.99 11.21 -8.89
CA ASN C 276 -30.48 9.96 -8.33
C ASN C 276 -30.69 10.07 -6.82
N GLY C 277 -30.17 11.13 -6.19
CA GLY C 277 -30.34 11.37 -4.74
C GLY C 277 -29.03 11.23 -3.96
N ALA C 278 -28.00 10.68 -4.60
CA ALA C 278 -26.71 10.48 -3.96
C ALA C 278 -26.04 11.82 -3.65
N VAL C 279 -25.01 11.75 -2.80
CA VAL C 279 -24.24 12.88 -2.32
C VAL C 279 -22.78 12.68 -2.79
N GLY C 280 -21.97 13.74 -2.80
CA GLY C 280 -20.57 13.65 -3.21
C GLY C 280 -19.82 14.96 -3.10
N SER C 281 -18.47 14.87 -3.10
CA SER C 281 -17.54 16.01 -3.17
C SER C 281 -16.38 15.69 -4.11
N VAL C 282 -15.78 16.73 -4.72
CA VAL C 282 -14.67 16.63 -5.67
C VAL C 282 -13.68 17.79 -5.44
N GLU C 283 -12.39 17.47 -5.45
CA GLU C 283 -11.29 18.37 -5.12
C GLU C 283 -10.10 18.12 -6.08
N ALA C 284 -9.89 19.04 -7.03
CA ALA C 284 -8.80 18.97 -8.02
C ALA C 284 -7.81 20.10 -7.79
N THR C 285 -6.50 19.78 -7.75
CA THR C 285 -5.49 20.81 -7.53
C THR C 285 -4.27 20.62 -8.46
N ARG C 286 -3.37 21.60 -8.39
CA ARG C 286 -2.12 21.62 -9.11
C ARG C 286 -0.97 21.76 -8.10
N ASN C 287 -1.31 21.83 -6.80
CA ASN C 287 -0.39 22.35 -5.77
C ASN C 287 -0.27 21.39 -4.59
N ALA C 288 -0.50 20.08 -4.87
CA ALA C 288 -0.33 18.98 -3.92
C ALA C 288 1.01 18.29 -4.14
N HIS C 289 2.07 18.81 -3.53
CA HIS C 289 3.35 18.13 -3.52
C HIS C 289 3.17 16.65 -3.22
N GLY C 290 3.81 15.79 -4.01
CA GLY C 290 3.84 14.34 -3.80
C GLY C 290 2.71 13.63 -4.51
N ARG C 291 1.82 14.41 -5.12
CA ARG C 291 0.77 13.93 -6.00
C ARG C 291 1.10 14.34 -7.45
N ASN C 292 0.99 13.35 -8.37
CA ASN C 292 1.55 13.46 -9.73
C ASN C 292 0.41 13.39 -10.76
N ASN C 293 -0.35 12.30 -10.72
CA ASN C 293 -1.47 12.09 -11.61
C ASN C 293 -2.52 11.30 -10.82
N TYR C 294 -2.73 11.77 -9.58
CA TYR C 294 -3.59 11.16 -8.55
C TYR C 294 -5.08 11.44 -8.83
N ILE C 295 -5.68 10.57 -9.63
CA ILE C 295 -7.11 10.54 -9.91
C ILE C 295 -7.73 9.46 -9.01
N THR C 296 -8.26 9.87 -7.86
CA THR C 296 -8.89 9.01 -6.84
C THR C 296 -10.42 8.98 -7.08
N PHE C 297 -11.08 7.86 -6.75
CA PHE C 297 -12.51 7.93 -6.33
C PHE C 297 -12.80 6.84 -5.28
N GLU C 298 -13.81 7.13 -4.46
CA GLU C 298 -14.28 6.25 -3.39
C GLU C 298 -15.81 6.36 -3.31
N ILE C 299 -16.49 5.33 -3.85
CA ILE C 299 -17.93 5.22 -3.86
C ILE C 299 -18.36 4.38 -2.66
N HIS C 300 -19.43 4.83 -1.98
CA HIS C 300 -20.09 4.11 -0.87
C HIS C 300 -21.52 3.74 -1.29
N GLY C 301 -21.79 2.44 -1.39
CA GLY C 301 -23.10 1.89 -1.69
C GLY C 301 -23.68 1.15 -0.49
N THR C 302 -24.85 0.55 -0.67
CA THR C 302 -25.61 -0.05 0.43
C THR C 302 -25.16 -1.49 0.68
N GLU C 303 -24.44 -2.08 -0.30
CA GLU C 303 -23.93 -3.44 -0.16
C GLU C 303 -22.40 -3.48 -0.35
N GLY C 304 -21.75 -2.34 -0.59
CA GLY C 304 -20.32 -2.35 -0.82
C GLY C 304 -19.70 -0.98 -1.01
N SER C 305 -18.42 -1.02 -1.40
CA SER C 305 -17.62 0.15 -1.72
C SER C 305 -16.69 -0.13 -2.93
N ILE C 306 -16.22 0.96 -3.55
CA ILE C 306 -15.18 0.90 -4.58
C ILE C 306 -14.21 2.06 -4.34
N VAL C 307 -12.91 1.75 -4.41
CA VAL C 307 -11.85 2.77 -4.44
C VAL C 307 -11.01 2.58 -5.72
N PHE C 308 -10.56 3.70 -6.26
CA PHE C 308 -9.71 3.73 -7.44
C PHE C 308 -8.56 4.71 -7.23
N ASN C 309 -7.37 4.30 -7.67
CA ASN C 309 -6.21 5.18 -7.71
C ASN C 309 -5.46 4.96 -9.02
N TYR C 310 -5.46 6.00 -9.87
CA TYR C 310 -4.93 5.89 -11.23
C TYR C 310 -3.40 5.76 -11.20
N GLU C 311 -2.75 6.36 -10.21
CA GLU C 311 -1.32 6.20 -10.01
C GLU C 311 -0.98 4.69 -9.98
N ARG C 312 -1.88 3.87 -9.41
CA ARG C 312 -1.87 2.36 -9.51
C ARG C 312 -3.08 1.82 -10.30
N ARG C 313 -3.24 2.29 -11.55
CA ARG C 313 -4.46 2.15 -12.38
C ARG C 313 -4.84 0.67 -12.67
N ASP C 314 -3.88 -0.26 -12.53
CA ASP C 314 -4.11 -1.72 -12.77
C ASP C 314 -5.05 -2.31 -11.69
N GLU C 315 -5.14 -1.64 -10.53
CA GLU C 315 -5.91 -2.07 -9.38
C GLU C 315 -7.26 -1.37 -9.30
N LEU C 316 -8.29 -2.14 -8.95
CA LEU C 316 -9.51 -1.62 -8.32
C LEU C 316 -9.68 -2.34 -6.98
N GLN C 317 -10.10 -1.60 -5.97
CA GLN C 317 -10.39 -2.13 -4.66
C GLN C 317 -11.91 -2.19 -4.48
N VAL C 318 -12.44 -3.40 -4.26
CA VAL C 318 -13.90 -3.62 -4.10
C VAL C 318 -14.16 -4.36 -2.78
N ALA C 319 -14.93 -3.72 -1.88
CA ALA C 319 -15.33 -4.30 -0.59
C ALA C 319 -16.83 -4.63 -0.61
N PHE C 320 -17.15 -5.92 -0.43
CA PHE C 320 -18.52 -6.43 -0.53
C PHE C 320 -19.04 -6.81 0.86
N ALA C 321 -20.23 -6.32 1.22
CA ALA C 321 -20.82 -6.51 2.54
C ALA C 321 -21.22 -7.96 2.76
N SER C 322 -21.37 -8.73 1.68
CA SER C 322 -21.84 -10.13 1.72
C SER C 322 -20.67 -11.12 1.95
N ASP C 323 -19.48 -10.61 2.23
CA ASP C 323 -18.36 -11.44 2.59
C ASP C 323 -18.61 -11.98 4.00
N GLN C 324 -18.44 -13.28 4.18
CA GLN C 324 -18.31 -13.90 5.48
C GLN C 324 -17.58 -12.95 6.43
N ALA C 325 -18.15 -12.76 7.62
CA ALA C 325 -17.83 -11.66 8.51
C ALA C 325 -16.38 -11.70 9.03
N ASP C 326 -15.71 -12.86 8.93
CA ASP C 326 -14.33 -13.03 9.42
C ASP C 326 -13.31 -12.89 8.28
N ARG C 327 -13.80 -12.60 7.05
CA ARG C 327 -12.96 -12.45 5.85
C ARG C 327 -13.57 -11.41 4.92
N ARG C 328 -13.92 -10.25 5.48
CA ARG C 328 -14.63 -9.16 4.82
C ARG C 328 -13.70 -7.95 4.69
N GLY C 329 -13.72 -7.27 3.53
CA GLY C 329 -12.89 -6.07 3.36
C GLY C 329 -12.63 -5.73 1.91
N PHE C 330 -11.83 -4.70 1.69
CA PHE C 330 -11.46 -4.31 0.34
C PHE C 330 -10.59 -5.42 -0.26
N ARG C 331 -11.03 -6.00 -1.38
CA ARG C 331 -10.21 -6.91 -2.14
C ARG C 331 -9.60 -6.16 -3.34
N THR C 332 -8.31 -6.45 -3.64
CA THR C 332 -7.53 -5.72 -4.68
C THR C 332 -7.53 -6.51 -5.99
N VAL C 333 -8.34 -6.06 -6.94
CA VAL C 333 -8.51 -6.68 -8.25
C VAL C 333 -7.59 -6.01 -9.28
N TYR C 334 -6.65 -6.81 -9.80
CA TYR C 334 -5.82 -6.45 -10.97
C TYR C 334 -6.60 -6.75 -12.25
N THR C 335 -6.73 -5.74 -13.12
CA THR C 335 -7.50 -5.90 -14.38
C THR C 335 -6.68 -6.68 -15.41
N GLY C 336 -7.42 -7.47 -16.19
CA GLY C 336 -6.87 -8.48 -17.07
C GLY C 336 -7.95 -8.97 -18.05
N PRO C 337 -7.76 -10.15 -18.67
CA PRO C 337 -8.72 -10.70 -19.63
C PRO C 337 -10.17 -10.85 -19.13
N ALA C 338 -10.37 -11.14 -17.85
CA ALA C 338 -11.67 -11.45 -17.30
C ALA C 338 -12.51 -10.18 -17.17
N HIS C 339 -11.86 -9.02 -17.18
CA HIS C 339 -12.53 -7.80 -16.87
C HIS C 339 -12.80 -7.05 -18.18
N PRO C 340 -13.67 -6.02 -18.18
CA PRO C 340 -14.05 -5.28 -19.38
C PRO C 340 -12.94 -4.64 -20.22
N TYR C 341 -13.09 -4.73 -21.55
CA TYR C 341 -12.08 -4.36 -22.57
C TYR C 341 -10.87 -5.31 -22.53
N GLY C 342 -10.97 -6.42 -21.80
CA GLY C 342 -9.79 -7.24 -21.43
C GLY C 342 -9.39 -8.23 -22.51
N GLU C 343 -10.32 -8.47 -23.45
CA GLU C 343 -10.18 -9.43 -24.51
C GLU C 343 -9.15 -8.94 -25.53
N GLY C 344 -9.01 -7.61 -25.65
CA GLY C 344 -8.04 -7.00 -26.56
C GLY C 344 -7.09 -6.07 -25.83
N LEU C 345 -6.66 -6.49 -24.62
CA LEU C 345 -5.54 -5.92 -23.92
C LEU C 345 -4.55 -7.06 -23.62
N TRP C 346 -3.90 -7.05 -22.45
CA TRP C 346 -2.78 -7.93 -22.25
C TRP C 346 -3.29 -9.31 -21.82
N PRO C 347 -2.56 -10.40 -22.09
CA PRO C 347 -3.05 -11.75 -21.81
C PRO C 347 -3.11 -12.14 -20.33
N ILE C 348 -2.48 -11.34 -19.45
CA ILE C 348 -2.53 -11.61 -18.01
C ILE C 348 -2.66 -10.29 -17.27
N PRO C 349 -3.34 -10.29 -16.10
CA PRO C 349 -3.46 -9.10 -15.29
C PRO C 349 -2.09 -8.63 -14.77
N ALA C 350 -1.95 -7.31 -14.65
CA ALA C 350 -0.79 -6.64 -14.10
C ALA C 350 0.42 -6.79 -15.00
N LEU C 351 0.24 -7.22 -16.25
CA LEU C 351 1.31 -7.11 -17.22
C LEU C 351 1.56 -5.61 -17.46
N GLY C 352 0.51 -4.81 -17.27
CA GLY C 352 0.60 -3.37 -17.09
C GLY C 352 -0.29 -2.63 -18.07
N ILE C 353 -1.13 -1.73 -17.54
CA ILE C 353 -1.87 -0.75 -18.34
C ILE C 353 -1.21 0.61 -18.11
N GLY C 354 -0.93 1.34 -19.21
CA GLY C 354 -0.32 2.68 -19.19
C GLY C 354 -1.29 3.73 -19.74
N TYR C 355 -0.84 4.98 -19.81
CA TYR C 355 -1.67 6.06 -20.34
C TYR C 355 -2.20 5.68 -21.72
N GLY C 356 -1.32 5.10 -22.54
CA GLY C 356 -1.62 4.75 -23.92
C GLY C 356 -2.81 3.81 -24.10
N GLU C 357 -2.91 2.76 -23.26
CA GLU C 357 -3.96 1.76 -23.52
C GLU C 357 -5.35 2.43 -23.33
N THR C 358 -5.37 3.37 -22.38
CA THR C 358 -6.49 4.22 -22.13
C THR C 358 -6.96 4.82 -23.47
N LYS C 359 -6.07 5.57 -24.14
CA LYS C 359 -6.41 6.24 -25.43
C LYS C 359 -6.67 5.21 -26.53
N ILE C 360 -6.04 4.03 -26.45
CA ILE C 360 -6.28 2.97 -27.43
C ILE C 360 -7.75 2.54 -27.36
N ILE C 361 -8.26 2.36 -26.15
CA ILE C 361 -9.64 1.90 -25.94
C ILE C 361 -10.60 2.99 -26.47
N GLU C 362 -10.26 4.27 -26.26
CA GLU C 362 -11.00 5.39 -26.89
C GLU C 362 -11.11 5.15 -28.39
N ALA C 363 -9.96 5.19 -29.08
CA ALA C 363 -9.91 5.07 -30.52
C ALA C 363 -10.70 3.83 -30.96
N HIS C 364 -10.72 2.78 -30.12
CA HIS C 364 -11.47 1.57 -30.45
C HIS C 364 -12.97 1.87 -30.47
N ASP C 365 -13.48 2.49 -29.39
CA ASP C 365 -14.91 2.68 -29.22
C ASP C 365 -15.38 3.76 -30.20
N PHE C 366 -14.58 4.81 -30.37
CA PHE C 366 -14.86 5.90 -31.32
C PHE C 366 -15.07 5.35 -32.74
N PHE C 367 -14.09 4.58 -33.23
CA PHE C 367 -14.14 3.98 -34.55
C PHE C 367 -15.24 2.90 -34.56
N LYS C 368 -15.52 2.28 -33.42
CA LYS C 368 -16.59 1.28 -33.33
C LYS C 368 -17.93 1.94 -33.65
N ALA C 369 -18.17 3.11 -33.04
CA ALA C 369 -19.37 3.92 -33.30
C ALA C 369 -19.52 4.19 -34.81
N ILE C 370 -18.45 4.70 -35.43
CA ILE C 370 -18.45 5.09 -36.85
C ILE C 370 -18.77 3.89 -37.74
N ALA C 371 -17.99 2.80 -37.62
CA ALA C 371 -18.05 1.65 -38.54
C ALA C 371 -19.39 0.92 -38.44
N GLU C 372 -20.05 1.01 -37.28
CA GLU C 372 -21.39 0.48 -37.10
C GLU C 372 -22.41 1.54 -37.53
N GLY C 373 -22.27 2.74 -36.96
CA GLY C 373 -23.18 3.85 -37.16
C GLY C 373 -23.82 4.30 -35.85
N GLY C 374 -23.63 3.52 -34.79
CA GLY C 374 -24.04 3.87 -33.43
C GLY C 374 -23.39 5.17 -32.97
N SER C 375 -23.32 5.37 -31.65
CA SER C 375 -22.75 6.60 -31.10
C SER C 375 -21.94 6.32 -29.82
N VAL C 376 -20.86 7.07 -29.68
CA VAL C 376 -19.91 6.93 -28.58
C VAL C 376 -20.39 7.79 -27.42
N SER C 377 -20.17 7.32 -26.18
CA SER C 377 -20.74 7.96 -24.98
C SER C 377 -20.18 9.37 -24.82
N PRO C 378 -19.04 9.60 -24.13
CA PRO C 378 -18.63 10.96 -23.79
C PRO C 378 -18.68 11.84 -25.05
N SER C 379 -19.90 12.28 -25.41
CA SER C 379 -20.18 13.10 -26.59
C SER C 379 -20.14 14.58 -26.18
N PHE C 380 -20.41 15.45 -27.15
CA PHE C 380 -20.41 16.88 -26.94
C PHE C 380 -21.48 17.22 -25.89
N ALA C 381 -22.59 16.46 -25.89
CA ALA C 381 -23.62 16.55 -24.86
C ALA C 381 -22.93 16.54 -23.48
N ASP C 382 -22.16 15.48 -23.25
CA ASP C 382 -21.40 15.25 -22.04
C ASP C 382 -20.38 16.38 -21.84
N GLY C 383 -19.69 16.77 -22.92
CA GLY C 383 -18.75 17.90 -22.87
C GLY C 383 -19.46 19.17 -22.42
N TYR C 384 -20.62 19.43 -23.03
CA TYR C 384 -21.45 20.61 -22.80
C TYR C 384 -22.00 20.58 -21.36
N GLN C 385 -22.63 19.48 -20.98
CA GLN C 385 -23.09 19.28 -19.60
C GLN C 385 -21.97 19.64 -18.61
N VAL C 386 -20.78 19.06 -18.85
CA VAL C 386 -19.61 19.24 -17.97
C VAL C 386 -19.26 20.74 -17.96
N ALA C 387 -19.18 21.34 -19.14
CA ALA C 387 -18.85 22.78 -19.28
C ALA C 387 -19.80 23.63 -18.42
N LEU C 388 -21.09 23.23 -18.39
CA LEU C 388 -22.14 23.83 -17.52
C LEU C 388 -21.81 23.58 -16.04
N ILE C 389 -21.49 22.34 -15.69
CA ILE C 389 -21.14 22.03 -14.32
C ILE C 389 -20.00 22.98 -13.92
N ASP C 390 -19.07 23.21 -14.86
CA ASP C 390 -17.94 24.14 -14.68
C ASP C 390 -18.50 25.56 -14.43
N ASP C 391 -19.45 25.97 -15.27
CA ASP C 391 -20.10 27.29 -15.15
C ASP C 391 -20.79 27.42 -13.79
N ALA C 392 -21.62 26.42 -13.45
CA ALA C 392 -22.25 26.30 -12.12
C ALA C 392 -21.19 26.51 -11.03
N ILE C 393 -20.12 25.70 -11.09
CA ILE C 393 -19.06 25.70 -10.09
C ILE C 393 -18.42 27.10 -10.04
N VAL C 394 -18.22 27.74 -11.21
CA VAL C 394 -17.69 29.10 -11.22
C VAL C 394 -18.65 30.02 -10.46
N GLU C 395 -19.93 29.94 -10.85
CA GLU C 395 -21.02 30.67 -10.22
C GLU C 395 -21.02 30.41 -8.71
N SER C 396 -21.02 29.12 -8.32
CA SER C 396 -21.07 28.70 -6.92
C SER C 396 -20.04 29.45 -6.08
N ALA C 397 -18.79 29.49 -6.57
CA ALA C 397 -17.69 30.12 -5.85
C ALA C 397 -17.79 31.65 -5.90
N ALA C 398 -18.57 32.17 -6.87
CA ALA C 398 -18.96 33.58 -6.90
C ALA C 398 -20.04 33.84 -5.83
N LYS C 399 -21.20 33.19 -5.98
CA LYS C 399 -22.42 33.41 -5.15
C LYS C 399 -22.34 32.71 -3.79
N GLU C 400 -21.18 32.13 -3.43
CA GLU C 400 -20.99 31.37 -2.19
C GLU C 400 -22.26 30.60 -1.83
N SER C 401 -22.79 29.83 -2.80
CA SER C 401 -23.98 29.06 -2.52
C SER C 401 -24.15 27.97 -3.58
N TRP C 402 -25.15 27.12 -3.34
CA TRP C 402 -25.51 26.05 -4.24
C TRP C 402 -26.07 26.66 -5.52
N VAL C 403 -25.94 25.91 -6.61
CA VAL C 403 -26.36 26.33 -7.92
C VAL C 403 -26.84 25.07 -8.65
N ASP C 404 -28.11 25.04 -9.05
CA ASP C 404 -28.64 23.93 -9.80
C ASP C 404 -27.82 23.82 -11.09
N VAL C 405 -28.07 22.77 -11.87
CA VAL C 405 -27.28 22.45 -13.03
C VAL C 405 -28.21 22.29 -14.23
N PRO C 406 -28.19 23.21 -15.21
CA PRO C 406 -28.88 22.98 -16.47
C PRO C 406 -28.59 21.55 -16.99
N GLN C 407 -29.32 20.58 -16.42
CA GLN C 407 -29.51 19.26 -17.01
C GLN C 407 -30.16 19.49 -18.37
N ILE C 408 -29.74 18.74 -19.39
CA ILE C 408 -30.05 19.05 -20.79
C ILE C 408 -30.91 17.93 -21.39
N GLN D 22 3.56 11.76 43.46
CA GLN D 22 2.42 11.63 44.41
C GLN D 22 1.29 10.85 43.74
N ASN D 23 0.27 10.49 44.53
CA ASN D 23 -0.78 9.58 44.11
C ASN D 23 -2.06 10.37 43.84
N LEU D 24 -2.39 10.53 42.55
CA LEU D 24 -3.57 11.29 42.13
C LEU D 24 -4.74 10.34 41.88
N ASN D 25 -5.49 10.08 42.96
CA ASN D 25 -6.70 9.27 42.98
C ASN D 25 -7.68 9.75 41.90
N VAL D 26 -8.12 8.80 41.06
CA VAL D 26 -9.02 9.08 39.93
C VAL D 26 -10.41 8.51 40.25
N GLY D 27 -11.44 9.18 39.71
CA GLY D 27 -12.82 8.70 39.78
C GLY D 27 -13.44 8.56 38.40
N LEU D 28 -13.61 7.31 37.94
CA LEU D 28 -14.01 6.99 36.57
C LEU D 28 -15.52 6.78 36.50
N ILE D 29 -16.24 7.81 36.04
CA ILE D 29 -17.64 7.68 35.76
C ILE D 29 -17.80 6.97 34.41
N MET D 34 -15.56 1.28 26.25
CA MET D 34 -14.92 2.57 26.27
C MET D 34 -14.28 2.85 27.64
N GLY D 35 -14.75 2.16 28.70
CA GLY D 35 -14.27 2.40 30.06
C GLY D 35 -12.99 1.63 30.36
N LYS D 36 -12.67 0.64 29.53
CA LYS D 36 -11.49 -0.18 29.73
C LYS D 36 -10.25 0.55 29.18
N ALA D 37 -10.47 1.44 28.20
CA ALA D 37 -9.38 2.23 27.58
C ALA D 37 -8.69 3.11 28.64
N HIS D 38 -9.49 3.88 29.37
CA HIS D 38 -9.03 4.83 30.37
C HIS D 38 -8.32 4.11 31.53
N SER D 39 -8.96 3.02 31.99
CA SER D 39 -8.43 2.24 33.11
C SER D 39 -7.02 1.75 32.74
N LEU D 40 -6.90 1.25 31.50
CA LEU D 40 -5.62 0.78 30.95
C LEU D 40 -4.57 1.89 31.07
N ALA D 41 -4.94 3.10 30.63
CA ALA D 41 -4.04 4.27 30.67
C ALA D 41 -3.45 4.44 32.07
N TYR D 42 -4.32 4.55 33.08
CA TYR D 42 -3.91 4.77 34.48
C TYR D 42 -3.01 3.62 34.95
N ALA D 43 -3.45 2.38 34.68
CA ALA D 43 -2.72 1.18 35.08
C ALA D 43 -1.33 1.18 34.45
N ALA D 44 -1.25 1.53 33.16
CA ALA D 44 -0.05 1.32 32.33
C ALA D 44 0.85 2.56 32.25
N MET D 45 0.30 3.77 32.37
CA MET D 45 0.98 5.00 31.86
C MET D 45 2.34 5.22 32.52
N PRO D 46 2.54 4.97 33.83
CA PRO D 46 3.86 5.19 34.45
C PRO D 46 5.01 4.27 34.01
N MET D 47 4.73 2.98 33.84
CA MET D 47 5.74 2.02 33.34
C MET D 47 6.22 2.43 31.93
N PHE D 48 5.39 3.21 31.22
CA PHE D 48 5.77 3.80 29.93
C PHE D 48 6.68 5.01 30.16
N PHE D 49 6.09 6.09 30.69
CA PHE D 49 6.77 7.36 30.96
C PHE D 49 7.32 7.37 32.40
N TRP D 50 8.65 7.28 32.51
CA TRP D 50 9.38 7.09 33.77
C TRP D 50 10.77 7.69 33.71
N PRO D 51 11.17 8.49 34.72
CA PRO D 51 10.41 8.76 35.93
C PRO D 51 9.03 9.34 35.61
N ALA D 52 7.99 8.78 36.22
CA ALA D 52 6.64 9.17 35.90
C ALA D 52 6.37 10.53 36.53
N PRO D 53 5.44 11.33 35.96
CA PRO D 53 5.12 12.64 36.51
C PRO D 53 4.18 12.58 37.72
N ALA D 54 3.49 11.45 37.89
CA ALA D 54 2.42 11.30 38.89
C ALA D 54 1.76 9.93 38.74
N LEU D 55 1.91 9.09 39.78
CA LEU D 55 1.43 7.70 39.78
C LEU D 55 -0.08 7.72 39.98
N PRO D 56 -0.91 7.44 38.95
CA PRO D 56 -2.37 7.43 39.12
C PRO D 56 -2.84 6.36 40.11
N VAL D 57 -4.06 6.55 40.62
CA VAL D 57 -4.76 5.58 41.47
C VAL D 57 -6.19 5.42 40.93
N ARG D 58 -6.50 4.19 40.50
CA ARG D 58 -7.84 3.78 40.20
C ARG D 58 -8.57 3.62 41.54
N LYS D 59 -9.16 4.70 42.04
CA LYS D 59 -9.63 4.76 43.42
C LYS D 59 -11.12 4.45 43.48
N VAL D 60 -11.90 5.08 42.59
CA VAL D 60 -13.34 4.94 42.52
C VAL D 60 -13.75 4.79 41.06
N ILE D 61 -14.73 3.91 40.80
CA ILE D 61 -15.42 3.83 39.52
C ILE D 61 -16.93 3.81 39.79
N ALA D 62 -17.70 4.49 38.93
CA ALA D 62 -19.16 4.50 38.96
C ALA D 62 -19.69 3.76 37.74
N GLU D 63 -21.02 3.59 37.70
CA GLU D 63 -21.72 2.96 36.58
C GLU D 63 -23.20 2.86 36.94
N ALA D 64 -24.03 2.63 35.92
CA ALA D 64 -25.49 2.43 35.98
C ALA D 64 -25.99 1.98 37.38
N ASN D 65 -25.48 0.86 37.89
CA ASN D 65 -26.07 0.21 39.09
C ASN D 65 -24.96 -0.43 39.93
N PRO D 66 -25.24 -0.85 41.19
CA PRO D 66 -24.18 -1.31 42.09
C PRO D 66 -23.60 -2.67 41.68
N GLU D 67 -24.34 -3.45 40.89
CA GLU D 67 -23.86 -4.73 40.36
C GLU D 67 -22.77 -4.47 39.30
N LEU D 68 -23.13 -3.69 38.27
CA LEU D 68 -22.24 -3.31 37.17
C LEU D 68 -20.98 -2.60 37.69
N ALA D 69 -21.13 -1.79 38.74
CA ALA D 69 -20.05 -1.01 39.34
C ALA D 69 -19.03 -1.93 40.02
N ALA D 70 -19.54 -2.87 40.82
CA ALA D 70 -18.70 -3.81 41.55
C ALA D 70 -17.95 -4.71 40.55
N GLU D 71 -18.70 -5.25 39.60
CA GLU D 71 -18.16 -6.02 38.47
C GLU D 71 -17.06 -5.20 37.76
N ALA D 72 -17.40 -3.98 37.36
CA ALA D 72 -16.48 -3.09 36.62
C ALA D 72 -15.24 -2.76 37.46
N ALA D 73 -15.42 -2.61 38.79
CA ALA D 73 -14.34 -2.23 39.69
C ALA D 73 -13.28 -3.33 39.79
N ARG D 74 -13.70 -4.59 39.76
CA ARG D 74 -12.79 -5.76 39.89
C ARG D 74 -12.07 -5.99 38.55
N ARG D 75 -12.84 -5.86 37.46
CA ARG D 75 -12.34 -5.93 36.10
C ARG D 75 -11.18 -4.94 35.89
N PHE D 76 -11.49 -3.66 36.12
CA PHE D 76 -10.57 -2.56 35.82
C PHE D 76 -9.73 -2.16 37.04
N GLY D 77 -9.78 -2.97 38.12
CA GLY D 77 -8.86 -2.86 39.28
C GLY D 77 -8.99 -1.55 40.04
N PHE D 78 -10.23 -1.11 40.27
CA PHE D 78 -10.50 0.02 41.17
C PHE D 78 -10.54 -0.44 42.64
N GLU D 79 -10.20 0.49 43.55
CA GLU D 79 -10.27 0.27 45.00
C GLU D 79 -11.74 0.22 45.42
N ASN D 80 -12.55 1.09 44.85
CA ASN D 80 -13.98 1.20 45.20
C ASN D 80 -14.86 1.24 43.95
N SER D 81 -16.17 1.03 44.16
CA SER D 81 -17.19 1.25 43.13
C SER D 81 -18.29 2.17 43.68
N THR D 82 -19.29 2.51 42.85
CA THR D 82 -20.51 3.25 43.27
C THR D 82 -21.53 3.18 42.13
N SER D 83 -22.80 3.45 42.46
CA SER D 83 -23.88 3.51 41.49
C SER D 83 -24.40 4.96 41.38
N ASP D 84 -23.70 5.89 42.02
CA ASP D 84 -24.06 7.30 41.98
C ASP D 84 -22.77 8.10 41.77
N TRP D 85 -22.72 8.85 40.66
CA TRP D 85 -21.54 9.62 40.27
C TRP D 85 -21.30 10.79 41.24
N ARG D 86 -22.40 11.31 41.81
CA ARG D 86 -22.39 12.33 42.85
C ARG D 86 -21.38 11.99 43.95
N SER D 87 -21.38 10.73 44.42
CA SER D 87 -20.56 10.32 45.57
C SER D 87 -19.07 10.59 45.29
N ILE D 88 -18.66 10.45 44.03
CA ILE D 88 -17.28 10.66 43.63
C ILE D 88 -16.95 12.16 43.78
N ILE D 89 -17.79 13.03 43.23
CA ILE D 89 -17.64 14.49 43.45
C ILE D 89 -17.53 14.78 44.96
N ASP D 90 -18.49 14.29 45.75
CA ASP D 90 -18.63 14.65 47.17
C ASP D 90 -17.47 14.08 48.02
N ASP D 91 -16.59 13.28 47.43
CA ASP D 91 -15.48 12.60 48.14
C ASP D 91 -14.20 13.42 47.97
N PRO D 92 -13.80 14.28 48.93
CA PRO D 92 -12.58 15.08 48.80
C PRO D 92 -11.23 14.36 49.01
N ASP D 93 -11.25 13.02 49.08
CA ASP D 93 -10.02 12.20 49.10
C ASP D 93 -9.46 12.07 47.68
N ILE D 94 -10.35 12.02 46.68
CA ILE D 94 -9.96 11.86 45.27
C ILE D 94 -9.45 13.20 44.72
N HIS D 95 -8.76 13.12 43.58
CA HIS D 95 -8.01 14.23 43.00
C HIS D 95 -8.44 14.54 41.56
N VAL D 96 -9.09 13.58 40.88
CA VAL D 96 -9.34 13.65 39.41
C VAL D 96 -10.68 12.98 39.07
N VAL D 97 -11.50 13.68 38.27
CA VAL D 97 -12.73 13.14 37.68
C VAL D 97 -12.44 12.81 36.20
N ASP D 98 -13.14 11.81 35.66
CA ASP D 98 -12.96 11.30 34.29
C ASP D 98 -14.32 10.78 33.78
N ILE D 99 -14.96 11.56 32.90
CA ILE D 99 -16.33 11.28 32.48
C ILE D 99 -16.27 10.34 31.27
N ALA D 100 -17.09 9.29 31.30
CA ALA D 100 -17.07 8.23 30.29
C ALA D 100 -18.49 7.68 30.07
N THR D 101 -19.46 8.59 30.02
CA THR D 101 -20.88 8.23 29.87
C THR D 101 -21.32 8.72 28.50
N PRO D 102 -22.55 8.41 28.07
CA PRO D 102 -23.12 9.04 26.87
C PRO D 102 -23.13 10.56 26.99
N ASN D 103 -23.72 11.22 25.99
CA ASN D 103 -23.61 12.67 25.85
C ASN D 103 -24.64 13.37 26.76
N HIS D 104 -25.78 12.73 27.03
CA HIS D 104 -26.85 13.33 27.86
C HIS D 104 -26.34 13.67 29.25
N LEU D 105 -25.46 12.83 29.81
CA LEU D 105 -25.02 12.96 31.19
C LEU D 105 -23.72 13.77 31.27
N HIS D 106 -23.30 14.36 30.15
CA HIS D 106 -21.97 14.98 30.05
C HIS D 106 -21.90 16.26 30.90
N ALA D 107 -22.93 17.12 30.76
CA ALA D 107 -23.00 18.48 31.33
C ALA D 107 -23.12 18.48 32.86
N GLU D 108 -24.16 17.81 33.37
CA GLU D 108 -24.55 17.96 34.76
C GLU D 108 -23.48 17.36 35.69
N ILE D 109 -22.61 16.49 35.14
CA ILE D 109 -21.44 15.97 35.87
C ILE D 109 -20.30 16.99 35.84
N ALA D 110 -20.07 17.60 34.67
CA ALA D 110 -18.90 18.45 34.44
C ALA D 110 -18.93 19.68 35.36
N ILE D 111 -20.08 20.35 35.39
CA ILE D 111 -20.26 21.54 36.22
C ILE D 111 -19.98 21.14 37.68
N ALA D 112 -20.77 20.18 38.19
CA ALA D 112 -20.69 19.70 39.57
C ALA D 112 -19.23 19.42 39.97
N ALA D 113 -18.50 18.72 39.08
CA ALA D 113 -17.10 18.35 39.30
C ALA D 113 -16.23 19.61 39.36
N ALA D 114 -16.52 20.56 38.46
CA ALA D 114 -15.84 21.86 38.41
C ALA D 114 -16.10 22.66 39.69
N GLU D 115 -17.37 22.86 40.04
CA GLU D 115 -17.81 23.50 41.31
C GLU D 115 -17.09 22.84 42.49
N ALA D 116 -17.06 21.51 42.48
CA ALA D 116 -16.37 20.68 43.48
C ALA D 116 -14.84 20.88 43.43
N GLY D 117 -14.35 21.54 42.37
CA GLY D 117 -12.92 21.85 42.19
C GLY D 117 -12.12 20.62 41.79
N LYS D 118 -12.73 19.79 40.93
CA LYS D 118 -12.14 18.53 40.49
C LYS D 118 -11.50 18.71 39.11
N HIS D 119 -10.29 18.16 38.93
CA HIS D 119 -9.64 18.01 37.61
C HIS D 119 -10.51 17.12 36.71
N ILE D 120 -10.48 17.35 35.39
CA ILE D 120 -11.44 16.69 34.49
C ILE D 120 -10.79 16.20 33.17
N ILE D 121 -11.27 15.02 32.72
CA ILE D 121 -11.23 14.50 31.34
C ILE D 121 -12.69 14.29 30.92
N CYS D 122 -13.04 14.35 29.62
CA CYS D 122 -14.46 14.25 29.26
C CYS D 122 -14.71 13.74 27.82
N GLU D 123 -15.08 12.46 27.68
CA GLU D 123 -15.33 11.79 26.35
C GLU D 123 -16.07 12.78 25.43
N LYS D 124 -15.61 12.88 24.18
CA LYS D 124 -16.26 13.71 23.19
C LYS D 124 -17.64 13.14 22.86
N PRO D 125 -18.52 13.96 22.28
CA PRO D 125 -18.35 15.40 22.18
C PRO D 125 -18.58 16.02 23.56
N LEU D 126 -18.18 17.29 23.74
CA LEU D 126 -18.28 17.94 25.04
C LEU D 126 -19.75 17.97 25.50
N ALA D 127 -20.70 18.05 24.56
CA ALA D 127 -22.12 18.02 24.89
C ALA D 127 -22.96 17.78 23.64
N ARG D 128 -24.28 17.62 23.83
CA ARG D 128 -25.20 17.34 22.74
C ARG D 128 -25.35 18.59 21.86
N THR D 129 -25.01 19.75 22.45
CA THR D 129 -25.08 21.06 21.80
C THR D 129 -23.99 21.95 22.42
N GLY D 130 -23.58 22.99 21.68
CA GLY D 130 -22.64 24.00 22.18
C GLY D 130 -23.25 24.83 23.29
N GLU D 131 -24.54 25.13 23.11
CA GLU D 131 -25.43 25.72 24.13
C GLU D 131 -25.03 25.22 25.52
N GLU D 132 -25.00 23.88 25.65
CA GLU D 132 -24.72 23.16 26.89
C GLU D 132 -23.22 23.27 27.25
N SER D 133 -22.38 23.12 26.22
CA SER D 133 -20.91 23.11 26.37
C SER D 133 -20.40 24.42 26.98
N LYS D 134 -21.09 25.53 26.67
CA LYS D 134 -20.75 26.86 27.20
C LYS D 134 -20.49 26.76 28.71
N ALA D 135 -21.53 26.27 29.40
CA ALA D 135 -21.57 26.18 30.87
C ALA D 135 -20.32 25.48 31.39
N MET D 136 -19.94 24.41 30.69
CA MET D 136 -18.89 23.51 31.12
C MET D 136 -17.57 24.26 31.08
N TYR D 137 -17.37 25.13 30.08
CA TYR D 137 -16.14 25.94 29.97
C TYR D 137 -16.16 27.03 31.07
N ASP D 138 -17.22 27.84 31.05
CA ASP D 138 -17.46 28.87 32.06
C ASP D 138 -17.16 28.32 33.46
N ALA D 139 -17.75 27.16 33.77
CA ALA D 139 -17.64 26.52 35.09
C ALA D 139 -16.17 26.34 35.48
N VAL D 140 -15.28 26.13 34.50
CA VAL D 140 -13.90 25.74 34.79
C VAL D 140 -13.01 26.99 34.90
N LYS D 141 -12.90 27.75 33.80
CA LYS D 141 -11.65 28.44 33.42
C LYS D 141 -11.15 29.45 34.47
N ASP D 142 -12.05 30.03 35.26
CA ASP D 142 -11.68 31.08 36.23
C ASP D 142 -10.87 30.46 37.39
N LYS D 143 -11.31 29.28 37.86
CA LYS D 143 -10.48 28.44 38.73
C LYS D 143 -9.44 27.74 37.84
N ASN D 144 -8.23 27.60 38.38
CA ASN D 144 -7.09 27.10 37.62
C ASN D 144 -7.04 25.56 37.72
N ILE D 145 -8.10 24.91 37.22
CA ILE D 145 -8.13 23.46 37.09
C ILE D 145 -7.23 23.07 35.92
N VAL D 146 -6.63 21.88 35.99
CA VAL D 146 -6.07 21.18 34.83
C VAL D 146 -7.23 20.39 34.22
N HIS D 147 -7.70 20.81 33.05
CA HIS D 147 -8.98 20.35 32.48
C HIS D 147 -8.82 19.99 30.99
N MET D 148 -9.42 18.87 30.57
CA MET D 148 -9.18 18.25 29.24
C MET D 148 -10.47 17.62 28.68
N VAL D 149 -10.47 17.49 27.35
CA VAL D 149 -11.45 16.68 26.62
C VAL D 149 -10.69 15.65 25.78
N ALA D 150 -11.25 14.43 25.70
CA ALA D 150 -10.56 13.22 25.23
C ALA D 150 -10.55 13.18 23.70
N PHE D 151 -9.65 14.00 23.12
CA PHE D 151 -9.28 13.93 21.72
C PHE D 151 -7.92 13.21 21.67
N ASN D 152 -8.05 11.88 21.59
CA ASN D 152 -6.99 10.95 21.90
C ASN D 152 -6.16 10.75 20.63
N TYR D 153 -6.84 10.74 19.48
CA TYR D 153 -6.19 10.44 18.23
C TYR D 153 -5.05 11.45 17.97
N ARG D 154 -5.25 12.73 18.33
CA ARG D 154 -4.29 13.77 17.98
C ARG D 154 -2.96 13.54 18.71
N ARG D 155 -2.91 12.49 19.54
CA ARG D 155 -1.68 12.13 20.25
C ARG D 155 -1.15 10.78 19.76
N THR D 156 -1.82 10.16 18.78
CA THR D 156 -1.16 9.16 17.94
C THR D 156 0.16 9.77 17.54
N PRO D 157 1.33 9.14 17.82
CA PRO D 157 2.62 9.77 17.55
C PRO D 157 2.81 10.30 16.12
N ALA D 158 2.17 9.65 15.15
CA ALA D 158 2.29 10.03 13.77
C ALA D 158 1.70 11.43 13.60
N VAL D 159 0.57 11.70 14.27
CA VAL D 159 -0.08 13.00 14.12
C VAL D 159 0.74 14.06 14.86
N ALA D 160 1.37 13.67 15.99
CA ALA D 160 2.31 14.54 16.71
C ALA D 160 3.50 14.86 15.79
N LEU D 161 3.95 13.90 15.00
CA LEU D 161 5.09 14.09 14.10
C LEU D 161 4.70 15.07 12.97
N ALA D 162 3.41 15.11 12.61
CA ALA D 162 2.90 16.04 11.60
C ALA D 162 2.94 17.48 12.15
N LYS D 163 2.41 17.67 13.37
CA LYS D 163 2.50 18.92 14.13
C LYS D 163 3.96 19.39 14.15
N LYS D 164 4.88 18.49 14.49
CA LYS D 164 6.29 18.85 14.59
C LYS D 164 6.85 19.25 13.21
N TYR D 165 6.44 18.53 12.15
CA TYR D 165 6.94 18.82 10.80
C TYR D 165 6.46 20.23 10.45
N ILE D 166 5.16 20.44 10.61
CA ILE D 166 4.53 21.70 10.33
C ILE D 166 5.22 22.81 11.14
N GLU D 167 5.14 22.73 12.47
CA GLU D 167 5.65 23.78 13.37
C GLU D 167 7.08 24.17 12.94
N GLU D 168 7.85 23.21 12.43
CA GLU D 168 9.23 23.42 12.05
C GLU D 168 9.31 24.20 10.74
N GLY D 169 8.17 24.37 10.06
CA GLY D 169 8.06 24.94 8.71
C GLY D 169 8.37 23.94 7.60
N ALA D 170 8.57 22.66 7.94
CA ALA D 170 9.21 21.65 7.05
C ALA D 170 8.41 21.45 5.76
N ILE D 171 7.15 21.84 5.76
CA ILE D 171 6.31 21.75 4.58
C ILE D 171 5.82 23.16 4.23
N GLY D 172 6.58 24.16 4.67
CA GLY D 172 6.22 25.56 4.52
C GLY D 172 4.85 25.82 5.08
N ARG D 173 4.08 26.66 4.37
CA ARG D 173 2.77 27.13 4.82
C ARG D 173 1.68 26.19 4.29
N ILE D 174 0.68 25.91 5.15
CA ILE D 174 -0.44 25.04 4.79
C ILE D 174 -1.38 25.80 3.85
N LEU D 175 -1.77 25.12 2.76
CA LEU D 175 -2.64 25.60 1.71
C LEU D 175 -4.03 24.96 1.84
N SER D 176 -4.08 23.62 1.81
CA SER D 176 -5.33 22.85 1.76
C SER D 176 -5.33 21.71 2.79
N PHE D 177 -6.52 21.13 2.99
CA PHE D 177 -6.79 20.13 4.02
C PHE D 177 -7.96 19.23 3.62
N ARG D 178 -7.74 17.93 3.78
CA ARG D 178 -8.80 16.93 3.74
C ARG D 178 -8.70 16.07 5.02
N GLY D 179 -9.86 15.70 5.56
CA GLY D 179 -9.93 14.83 6.72
C GLY D 179 -11.13 13.90 6.60
N THR D 180 -11.04 12.72 7.24
CA THR D 180 -12.13 11.77 7.19
C THR D 180 -12.26 10.96 8.49
N TYR D 181 -13.45 10.40 8.67
CA TYR D 181 -13.68 9.35 9.59
C TYR D 181 -14.77 8.48 8.98
N LEU D 182 -14.34 7.39 8.32
CA LEU D 182 -15.24 6.46 7.70
C LEU D 182 -15.26 5.19 8.57
N GLN D 183 -16.47 4.70 8.82
CA GLN D 183 -16.78 3.53 9.61
C GLN D 183 -17.96 2.81 8.97
N ASP D 184 -18.19 1.57 9.39
CA ASP D 184 -19.24 0.77 8.78
C ASP D 184 -19.90 -0.17 9.79
N TRP D 185 -19.71 0.08 11.09
CA TRP D 185 -20.20 -0.85 12.11
C TRP D 185 -21.73 -0.83 12.14
N SER D 186 -22.30 0.36 11.87
CA SER D 186 -23.75 0.55 11.81
C SER D 186 -24.21 0.67 10.35
N ALA D 187 -23.69 -0.19 9.48
CA ALA D 187 -23.94 -0.13 8.04
C ALA D 187 -25.00 -1.16 7.61
N ASP D 188 -25.22 -2.21 8.42
CA ASP D 188 -26.36 -3.11 8.23
C ASP D 188 -27.56 -2.51 8.96
N PRO D 189 -28.74 -2.38 8.30
CA PRO D 189 -29.89 -1.71 8.90
C PRO D 189 -30.45 -2.46 10.13
N ASN D 190 -30.20 -3.77 10.19
CA ASN D 190 -30.61 -4.61 11.29
C ASN D 190 -29.68 -4.41 12.49
N SER D 191 -28.78 -3.43 12.45
CA SER D 191 -27.91 -3.12 13.57
C SER D 191 -28.67 -2.28 14.58
N PRO D 192 -28.56 -2.58 15.90
CA PRO D 192 -29.53 -2.09 16.90
C PRO D 192 -29.52 -0.58 17.16
N LEU D 193 -30.66 -0.07 17.62
CA LEU D 193 -30.90 1.34 17.87
C LEU D 193 -30.28 1.73 19.21
N SER D 194 -28.94 1.73 19.28
CA SER D 194 -28.21 2.14 20.49
C SER D 194 -28.36 3.66 20.66
N TRP D 195 -27.56 4.25 21.57
CA TRP D 195 -27.77 5.61 22.03
C TRP D 195 -27.15 6.64 21.08
N ARG D 196 -26.44 6.18 20.05
CA ARG D 196 -25.74 7.05 19.12
C ARG D 196 -26.64 7.42 17.94
N PHE D 197 -27.83 6.80 17.85
CA PHE D 197 -28.83 7.12 16.82
C PHE D 197 -30.06 7.82 17.43
N GLN D 198 -29.91 8.33 18.66
CA GLN D 198 -30.97 8.95 19.44
C GLN D 198 -30.58 10.39 19.82
N LYS D 199 -31.37 11.34 19.31
CA LYS D 199 -31.04 12.78 19.27
C LYS D 199 -30.93 13.35 20.69
N SER D 200 -31.93 13.03 21.53
CA SER D 200 -32.06 13.57 22.90
C SER D 200 -30.87 13.13 23.78
N ILE D 201 -30.32 11.94 23.51
CA ILE D 201 -29.20 11.37 24.30
C ILE D 201 -27.86 11.83 23.70
N ALA D 202 -27.68 11.65 22.39
CA ALA D 202 -26.38 11.83 21.73
C ALA D 202 -26.17 13.31 21.37
N GLY D 203 -27.12 13.88 20.60
CA GLY D 203 -27.06 15.27 20.15
C GLY D 203 -26.67 15.36 18.69
N SER D 204 -25.52 14.74 18.36
CA SER D 204 -25.11 14.51 16.98
C SER D 204 -24.85 13.00 16.78
N GLY D 205 -25.03 12.53 15.55
CA GLY D 205 -24.63 11.17 15.16
C GLY D 205 -23.14 11.11 14.84
N ALA D 206 -22.82 10.96 13.55
CA ALA D 206 -21.41 10.91 13.10
C ALA D 206 -20.70 12.23 13.42
N LEU D 207 -21.39 13.34 13.16
CA LEU D 207 -20.87 14.69 13.34
C LEU D 207 -20.15 14.80 14.67
N GLY D 208 -20.82 14.35 15.74
CA GLY D 208 -20.35 14.49 17.10
C GLY D 208 -19.72 13.22 17.65
N ASP D 209 -20.12 12.04 17.15
CA ASP D 209 -19.49 10.78 17.58
C ASP D 209 -18.05 10.70 17.06
N ILE D 210 -17.82 11.10 15.81
CA ILE D 210 -16.55 10.79 15.14
C ILE D 210 -15.96 12.05 14.46
N ALA D 211 -16.78 12.77 13.66
CA ALA D 211 -16.31 13.91 12.85
C ALA D 211 -15.63 14.95 13.73
N THR D 212 -16.00 14.95 15.02
CA THR D 212 -15.42 15.84 16.02
C THR D 212 -13.91 15.61 16.17
N HIS D 213 -13.44 14.35 16.07
CA HIS D 213 -11.97 14.03 16.19
C HIS D 213 -11.16 14.70 15.08
N VAL D 214 -11.75 14.76 13.88
CA VAL D 214 -11.08 15.28 12.69
C VAL D 214 -10.94 16.80 12.90
N ILE D 215 -12.07 17.42 13.28
CA ILE D 215 -12.16 18.84 13.64
C ILE D 215 -11.02 19.21 14.58
N ASP D 216 -10.87 18.46 15.67
CA ASP D 216 -9.76 18.67 16.62
C ASP D 216 -8.40 18.63 15.91
N MET D 217 -8.23 17.68 14.98
CA MET D 217 -6.96 17.51 14.27
C MET D 217 -6.67 18.75 13.39
N ALA D 218 -7.68 19.12 12.58
CA ALA D 218 -7.65 20.35 11.78
C ALA D 218 -7.21 21.54 12.64
N ARG D 219 -7.97 21.79 13.73
CA ARG D 219 -7.73 22.89 14.71
C ARG D 219 -6.29 22.85 15.26
N TYR D 220 -5.70 21.65 15.29
CA TYR D 220 -4.38 21.41 15.91
C TYR D 220 -3.23 21.52 14.88
N LEU D 221 -3.46 21.06 13.66
CA LEU D 221 -2.39 20.98 12.66
C LEU D 221 -2.48 22.18 11.70
N VAL D 222 -3.63 22.87 11.68
CA VAL D 222 -3.75 24.11 10.92
C VAL D 222 -4.02 25.26 11.90
N GLY D 223 -5.30 25.52 12.18
CA GLY D 223 -5.77 26.62 13.03
C GLY D 223 -7.28 26.64 13.07
N GLU D 224 -7.86 27.80 13.44
CA GLU D 224 -9.29 27.91 13.78
C GLU D 224 -10.13 27.90 12.50
N PHE D 225 -11.38 27.43 12.63
CA PHE D 225 -12.37 27.48 11.57
C PHE D 225 -13.07 28.85 11.63
N SER D 226 -13.22 29.50 10.46
CA SER D 226 -13.72 30.87 10.33
C SER D 226 -15.13 30.86 9.70
N ALA D 227 -15.32 29.96 8.74
CA ALA D 227 -16.65 29.65 8.22
C ALA D 227 -16.71 28.17 7.82
N VAL D 228 -17.92 27.70 7.51
CA VAL D 228 -18.17 26.28 7.21
C VAL D 228 -19.39 26.22 6.29
N ASN D 229 -19.44 25.21 5.42
CA ASN D 229 -20.68 24.77 4.79
C ASN D 229 -20.69 23.23 4.81
N ALA D 230 -21.88 22.64 4.95
CA ALA D 230 -22.02 21.20 5.17
C ALA D 230 -23.28 20.64 4.51
N VAL D 231 -23.34 19.32 4.36
CA VAL D 231 -24.55 18.54 4.13
C VAL D 231 -24.57 17.36 5.11
N LEU D 232 -25.54 17.37 6.04
CA LEU D 232 -25.89 16.20 6.82
C LEU D 232 -26.69 15.25 5.92
N SER D 233 -26.59 13.95 6.22
CA SER D 233 -27.29 12.90 5.50
C SER D 233 -27.58 11.73 6.45
N THR D 234 -28.67 10.99 6.18
CA THR D 234 -29.17 9.84 6.98
C THR D 234 -29.73 8.79 6.03
N TRP D 235 -29.20 7.55 6.09
CA TRP D 235 -29.52 6.52 5.06
C TRP D 235 -30.39 5.39 5.63
N ILE D 236 -30.43 5.27 6.97
CA ILE D 236 -31.23 4.22 7.65
C ILE D 236 -32.09 4.89 8.72
N PRO D 237 -33.33 5.31 8.38
CA PRO D 237 -34.22 5.99 9.32
C PRO D 237 -34.79 5.18 10.50
N GLU D 238 -35.01 3.87 10.33
CA GLU D 238 -35.53 3.02 11.41
C GLU D 238 -34.57 1.83 11.62
N ARG D 239 -34.36 1.47 12.89
CA ARG D 239 -33.54 0.32 13.28
C ARG D 239 -34.29 -0.50 14.33
N PRO D 240 -33.97 -1.80 14.54
CA PRO D 240 -34.41 -2.53 15.73
C PRO D 240 -33.78 -1.92 17.00
N LEU D 241 -34.41 -2.16 18.16
CA LEU D 241 -33.92 -1.73 19.47
C LEU D 241 -33.84 -2.94 20.40
N LYS D 259 -38.51 -2.33 16.49
CA LYS D 259 -37.79 -1.29 15.73
C LYS D 259 -38.36 0.10 16.02
N GLY D 260 -37.52 0.98 16.59
CA GLY D 260 -37.82 2.41 16.79
C GLY D 260 -37.40 3.25 15.59
N PRO D 261 -37.40 4.60 15.70
CA PRO D 261 -36.97 5.50 14.62
C PRO D 261 -35.63 6.19 14.88
N VAL D 262 -34.77 6.24 13.86
CA VAL D 262 -33.44 6.85 13.94
C VAL D 262 -33.54 8.34 13.58
N ASP D 263 -33.16 9.21 14.52
CA ASP D 263 -33.32 10.66 14.39
C ASP D 263 -31.97 11.35 14.59
N VAL D 264 -31.03 11.10 13.67
CA VAL D 264 -29.70 11.71 13.76
C VAL D 264 -28.94 11.50 12.44
N ASP D 265 -27.81 12.22 12.32
CA ASP D 265 -26.95 12.21 11.11
C ASP D 265 -26.06 10.95 11.08
N ASP D 266 -26.34 10.06 10.11
CA ASP D 266 -25.47 8.95 9.74
C ASP D 266 -24.17 9.48 9.14
N GLU D 267 -24.26 10.40 8.16
CA GLU D 267 -23.07 10.92 7.45
C GLU D 267 -23.14 12.44 7.31
N VAL D 268 -21.97 13.08 7.46
CA VAL D 268 -21.83 14.53 7.42
C VAL D 268 -20.65 14.91 6.51
N MET D 269 -20.90 15.82 5.58
CA MET D 269 -19.94 16.33 4.61
C MET D 269 -19.85 17.86 4.76
N THR D 270 -18.65 18.40 5.04
CA THR D 270 -18.49 19.86 5.23
C THR D 270 -17.19 20.37 4.58
N MET D 271 -17.27 21.57 3.99
CA MET D 271 -16.13 22.38 3.54
C MET D 271 -15.81 23.42 4.62
N ILE D 272 -14.62 24.03 4.53
CA ILE D 272 -14.07 24.89 5.59
C ILE D 272 -13.26 26.03 4.96
N ARG D 273 -13.31 27.22 5.59
CA ARG D 273 -12.32 28.27 5.42
C ARG D 273 -11.59 28.45 6.76
N PHE D 274 -10.27 28.28 6.75
CA PHE D 274 -9.44 28.43 7.96
C PHE D 274 -9.13 29.93 8.13
N ALA D 275 -8.81 30.33 9.36
CA ALA D 275 -8.64 31.76 9.70
C ALA D 275 -7.30 32.31 9.20
N ASN D 276 -6.48 31.45 8.58
CA ASN D 276 -5.17 31.83 8.09
C ASN D 276 -5.12 31.79 6.55
N GLY D 277 -6.26 31.47 5.93
CA GLY D 277 -6.36 31.41 4.47
C GLY D 277 -6.63 30.00 3.96
N ALA D 278 -6.10 28.98 4.64
CA ALA D 278 -6.14 27.61 4.14
C ALA D 278 -7.59 27.19 3.88
N VAL D 279 -7.79 26.32 2.89
CA VAL D 279 -9.10 25.74 2.63
C VAL D 279 -9.08 24.28 3.13
N GLY D 280 -10.26 23.70 3.30
CA GLY D 280 -10.36 22.37 3.85
C GLY D 280 -11.67 21.68 3.55
N SER D 281 -11.68 20.39 3.84
CA SER D 281 -12.83 19.51 3.75
C SER D 281 -12.78 18.58 4.97
N VAL D 282 -13.95 18.20 5.49
CA VAL D 282 -14.04 17.20 6.55
C VAL D 282 -15.26 16.34 6.23
N GLU D 283 -15.10 15.03 6.34
CA GLU D 283 -16.16 14.07 5.99
C GLU D 283 -16.08 12.87 6.93
N ALA D 284 -17.24 12.42 7.42
CA ALA D 284 -17.33 11.20 8.24
C ALA D 284 -18.67 10.51 7.97
N THR D 285 -18.67 9.19 8.07
CA THR D 285 -19.85 8.37 7.80
C THR D 285 -19.79 7.10 8.64
N ARG D 286 -20.96 6.47 8.79
CA ARG D 286 -21.11 5.18 9.46
C ARG D 286 -21.57 4.14 8.43
N ASN D 287 -21.64 4.58 7.16
CA ASN D 287 -22.23 3.81 6.09
C ASN D 287 -21.21 3.70 4.94
N ALA D 288 -19.99 3.30 5.31
CA ALA D 288 -18.88 3.13 4.39
C ALA D 288 -18.29 1.72 4.57
N HIS D 289 -18.98 0.73 4.03
CA HIS D 289 -18.48 -0.64 4.00
C HIS D 289 -16.97 -0.60 3.67
N GLY D 290 -16.16 -1.32 4.45
CA GLY D 290 -14.74 -1.58 4.17
C GLY D 290 -13.84 -0.64 4.96
N ARG D 291 -14.44 0.41 5.52
CA ARG D 291 -13.77 1.28 6.44
C ARG D 291 -14.23 0.92 7.86
N ASN D 292 -13.26 0.72 8.76
CA ASN D 292 -13.54 0.21 10.08
C ASN D 292 -13.31 1.35 11.08
N ASN D 293 -12.15 2.00 10.96
CA ASN D 293 -11.73 3.05 11.87
C ASN D 293 -10.76 3.96 11.11
N TYR D 294 -11.26 4.48 9.99
CA TYR D 294 -10.49 5.14 8.94
C TYR D 294 -10.44 6.64 9.19
N ILE D 295 -9.67 7.05 10.20
CA ILE D 295 -9.45 8.46 10.46
C ILE D 295 -8.16 8.83 9.74
N THR D 296 -8.27 9.83 8.87
CA THR D 296 -7.31 10.16 7.83
C THR D 296 -7.23 11.67 7.70
N PHE D 297 -6.07 12.18 7.27
CA PHE D 297 -5.99 13.52 6.72
C PHE D 297 -4.94 13.57 5.62
N GLU D 298 -5.09 14.57 4.74
CA GLU D 298 -4.13 14.96 3.75
C GLU D 298 -3.98 16.49 3.82
N ILE D 299 -2.75 16.93 4.10
CA ILE D 299 -2.40 18.32 4.27
C ILE D 299 -1.40 18.70 3.17
N HIS D 300 -1.80 19.62 2.29
CA HIS D 300 -0.92 20.22 1.29
C HIS D 300 -0.29 21.53 1.84
N GLY D 301 1.04 21.50 1.99
CA GLY D 301 1.85 22.66 2.37
C GLY D 301 2.44 23.36 1.17
N THR D 302 3.16 24.45 1.44
CA THR D 302 3.74 25.27 0.38
C THR D 302 4.90 24.45 -0.21
N GLU D 303 5.62 23.72 0.67
CA GLU D 303 6.84 23.00 0.33
C GLU D 303 6.76 21.51 0.71
N GLY D 304 5.55 20.94 0.70
CA GLY D 304 5.38 19.51 0.99
C GLY D 304 3.92 19.08 1.17
N SER D 305 3.73 17.80 1.48
CA SER D 305 2.44 17.23 1.87
C SER D 305 2.58 16.20 3.00
N ILE D 306 1.51 16.02 3.78
CA ILE D 306 1.48 15.00 4.81
C ILE D 306 0.18 14.22 4.71
N VAL D 307 0.27 12.89 4.80
CA VAL D 307 -0.89 11.97 4.77
C VAL D 307 -0.87 11.04 5.98
N PHE D 308 -2.05 10.78 6.52
CA PHE D 308 -2.22 9.95 7.70
C PHE D 308 -3.41 9.01 7.47
N ASN D 309 -3.22 7.75 7.85
CA ASN D 309 -4.27 6.74 7.85
C ASN D 309 -4.18 6.02 9.20
N TYR D 310 -5.18 6.26 10.06
CA TYR D 310 -5.16 5.67 11.38
C TYR D 310 -5.33 4.14 11.30
N GLU D 311 -5.98 3.61 10.25
CA GLU D 311 -5.96 2.15 10.06
C GLU D 311 -4.50 1.62 10.03
N ARG D 312 -3.50 2.51 9.81
CA ARG D 312 -2.06 2.17 9.93
C ARG D 312 -1.30 3.25 10.70
N ARG D 313 -1.72 3.41 11.96
CA ARG D 313 -1.31 4.49 12.84
C ARG D 313 0.21 4.67 12.89
N ASP D 314 0.95 3.57 12.78
CA ASP D 314 2.40 3.56 13.00
C ASP D 314 3.13 4.44 11.97
N GLU D 315 2.47 4.67 10.81
CA GLU D 315 3.05 5.36 9.64
C GLU D 315 2.59 6.83 9.55
N LEU D 316 3.56 7.71 9.33
CA LEU D 316 3.29 9.01 8.73
C LEU D 316 3.94 9.07 7.34
N GLN D 317 3.16 9.57 6.38
CA GLN D 317 3.58 9.78 5.01
C GLN D 317 3.87 11.27 4.78
N VAL D 318 5.12 11.62 4.53
CA VAL D 318 5.55 13.01 4.29
C VAL D 318 6.34 13.08 2.96
N ALA D 319 5.94 14.00 2.08
CA ALA D 319 6.63 14.28 0.83
C ALA D 319 7.22 15.70 0.88
N PHE D 320 8.55 15.78 1.04
CA PHE D 320 9.26 17.06 1.06
C PHE D 320 9.62 17.53 -0.36
N ALA D 321 9.18 18.74 -0.70
CA ALA D 321 9.46 19.38 -1.99
C ALA D 321 10.96 19.59 -2.22
N SER D 322 11.77 19.58 -1.15
CA SER D 322 13.21 19.85 -1.24
C SER D 322 14.04 18.60 -1.56
N ASP D 323 13.38 17.44 -1.71
CA ASP D 323 14.01 16.22 -2.20
C ASP D 323 14.60 16.53 -3.58
N GLN D 324 15.78 15.97 -3.90
CA GLN D 324 16.26 15.92 -5.28
C GLN D 324 15.13 15.42 -6.18
N ALA D 325 15.10 15.91 -7.42
CA ALA D 325 14.03 15.70 -8.39
C ALA D 325 13.97 14.25 -8.91
N ASP D 326 15.04 13.44 -8.72
CA ASP D 326 15.03 12.05 -9.23
C ASP D 326 14.73 11.03 -8.11
N ARG D 327 14.21 11.51 -6.98
CA ARG D 327 14.04 10.72 -5.76
C ARG D 327 13.11 11.45 -4.80
N ARG D 328 12.03 12.01 -5.36
CA ARG D 328 11.15 12.90 -4.66
C ARG D 328 9.83 12.18 -4.48
N GLY D 329 9.27 12.22 -3.27
CA GLY D 329 7.94 11.63 -3.03
C GLY D 329 7.63 11.37 -1.57
N PHE D 330 6.51 10.66 -1.35
CA PHE D 330 6.04 10.35 -0.02
C PHE D 330 6.98 9.33 0.63
N ARG D 331 7.51 9.72 1.80
CA ARG D 331 8.26 8.86 2.70
C ARG D 331 7.29 8.31 3.74
N THR D 332 7.33 6.99 3.94
CA THR D 332 6.60 6.35 4.97
C THR D 332 7.50 6.19 6.19
N VAL D 333 7.22 7.00 7.22
CA VAL D 333 8.00 7.05 8.45
C VAL D 333 7.24 6.28 9.55
N TYR D 334 7.89 5.26 10.11
CA TYR D 334 7.37 4.52 11.23
C TYR D 334 7.83 5.20 12.53
N THR D 335 6.88 5.45 13.43
CA THR D 335 7.10 6.16 14.71
C THR D 335 7.82 5.21 15.68
N GLY D 336 8.71 5.82 16.46
CA GLY D 336 9.62 5.15 17.39
C GLY D 336 10.31 6.17 18.30
N PRO D 337 11.48 5.82 18.89
CA PRO D 337 12.22 6.75 19.76
C PRO D 337 12.55 8.13 19.17
N ALA D 338 12.98 8.17 17.90
CA ALA D 338 13.38 9.41 17.20
C ALA D 338 12.23 10.43 17.16
N HIS D 339 10.99 9.97 17.30
CA HIS D 339 9.82 10.76 17.05
C HIS D 339 9.21 11.18 18.38
N PRO D 340 8.18 12.06 18.39
CA PRO D 340 7.57 12.55 19.63
C PRO D 340 6.96 11.41 20.47
N TYR D 341 7.02 11.58 21.80
CA TYR D 341 6.49 10.66 22.77
C TYR D 341 7.30 9.35 22.79
N GLY D 342 8.36 9.28 21.97
CA GLY D 342 9.13 8.06 21.78
C GLY D 342 9.98 7.71 23.00
N GLU D 343 10.26 8.71 23.84
CA GLU D 343 11.03 8.53 25.09
C GLU D 343 10.39 7.45 25.97
N GLY D 344 9.06 7.34 25.93
CA GLY D 344 8.33 6.38 26.75
C GLY D 344 7.32 5.56 25.96
N LEU D 345 7.80 4.86 24.92
CA LEU D 345 7.05 3.82 24.21
C LEU D 345 8.02 2.68 23.91
N TRP D 346 7.84 2.01 22.76
CA TRP D 346 8.59 0.82 22.43
C TRP D 346 9.95 1.19 21.88
N PRO D 347 10.99 0.37 22.11
CA PRO D 347 12.37 0.80 21.85
C PRO D 347 12.74 0.80 20.36
N ILE D 348 11.81 0.31 19.53
CA ILE D 348 12.00 0.08 18.11
C ILE D 348 10.79 0.65 17.40
N PRO D 349 10.93 1.28 16.21
CA PRO D 349 9.77 1.72 15.43
C PRO D 349 9.04 0.49 14.87
N ALA D 350 7.71 0.57 14.76
CA ALA D 350 6.85 -0.50 14.17
C ALA D 350 6.67 -1.73 15.10
N LEU D 351 7.23 -1.70 16.33
CA LEU D 351 6.92 -2.74 17.33
C LEU D 351 5.42 -2.72 17.62
N GLY D 352 4.82 -1.53 17.50
CA GLY D 352 3.41 -1.44 17.24
C GLY D 352 2.67 -0.57 18.24
N ILE D 353 1.94 0.40 17.71
CA ILE D 353 1.10 1.29 18.47
C ILE D 353 -0.36 0.88 18.26
N GLY D 354 -1.06 0.70 19.39
CA GLY D 354 -2.47 0.47 19.41
C GLY D 354 -3.19 1.61 20.10
N TYR D 355 -4.52 1.60 19.98
CA TYR D 355 -5.45 2.51 20.67
C TYR D 355 -5.00 2.81 22.10
N GLY D 356 -4.60 1.78 22.84
CA GLY D 356 -4.16 1.95 24.24
C GLY D 356 -3.08 3.01 24.41
N GLU D 357 -2.06 2.97 23.54
CA GLU D 357 -0.86 3.82 23.68
C GLU D 357 -1.28 5.27 23.52
N THR D 358 -2.27 5.46 22.62
CA THR D 358 -2.93 6.71 22.36
C THR D 358 -3.35 7.33 23.69
N LYS D 359 -3.97 6.52 24.56
CA LYS D 359 -4.60 7.01 25.80
C LYS D 359 -3.58 7.03 26.94
N ILE D 360 -2.50 6.25 26.82
CA ILE D 360 -1.38 6.32 27.77
C ILE D 360 -0.62 7.65 27.62
N ILE D 361 -0.65 8.22 26.41
CA ILE D 361 -0.07 9.54 26.10
C ILE D 361 -1.03 10.61 26.63
N GLU D 362 -2.33 10.41 26.39
CA GLU D 362 -3.38 11.33 26.80
C GLU D 362 -3.29 11.51 28.32
N ALA D 363 -3.01 10.40 29.02
CA ALA D 363 -2.97 10.35 30.47
C ALA D 363 -1.71 11.04 31.00
N HIS D 364 -0.54 10.73 30.42
CA HIS D 364 0.75 11.27 30.89
C HIS D 364 0.86 12.78 30.67
N ASP D 365 0.13 13.30 29.67
CA ASP D 365 0.08 14.74 29.41
C ASP D 365 -0.75 15.40 30.52
N PHE D 366 -1.92 14.83 30.80
CA PHE D 366 -2.83 15.32 31.84
C PHE D 366 -2.14 15.34 33.20
N PHE D 367 -1.61 14.18 33.61
CA PHE D 367 -0.96 14.01 34.90
C PHE D 367 0.38 14.76 34.92
N LYS D 368 0.93 15.07 33.74
CA LYS D 368 2.07 15.99 33.65
C LYS D 368 1.57 17.40 33.93
N ALA D 369 0.34 17.71 33.48
CA ALA D 369 -0.24 19.05 33.59
C ALA D 369 -0.71 19.36 35.03
N ILE D 370 -1.01 18.32 35.81
CA ILE D 370 -1.42 18.49 37.21
C ILE D 370 -0.18 18.70 38.11
N ALA D 371 0.89 17.96 37.83
CA ALA D 371 2.05 17.89 38.70
C ALA D 371 3.03 19.05 38.45
N GLU D 372 2.76 19.86 37.43
CA GLU D 372 3.52 21.10 37.12
C GLU D 372 2.57 22.30 37.08
N GLY D 373 1.28 22.04 36.84
CA GLY D 373 0.17 22.95 37.19
C GLY D 373 -0.36 23.75 36.02
N GLY D 374 0.26 23.63 34.85
CA GLY D 374 -0.12 24.37 33.64
C GLY D 374 -1.45 23.88 33.04
N SER D 375 -1.71 24.31 31.79
CA SER D 375 -2.91 23.92 31.04
C SER D 375 -2.59 22.68 30.19
N VAL D 376 -3.62 22.14 29.51
CA VAL D 376 -3.44 21.00 28.62
C VAL D 376 -4.41 21.15 27.44
N SER D 377 -3.85 21.05 26.23
CA SER D 377 -4.63 21.00 25.02
C SER D 377 -4.86 19.54 24.65
N PRO D 378 -6.07 19.24 24.15
CA PRO D 378 -7.16 20.20 24.02
C PRO D 378 -7.97 20.40 25.32
N SER D 379 -7.97 21.64 25.84
CA SER D 379 -8.73 22.08 27.05
C SER D 379 -10.23 22.13 26.76
N PHE D 380 -11.02 22.34 27.81
CA PHE D 380 -12.46 22.62 27.69
C PHE D 380 -12.70 23.75 26.68
N ALA D 381 -11.77 24.72 26.69
CA ALA D 381 -11.73 25.79 25.69
C ALA D 381 -11.83 25.17 24.29
N ASP D 382 -10.83 24.32 23.99
CA ASP D 382 -10.73 23.58 22.74
C ASP D 382 -12.03 22.78 22.53
N GLY D 383 -12.53 22.18 23.63
CA GLY D 383 -13.76 21.37 23.62
C GLY D 383 -14.99 22.17 23.23
N TYR D 384 -15.10 23.40 23.75
CA TYR D 384 -16.25 24.29 23.48
C TYR D 384 -16.18 24.74 22.01
N GLN D 385 -15.01 25.23 21.57
CA GLN D 385 -14.82 25.66 20.17
C GLN D 385 -15.37 24.60 19.21
N VAL D 386 -15.01 23.34 19.47
CA VAL D 386 -15.44 22.23 18.64
C VAL D 386 -16.96 22.19 18.63
N ALA D 387 -17.58 22.34 19.81
CA ALA D 387 -19.04 22.33 19.96
C ALA D 387 -19.68 23.48 19.18
N LEU D 388 -19.06 24.66 19.25
CA LEU D 388 -19.50 25.80 18.43
C LEU D 388 -19.41 25.44 16.95
N ILE D 389 -18.19 25.03 16.52
CA ILE D 389 -17.95 24.54 15.17
C ILE D 389 -19.08 23.57 14.77
N ASP D 390 -19.40 22.64 15.68
CA ASP D 390 -20.39 21.59 15.41
C ASP D 390 -21.79 22.19 15.14
N ASP D 391 -22.12 23.27 15.85
CA ASP D 391 -23.41 23.95 15.68
C ASP D 391 -23.42 24.70 14.33
N ALA D 392 -22.37 25.49 14.08
CA ALA D 392 -22.22 26.13 12.78
C ALA D 392 -22.61 25.14 11.67
N ILE D 393 -21.96 23.96 11.70
CA ILE D 393 -22.18 22.86 10.72
C ILE D 393 -23.68 22.50 10.70
N VAL D 394 -24.30 22.39 11.88
CA VAL D 394 -25.74 22.10 12.04
C VAL D 394 -26.57 23.13 11.24
N GLU D 395 -26.34 24.43 11.50
CA GLU D 395 -27.00 25.52 10.76
C GLU D 395 -26.61 25.46 9.27
N SER D 396 -25.30 25.37 9.03
CA SER D 396 -24.74 25.39 7.68
C SER D 396 -25.56 24.47 6.78
N ALA D 397 -25.79 23.26 7.28
CA ALA D 397 -26.60 22.27 6.61
C ALA D 397 -28.06 22.73 6.59
N ALA D 398 -28.48 23.37 7.69
CA ALA D 398 -29.88 23.76 7.96
C ALA D 398 -30.48 24.51 6.78
N LYS D 399 -29.82 25.59 6.33
CA LYS D 399 -30.36 26.50 5.30
C LYS D 399 -29.77 26.20 3.91
N GLU D 400 -28.51 25.71 3.87
CA GLU D 400 -27.70 25.48 2.63
C GLU D 400 -26.96 26.76 2.24
N SER D 401 -26.23 27.34 3.20
CA SER D 401 -25.33 28.46 2.92
C SER D 401 -24.23 28.48 3.99
N TRP D 402 -23.17 29.24 3.70
CA TRP D 402 -22.03 29.31 4.57
C TRP D 402 -22.45 29.97 5.89
N VAL D 403 -21.62 29.77 6.92
CA VAL D 403 -21.93 30.19 8.28
C VAL D 403 -20.61 30.45 9.00
N ASP D 404 -20.40 31.68 9.48
CA ASP D 404 -19.22 31.98 10.30
C ASP D 404 -19.19 31.05 11.51
N VAL D 405 -18.00 30.96 12.13
CA VAL D 405 -17.79 30.17 13.35
C VAL D 405 -17.57 31.13 14.50
N PRO D 406 -18.56 31.28 15.42
CA PRO D 406 -18.35 32.08 16.62
C PRO D 406 -17.02 31.65 17.26
N GLN D 407 -16.00 32.51 17.10
CA GLN D 407 -14.64 32.13 17.45
C GLN D 407 -14.35 32.60 18.88
N ILE D 408 -15.13 32.07 19.85
CA ILE D 408 -14.96 32.25 21.30
C ILE D 408 -14.75 33.73 21.63
#